data_7NDV
#
_entry.id   7NDV
#
_cell.length_a   76.680
_cell.length_b   121.270
_cell.length_c   239.300
_cell.angle_alpha   90.00
_cell.angle_beta   90.00
_cell.angle_gamma   90.00
#
_symmetry.space_group_name_H-M   'P 21 21 21'
#
loop_
_entity.id
_entity.type
_entity.pdbx_description
1 polymer 'Acetylcholine-binding protein'
2 non-polymer 4-[4-(trifluoromethyl)phenoxy]piperidine
3 non-polymer 2-acetamido-2-deoxy-beta-D-glucopyranose
4 non-polymer 'SULFATE ION'
5 water water
#
_entity_poly.entity_id   1
_entity_poly.type   'polypeptide(L)'
_entity_poly.pdbx_seq_one_letter_code
;MRRNIFCLACLWIVQACLSLDRADILYNIRQTSRPDVIPTQRDRPVAVSVSLKFINILEVNEITNEVDVVFWQQTTWSDR
TLAWNSSHSPDQVSVPISSLWVPDLAAYNAISKPEVLTPQLARVVSDGEVLYMPSIRQRFSCDVSGVDTESGATCRIKIG
SWTHHSREISVDPTTENSDDSEYFSQYSRFEILDVTQKKNSVTYSCCPEAYEDVEVSLNFRKKGRSEILGSHHHHHH
;
_entity_poly.pdbx_strand_id   A,B,C,D,E,F,G,H,I,J
#
loop_
_chem_comp.id
_chem_comp.type
_chem_comp.name
_chem_comp.formula
NAG D-saccharide, beta linking 2-acetamido-2-deoxy-beta-D-glucopyranose 'C8 H15 N O6'
SO4 non-polymer 'SULFATE ION' 'O4 S -2'
U8Q non-polymer 4-[4-(trifluoromethyl)phenoxy]piperidine 'C12 H14 F3 N O'
#
# COMPACT_ATOMS: atom_id res chain seq x y z
N LEU A 20 22.65 16.07 -9.47
CA LEU A 20 21.25 15.60 -9.49
C LEU A 20 20.64 15.94 -10.83
N ASP A 21 19.72 15.10 -11.32
CA ASP A 21 18.91 15.46 -12.50
C ASP A 21 17.49 15.80 -12.04
N ARG A 22 16.66 16.24 -12.97
CA ARG A 22 15.25 16.64 -12.72
C ARG A 22 14.52 15.48 -12.06
N ALA A 23 14.68 14.25 -12.56
CA ALA A 23 13.95 13.08 -12.05
C ALA A 23 14.26 12.90 -10.54
N ASP A 24 15.52 13.03 -10.15
CA ASP A 24 15.94 12.85 -8.73
C ASP A 24 15.34 13.97 -7.86
N ILE A 25 15.41 15.20 -8.32
CA ILE A 25 14.89 16.37 -7.56
C ILE A 25 13.38 16.20 -7.36
N LEU A 26 12.65 15.86 -8.42
CA LEU A 26 11.18 15.74 -8.34
C LEU A 26 10.80 14.54 -7.45
N TYR A 27 11.58 13.46 -7.49
CA TYR A 27 11.40 12.29 -6.59
C TYR A 27 11.57 12.75 -5.13
N ASN A 28 12.65 13.46 -4.84
CA ASN A 28 12.95 13.93 -3.46
C ASN A 28 11.80 14.83 -2.97
N ILE A 29 11.34 15.76 -3.80
CA ILE A 29 10.23 16.66 -3.42
C ILE A 29 8.95 15.85 -3.18
N ARG A 30 8.59 14.96 -4.11
CA ARG A 30 7.35 14.16 -3.99
C ARG A 30 7.42 13.33 -2.68
N GLN A 31 8.58 12.79 -2.32
CA GLN A 31 8.72 11.90 -1.14
C GLN A 31 8.70 12.66 0.20
N THR A 32 9.18 13.90 0.26
CA THR A 32 9.47 14.59 1.53
C THR A 32 8.79 15.96 1.67
N SER A 33 8.02 16.50 0.73
CA SER A 33 7.72 17.97 0.77
C SER A 33 6.76 18.42 1.89
N ARG A 34 5.93 17.51 2.43
CA ARG A 34 4.94 17.77 3.51
CA ARG A 34 4.94 17.78 3.51
C ARG A 34 4.02 18.94 3.11
N PRO A 35 3.09 18.74 2.15
CA PRO A 35 2.22 19.81 1.66
C PRO A 35 1.28 20.40 2.72
N ASP A 36 1.04 19.67 3.82
CA ASP A 36 0.16 20.17 4.90
C ASP A 36 0.95 21.00 5.91
N VAL A 37 2.27 21.11 5.76
CA VAL A 37 3.15 21.70 6.81
C VAL A 37 3.67 23.05 6.34
N ILE A 38 3.21 24.12 6.98
CA ILE A 38 3.71 25.50 6.72
C ILE A 38 5.21 25.53 7.00
N PRO A 39 6.07 26.00 6.06
CA PRO A 39 7.52 25.94 6.24
C PRO A 39 8.10 27.12 7.03
N THR A 40 7.61 27.33 8.26
CA THR A 40 8.15 28.35 9.19
C THR A 40 9.61 27.99 9.49
N GLN A 41 10.46 29.01 9.62
CA GLN A 41 11.87 28.85 10.07
C GLN A 41 11.97 29.48 11.45
N ARG A 42 12.36 28.69 12.46
CA ARG A 42 12.66 29.19 13.83
C ARG A 42 11.55 30.13 14.28
N ASP A 43 10.29 29.68 14.16
CA ASP A 43 9.05 30.37 14.62
C ASP A 43 8.96 31.82 14.12
N ARG A 44 9.55 32.14 12.96
CA ARG A 44 9.25 33.40 12.21
C ARG A 44 8.10 33.09 11.25
N PRO A 45 7.30 34.09 10.82
CA PRO A 45 6.26 33.84 9.84
C PRO A 45 6.87 33.51 8.47
N VAL A 46 6.13 32.77 7.65
CA VAL A 46 6.48 32.60 6.21
C VAL A 46 6.15 33.90 5.49
N ALA A 47 7.14 34.49 4.83
CA ALA A 47 6.96 35.74 4.06
C ALA A 47 6.43 35.37 2.67
N VAL A 48 5.17 35.70 2.42
CA VAL A 48 4.51 35.45 1.12
C VAL A 48 4.42 36.79 0.40
N SER A 49 4.91 36.86 -0.83
CA SER A 49 4.68 38.03 -1.72
C SER A 49 3.56 37.73 -2.70
N VAL A 50 2.64 38.66 -2.87
CA VAL A 50 1.43 38.50 -3.72
C VAL A 50 1.26 39.78 -4.53
N SER A 51 1.14 39.65 -5.85
CA SER A 51 0.89 40.78 -6.80
C SER A 51 -0.05 40.31 -7.91
N LEU A 52 -1.13 41.06 -8.17
CA LEU A 52 -2.06 40.74 -9.26
C LEU A 52 -1.63 41.49 -10.54
N LYS A 53 -1.51 40.77 -11.64
CA LYS A 53 -1.39 41.33 -13.00
C LYS A 53 -2.72 41.17 -13.71
N PHE A 54 -3.41 42.26 -13.98
CA PHE A 54 -4.77 42.19 -14.60
C PHE A 54 -4.62 41.87 -16.09
N ILE A 55 -5.41 40.90 -16.53
CA ILE A 55 -5.41 40.40 -17.94
C ILE A 55 -6.69 40.83 -18.63
N ASN A 56 -7.81 40.79 -17.93
CA ASN A 56 -9.10 41.15 -18.55
C ASN A 56 -10.11 41.59 -17.49
N ILE A 57 -11.04 42.43 -17.91
CA ILE A 57 -12.27 42.80 -17.15
C ILE A 57 -13.41 42.42 -18.09
N LEU A 58 -14.23 41.44 -17.70
CA LEU A 58 -15.12 40.71 -18.63
C LEU A 58 -16.54 41.24 -18.50
N GLU A 59 -16.98 41.45 -17.27
CA GLU A 59 -18.36 41.88 -16.98
C GLU A 59 -18.30 42.83 -15.78
N VAL A 60 -19.04 43.92 -15.86
CA VAL A 60 -19.12 44.93 -14.79
C VAL A 60 -20.59 45.23 -14.62
N ASN A 61 -21.09 45.32 -13.40
CA ASN A 61 -22.50 45.67 -13.13
C ASN A 61 -22.52 46.80 -12.09
N GLU A 62 -22.86 48.02 -12.53
CA GLU A 62 -22.82 49.24 -11.67
C GLU A 62 -24.00 49.21 -10.70
N ILE A 63 -25.10 48.53 -11.05
CA ILE A 63 -26.28 48.35 -10.15
C ILE A 63 -25.89 47.45 -8.97
N THR A 64 -25.29 46.28 -9.23
CA THR A 64 -25.00 45.24 -8.19
C THR A 64 -23.61 45.45 -7.58
N ASN A 65 -22.76 46.30 -8.15
CA ASN A 65 -21.37 46.50 -7.69
C ASN A 65 -20.63 45.15 -7.74
N GLU A 66 -20.66 44.50 -8.90
CA GLU A 66 -19.95 43.22 -9.16
C GLU A 66 -19.08 43.37 -10.41
N VAL A 67 -17.91 42.75 -10.38
CA VAL A 67 -16.98 42.71 -11.56
C VAL A 67 -16.50 41.27 -11.72
N ASP A 68 -16.31 40.85 -12.97
CA ASP A 68 -15.73 39.54 -13.32
C ASP A 68 -14.39 39.87 -13.97
N VAL A 69 -13.28 39.43 -13.39
CA VAL A 69 -11.90 39.82 -13.81
C VAL A 69 -11.07 38.56 -14.02
N VAL A 70 -10.09 38.64 -14.90
CA VAL A 70 -9.03 37.63 -15.11
C VAL A 70 -7.73 38.29 -14.69
N PHE A 71 -6.96 37.64 -13.82
CA PHE A 71 -5.66 38.16 -13.35
C PHE A 71 -4.69 37.00 -13.15
N TRP A 72 -3.40 37.32 -13.26
CA TRP A 72 -2.30 36.43 -12.85
C TRP A 72 -1.98 36.75 -11.39
N GLN A 73 -2.06 35.75 -10.53
CA GLN A 73 -1.78 35.94 -9.09
C GLN A 73 -0.34 35.54 -8.84
N GLN A 74 0.60 36.46 -8.99
CA GLN A 74 2.03 36.18 -8.79
C GLN A 74 2.29 35.98 -7.29
N THR A 75 2.73 34.78 -6.91
CA THR A 75 2.82 34.35 -5.49
C THR A 75 4.20 33.74 -5.27
N THR A 76 4.98 34.26 -4.34
CA THR A 76 6.33 33.72 -4.05
CA THR A 76 6.33 33.71 -4.06
C THR A 76 6.53 33.57 -2.54
N TRP A 77 7.29 32.57 -2.17
CA TRP A 77 7.67 32.29 -0.76
C TRP A 77 8.84 31.32 -0.79
N SER A 78 9.47 31.12 0.35
CA SER A 78 10.59 30.18 0.51
CA SER A 78 10.60 30.18 0.51
C SER A 78 10.13 28.95 1.29
N ASP A 79 10.55 27.78 0.85
CA ASP A 79 10.39 26.50 1.59
C ASP A 79 11.73 25.79 1.50
N ARG A 80 12.56 25.96 2.53
CA ARG A 80 13.96 25.44 2.56
C ARG A 80 13.96 23.91 2.49
N THR A 81 12.85 23.23 2.82
CA THR A 81 12.78 21.74 2.74
C THR A 81 12.83 21.29 1.28
N LEU A 82 12.63 22.19 0.31
CA LEU A 82 12.65 21.84 -1.13
C LEU A 82 14.06 21.98 -1.71
N ALA A 83 14.99 22.64 -1.02
CA ALA A 83 16.27 23.14 -1.59
C ALA A 83 17.17 21.98 -1.98
N TRP A 84 18.01 22.16 -2.99
CA TRP A 84 19.05 21.17 -3.40
C TRP A 84 20.33 21.91 -3.80
N ASN A 85 21.43 21.19 -3.83
CA ASN A 85 22.74 21.68 -4.34
C ASN A 85 22.65 21.81 -5.87
N SER A 86 22.75 23.03 -6.41
CA SER A 86 22.57 23.31 -7.87
C SER A 86 23.85 23.05 -8.66
N SER A 87 24.98 22.67 -8.02
CA SER A 87 26.22 22.32 -8.74
C SER A 87 25.97 21.08 -9.61
N HIS A 88 26.18 21.20 -10.92
CA HIS A 88 25.93 20.14 -11.94
C HIS A 88 24.47 19.65 -11.86
N SER A 89 23.54 20.55 -11.54
CA SER A 89 22.09 20.25 -11.39
C SER A 89 21.26 21.37 -12.00
N PRO A 90 19.99 21.12 -12.39
CA PRO A 90 19.10 22.20 -12.81
C PRO A 90 19.01 23.27 -11.71
N ASP A 91 18.83 24.53 -12.09
CA ASP A 91 18.66 25.64 -11.13
C ASP A 91 17.19 25.72 -10.69
N GLN A 92 16.27 25.16 -11.50
CA GLN A 92 14.80 25.25 -11.21
C GLN A 92 14.10 24.01 -11.78
N VAL A 93 12.97 23.63 -11.19
CA VAL A 93 12.08 22.55 -11.73
C VAL A 93 10.64 23.02 -11.63
N SER A 94 9.78 22.43 -12.46
CA SER A 94 8.32 22.64 -12.40
C SER A 94 7.72 21.51 -11.56
N VAL A 95 6.90 21.86 -10.58
CA VAL A 95 6.37 20.88 -9.60
C VAL A 95 4.87 21.09 -9.51
N PRO A 96 4.05 20.02 -9.55
CA PRO A 96 2.63 20.16 -9.27
C PRO A 96 2.39 20.69 -7.86
N ILE A 97 1.48 21.65 -7.70
CA ILE A 97 1.24 22.26 -6.37
C ILE A 97 0.65 21.23 -5.40
N SER A 98 0.06 20.12 -5.87
CA SER A 98 -0.38 19.03 -4.96
C SER A 98 0.82 18.42 -4.21
N SER A 99 2.05 18.59 -4.69
CA SER A 99 3.28 18.07 -4.04
C SER A 99 3.94 19.14 -3.16
N LEU A 100 3.37 20.33 -2.99
CA LEU A 100 4.01 21.45 -2.26
C LEU A 100 3.05 22.00 -1.22
N TRP A 101 3.57 22.55 -0.15
CA TRP A 101 2.77 23.47 0.68
C TRP A 101 2.55 24.74 -0.13
N VAL A 102 1.33 25.22 -0.17
CA VAL A 102 1.00 26.52 -0.82
C VAL A 102 0.25 27.34 0.20
N PRO A 103 0.44 28.67 0.24
CA PRO A 103 -0.32 29.51 1.16
C PRO A 103 -1.81 29.41 0.84
N ASP A 104 -2.61 29.38 1.89
CA ASP A 104 -4.09 29.29 1.84
C ASP A 104 -4.68 30.68 1.60
N LEU A 105 -4.29 31.34 0.51
CA LEU A 105 -4.75 32.70 0.18
C LEU A 105 -6.21 32.65 -0.28
N ALA A 106 -6.97 33.66 0.12
CA ALA A 106 -8.37 33.83 -0.35
C ALA A 106 -8.59 35.32 -0.58
N ALA A 107 -9.43 35.63 -1.55
CA ALA A 107 -9.93 37.00 -1.77
C ALA A 107 -11.15 37.19 -0.88
N TYR A 108 -11.02 38.07 0.11
CA TYR A 108 -12.02 38.25 1.18
C TYR A 108 -13.34 38.80 0.61
N ASN A 109 -13.33 39.46 -0.55
CA ASN A 109 -14.55 40.03 -1.18
C ASN A 109 -14.90 39.28 -2.47
N ALA A 110 -14.39 38.07 -2.67
CA ALA A 110 -14.80 37.22 -3.80
C ALA A 110 -16.23 36.75 -3.57
N ILE A 111 -17.03 36.68 -4.63
CA ILE A 111 -18.41 36.13 -4.58
C ILE A 111 -18.53 34.94 -5.54
N SER A 112 -17.42 34.45 -6.09
CA SER A 112 -17.38 33.17 -6.86
C SER A 112 -16.11 32.41 -6.48
N LYS A 113 -16.08 31.10 -6.69
CA LYS A 113 -14.83 30.31 -6.50
C LYS A 113 -13.82 30.80 -7.53
N PRO A 114 -12.51 30.80 -7.22
CA PRO A 114 -11.52 31.14 -8.22
C PRO A 114 -11.54 30.05 -9.30
N GLU A 115 -11.70 30.43 -10.57
CA GLU A 115 -11.61 29.51 -11.72
C GLU A 115 -10.17 29.56 -12.23
N VAL A 116 -9.38 28.51 -12.01
CA VAL A 116 -7.94 28.52 -12.40
C VAL A 116 -7.88 28.07 -13.85
N LEU A 117 -7.34 28.92 -14.71
CA LEU A 117 -7.35 28.70 -16.18
C LEU A 117 -6.09 27.97 -16.63
N THR A 118 -5.10 27.79 -15.74
CA THR A 118 -3.74 27.39 -16.12
C THR A 118 -3.38 26.09 -15.43
N PRO A 119 -2.38 25.35 -15.97
CA PRO A 119 -1.85 24.16 -15.29
C PRO A 119 -1.37 24.51 -13.87
N GLN A 120 -1.72 23.66 -12.90
CA GLN A 120 -1.48 23.95 -11.46
C GLN A 120 -0.08 23.45 -11.09
N LEU A 121 0.92 24.11 -11.65
CA LEU A 121 2.36 23.83 -11.48
C LEU A 121 2.99 25.11 -10.94
N ALA A 122 3.97 24.94 -10.07
CA ALA A 122 4.82 26.05 -9.58
C ALA A 122 6.23 25.79 -10.07
N ARG A 123 7.05 26.82 -10.01
CA ARG A 123 8.49 26.74 -10.29
C ARG A 123 9.18 26.72 -8.94
N VAL A 124 10.08 25.76 -8.72
CA VAL A 124 10.87 25.68 -7.47
C VAL A 124 12.32 25.93 -7.87
N VAL A 125 12.94 26.90 -7.21
CA VAL A 125 14.37 27.25 -7.39
C VAL A 125 15.19 26.42 -6.41
N SER A 126 16.44 26.09 -6.76
CA SER A 126 17.34 25.22 -5.96
C SER A 126 17.52 25.75 -4.53
N ASP A 127 17.30 27.04 -4.28
CA ASP A 127 17.42 27.61 -2.90
C ASP A 127 16.11 27.45 -2.12
N GLY A 128 15.06 26.86 -2.70
CA GLY A 128 13.78 26.64 -2.02
C GLY A 128 12.77 27.76 -2.27
N GLU A 129 13.08 28.75 -3.11
CA GLU A 129 12.08 29.75 -3.51
C GLU A 129 11.05 29.06 -4.40
N VAL A 130 9.77 29.37 -4.15
CA VAL A 130 8.64 28.85 -4.96
C VAL A 130 8.01 30.04 -5.66
N LEU A 131 7.78 29.89 -6.97
CA LEU A 131 7.04 30.91 -7.76
C LEU A 131 5.80 30.21 -8.31
N TYR A 132 4.64 30.66 -7.89
CA TYR A 132 3.35 30.08 -8.31
C TYR A 132 2.52 31.22 -8.88
N MET A 133 2.10 31.11 -10.14
CA MET A 133 1.34 32.23 -10.74
C MET A 133 0.18 31.69 -11.56
N PRO A 134 -0.93 31.33 -10.91
CA PRO A 134 -2.10 30.88 -11.63
C PRO A 134 -2.77 32.07 -12.33
N SER A 135 -3.37 31.78 -13.48
CA SER A 135 -4.33 32.71 -14.12
C SER A 135 -5.70 32.36 -13.57
N ILE A 136 -6.35 33.35 -12.96
CA ILE A 136 -7.64 33.15 -12.26
C ILE A 136 -8.71 34.05 -12.88
N ARG A 137 -9.88 33.49 -13.14
CA ARG A 137 -11.12 34.25 -13.38
C ARG A 137 -11.98 34.19 -12.12
N GLN A 138 -12.39 35.35 -11.61
CA GLN A 138 -13.14 35.40 -10.35
C GLN A 138 -14.04 36.65 -10.34
N ARG A 139 -15.16 36.55 -9.64
CA ARG A 139 -16.16 37.65 -9.49
C ARG A 139 -15.99 38.25 -8.09
N PHE A 140 -16.10 39.58 -7.99
CA PHE A 140 -15.87 40.34 -6.76
C PHE A 140 -17.02 41.32 -6.52
N SER A 141 -17.27 41.56 -5.24
CA SER A 141 -18.11 42.67 -4.72
C SER A 141 -17.17 43.83 -4.44
N CYS A 142 -17.30 44.92 -5.21
CA CYS A 142 -16.45 46.10 -5.03
C CYS A 142 -17.10 47.33 -5.65
N ASP A 143 -16.50 48.50 -5.46
CA ASP A 143 -17.12 49.79 -5.86
C ASP A 143 -16.99 49.97 -7.38
N VAL A 144 -18.08 49.82 -8.11
CA VAL A 144 -18.14 49.95 -9.58
C VAL A 144 -18.65 51.35 -9.96
N SER A 145 -18.99 52.19 -8.97
CA SER A 145 -19.52 53.56 -9.23
C SER A 145 -18.46 54.36 -10.00
N GLY A 146 -18.88 55.04 -11.07
CA GLY A 146 -17.99 55.91 -11.87
C GLY A 146 -17.33 55.18 -13.03
N VAL A 147 -17.68 53.92 -13.29
CA VAL A 147 -17.03 53.11 -14.36
C VAL A 147 -17.19 53.81 -15.73
N ASP A 148 -18.33 54.48 -15.97
CA ASP A 148 -18.65 55.12 -17.27
C ASP A 148 -18.22 56.59 -17.28
N THR A 149 -17.34 57.02 -16.37
CA THR A 149 -16.85 58.42 -16.27
C THR A 149 -15.35 58.45 -16.60
N GLU A 150 -14.81 59.65 -16.76
CA GLU A 150 -13.37 59.83 -17.12
C GLU A 150 -12.48 59.37 -15.98
N SER A 151 -12.88 59.60 -14.72
CA SER A 151 -12.08 59.23 -13.52
C SER A 151 -12.18 57.72 -13.24
N GLY A 152 -13.23 57.07 -13.75
CA GLY A 152 -13.43 55.61 -13.70
C GLY A 152 -13.88 55.14 -12.32
N ALA A 153 -14.00 53.82 -12.17
CA ALA A 153 -14.32 53.15 -10.88
C ALA A 153 -13.00 52.72 -10.23
N THR A 154 -12.99 52.59 -8.91
CA THR A 154 -11.87 52.00 -8.14
C THR A 154 -12.42 50.80 -7.35
N CYS A 155 -12.10 49.59 -7.82
CA CYS A 155 -12.53 48.29 -7.26
C CYS A 155 -11.36 47.75 -6.42
N ARG A 156 -11.57 47.55 -5.11
CA ARG A 156 -10.54 47.09 -4.16
C ARG A 156 -10.73 45.57 -3.94
N ILE A 157 -9.66 44.81 -4.15
CA ILE A 157 -9.63 43.34 -3.91
C ILE A 157 -8.65 43.09 -2.77
N LYS A 158 -9.11 42.39 -1.72
CA LYS A 158 -8.28 42.09 -0.52
C LYS A 158 -7.93 40.59 -0.52
N ILE A 159 -6.65 40.28 -0.50
CA ILE A 159 -6.17 38.87 -0.53
C ILE A 159 -5.27 38.63 0.69
N GLY A 160 -5.61 37.61 1.48
CA GLY A 160 -4.74 37.16 2.57
C GLY A 160 -5.00 35.72 2.94
N SER A 161 -4.27 35.21 3.91
CA SER A 161 -4.42 33.83 4.40
C SER A 161 -5.80 33.66 5.01
N TRP A 162 -6.46 32.55 4.73
CA TRP A 162 -7.75 32.21 5.36
C TRP A 162 -7.56 31.76 6.83
N THR A 163 -6.48 31.05 7.17
CA THR A 163 -6.37 30.41 8.52
C THR A 163 -5.08 30.78 9.24
N HIS A 164 -4.09 31.39 8.60
CA HIS A 164 -2.78 31.68 9.23
C HIS A 164 -2.68 33.17 9.54
N HIS A 165 -2.62 33.53 10.81
CA HIS A 165 -2.50 34.94 11.26
C HIS A 165 -1.06 35.42 11.07
N SER A 166 -0.79 36.69 11.43
CA SER A 166 0.46 37.43 11.13
C SER A 166 1.70 36.77 11.75
N ARG A 167 1.58 35.96 12.80
CA ARG A 167 2.78 35.27 13.37
C ARG A 167 3.15 34.04 12.52
N GLU A 168 2.30 33.63 11.58
CA GLU A 168 2.50 32.41 10.77
C GLU A 168 2.73 32.76 9.29
N ILE A 169 1.94 33.67 8.74
CA ILE A 169 2.10 34.17 7.35
C ILE A 169 2.12 35.70 7.37
N SER A 170 3.13 36.29 6.74
CA SER A 170 3.13 37.73 6.40
C SER A 170 2.87 37.84 4.90
N VAL A 171 2.11 38.86 4.51
CA VAL A 171 1.78 39.14 3.08
C VAL A 171 2.36 40.51 2.76
N ASP A 172 3.12 40.57 1.67
CA ASP A 172 3.71 41.81 1.11
C ASP A 172 3.39 41.88 -0.38
N PRO A 173 3.11 43.08 -0.92
CA PRO A 173 3.08 43.24 -2.36
C PRO A 173 4.51 43.02 -2.89
N THR A 174 4.71 42.71 -4.17
CA THR A 174 6.07 42.80 -4.80
C THR A 174 6.02 44.00 -5.70
N SER A 178 6.24 46.48 -13.52
CA SER A 178 5.99 46.81 -14.95
C SER A 178 4.71 47.64 -15.09
N ASP A 179 4.42 48.09 -16.31
CA ASP A 179 3.18 48.83 -16.69
C ASP A 179 1.95 48.05 -16.21
N ASP A 180 0.99 48.74 -15.56
CA ASP A 180 -0.27 48.14 -15.04
C ASP A 180 -1.05 47.45 -16.17
N SER A 181 -0.92 47.90 -17.42
CA SER A 181 -1.65 47.37 -18.59
C SER A 181 -0.76 46.45 -19.42
N GLU A 182 0.40 46.06 -18.90
CA GLU A 182 1.44 45.37 -19.73
C GLU A 182 0.85 44.07 -20.30
N TYR A 183 0.05 43.33 -19.52
CA TYR A 183 -0.52 42.04 -19.97
C TYR A 183 -2.04 42.16 -20.19
N PHE A 184 -2.58 43.36 -20.03
CA PHE A 184 -4.05 43.58 -20.11
C PHE A 184 -4.51 43.49 -21.57
N SER A 185 -5.60 42.78 -21.80
CA SER A 185 -6.16 42.54 -23.16
C SER A 185 -6.58 43.87 -23.80
N GLN A 186 -6.09 44.11 -25.01
CA GLN A 186 -6.50 45.27 -25.84
C GLN A 186 -7.97 45.11 -26.27
N TYR A 187 -8.57 43.93 -26.13
CA TYR A 187 -9.93 43.63 -26.64
C TYR A 187 -11.00 43.76 -25.56
N SER A 188 -10.61 43.99 -24.31
CA SER A 188 -11.57 44.31 -23.23
C SER A 188 -12.41 45.53 -23.62
N ARG A 189 -13.66 45.58 -23.16
CA ARG A 189 -14.52 46.80 -23.25
C ARG A 189 -13.98 47.87 -22.31
N PHE A 190 -13.08 47.50 -21.39
CA PHE A 190 -12.59 48.41 -20.32
C PHE A 190 -11.10 48.66 -20.52
N GLU A 191 -10.60 49.68 -19.83
CA GLU A 191 -9.16 50.01 -19.81
C GLU A 191 -8.77 50.31 -18.36
N ILE A 192 -7.51 50.05 -18.04
CA ILE A 192 -6.94 50.28 -16.69
C ILE A 192 -6.34 51.68 -16.68
N LEU A 193 -6.72 52.47 -15.69
CA LEU A 193 -6.14 53.82 -15.44
C LEU A 193 -5.01 53.71 -14.42
N ASP A 194 -5.15 52.82 -13.43
CA ASP A 194 -4.13 52.68 -12.36
C ASP A 194 -4.37 51.39 -11.56
N VAL A 195 -3.28 50.79 -11.08
CA VAL A 195 -3.31 49.69 -10.09
C VAL A 195 -2.36 50.07 -8.98
N THR A 196 -2.85 50.11 -7.74
CA THR A 196 -2.00 50.26 -6.54
C THR A 196 -2.23 49.04 -5.64
N GLN A 197 -1.17 48.60 -4.96
CA GLN A 197 -1.19 47.39 -4.11
C GLN A 197 -0.54 47.76 -2.79
N LYS A 198 -1.31 47.76 -1.69
CA LYS A 198 -0.80 48.17 -0.34
C LYS A 198 -1.02 47.06 0.69
N LYS A 199 -0.11 46.97 1.66
CA LYS A 199 -0.21 46.05 2.81
C LYS A 199 -1.31 46.54 3.76
N ASN A 200 -2.15 45.62 4.25
CA ASN A 200 -3.10 45.93 5.34
C ASN A 200 -3.15 44.74 6.31
N SER A 201 -4.00 44.86 7.31
CA SER A 201 -4.26 43.88 8.37
C SER A 201 -5.79 43.80 8.55
N VAL A 202 -6.33 42.60 8.74
CA VAL A 202 -7.75 42.37 9.15
C VAL A 202 -7.78 41.58 10.45
N THR A 203 -8.82 41.76 11.26
CA THR A 203 -9.09 40.97 12.50
C THR A 203 -10.46 40.30 12.37
N TYR A 204 -10.59 39.05 12.80
CA TYR A 204 -11.89 38.34 12.87
C TYR A 204 -12.28 38.23 14.35
N SER A 205 -13.60 38.22 14.63
CA SER A 205 -14.22 38.23 15.98
C SER A 205 -13.73 37.06 16.84
N CYS A 206 -13.46 35.88 16.26
CA CYS A 206 -13.17 34.62 16.99
C CYS A 206 -11.91 34.76 17.84
N CYS A 207 -10.95 35.55 17.35
CA CYS A 207 -9.51 35.38 17.60
C CYS A 207 -8.84 36.75 17.76
N PRO A 208 -7.86 36.86 18.68
CA PRO A 208 -7.19 38.15 18.92
C PRO A 208 -6.20 38.57 17.82
N GLU A 209 -5.74 37.62 17.02
CA GLU A 209 -4.61 37.76 16.08
C GLU A 209 -5.13 38.48 14.82
N ALA A 210 -4.25 39.27 14.22
CA ALA A 210 -4.47 39.96 12.93
C ALA A 210 -4.00 39.04 11.78
N TYR A 211 -4.62 39.18 10.62
CA TYR A 211 -4.25 38.49 9.35
C TYR A 211 -3.77 39.55 8.37
N GLU A 212 -2.59 39.38 7.80
CA GLU A 212 -2.04 40.37 6.85
C GLU A 212 -2.67 40.14 5.49
N ASP A 213 -2.85 41.22 4.74
CA ASP A 213 -3.48 41.11 3.40
C ASP A 213 -2.80 42.13 2.51
N VAL A 214 -2.97 41.92 1.21
CA VAL A 214 -2.67 42.96 0.20
CA VAL A 214 -2.67 42.96 0.20
C VAL A 214 -4.02 43.48 -0.29
N GLU A 215 -4.14 44.79 -0.36
CA GLU A 215 -5.34 45.44 -0.91
C GLU A 215 -4.94 45.99 -2.28
N VAL A 216 -5.57 45.47 -3.31
CA VAL A 216 -5.27 45.81 -4.73
C VAL A 216 -6.39 46.73 -5.20
N SER A 217 -6.06 47.98 -5.55
CA SER A 217 -7.04 48.98 -6.04
C SER A 217 -6.93 49.05 -7.56
N LEU A 218 -7.96 48.58 -8.25
CA LEU A 218 -8.05 48.56 -9.73
C LEU A 218 -8.90 49.76 -10.14
N ASN A 219 -8.26 50.80 -10.68
CA ASN A 219 -8.94 52.01 -11.21
C ASN A 219 -9.11 51.76 -12.71
N PHE A 220 -10.35 51.63 -13.17
CA PHE A 220 -10.65 51.23 -14.57
C PHE A 220 -11.89 51.98 -15.05
N ARG A 221 -12.06 52.03 -16.37
CA ARG A 221 -13.27 52.67 -16.94
C ARG A 221 -13.65 51.98 -18.26
N LYS A 222 -14.90 52.16 -18.64
CA LYS A 222 -15.43 51.75 -19.96
C LYS A 222 -14.75 52.59 -21.05
N LYS A 223 -14.27 51.95 -22.11
CA LYS A 223 -13.66 52.66 -23.25
C LYS A 223 -14.66 53.55 -23.97
N GLY A 224 -15.88 53.09 -24.30
CA GLY A 224 -16.82 53.77 -25.23
C GLY A 224 -17.64 54.84 -24.53
N LEU B 20 6.73 19.29 20.69
CA LEU B 20 6.25 18.90 19.35
C LEU B 20 6.33 20.11 18.43
N ASP B 21 6.61 19.90 17.16
CA ASP B 21 6.49 20.99 16.15
C ASP B 21 5.26 20.71 15.28
N ARG B 22 4.95 21.64 14.39
CA ARG B 22 3.78 21.57 13.49
C ARG B 22 3.85 20.27 12.69
N ALA B 23 5.02 19.92 12.16
CA ALA B 23 5.19 18.73 11.30
C ALA B 23 4.76 17.48 12.08
N ASP B 24 5.16 17.36 13.34
CA ASP B 24 4.83 16.17 14.18
C ASP B 24 3.32 16.11 14.44
N ILE B 25 2.73 17.24 14.80
CA ILE B 25 1.27 17.32 15.11
C ILE B 25 0.46 16.92 13.87
N LEU B 26 0.82 17.49 12.71
CA LEU B 26 0.06 17.25 11.47
C LEU B 26 0.24 15.79 11.03
N TYR B 27 1.43 15.23 11.24
CA TYR B 27 1.71 13.79 10.98
C TYR B 27 0.81 12.93 11.87
N ASN B 28 0.78 13.21 13.16
CA ASN B 28 -0.03 12.44 14.15
C ASN B 28 -1.51 12.46 13.74
N ILE B 29 -2.02 13.66 13.39
CA ILE B 29 -3.43 13.81 12.98
C ILE B 29 -3.67 13.01 11.69
N ARG B 30 -2.83 13.19 10.67
CA ARG B 30 -3.02 12.50 9.36
C ARG B 30 -3.00 10.97 9.60
N GLN B 31 -2.14 10.47 10.48
CA GLN B 31 -1.95 9.00 10.66
C GLN B 31 -3.07 8.37 11.48
N THR B 32 -3.74 9.10 12.37
CA THR B 32 -4.73 8.52 13.32
C THR B 32 -6.13 9.14 13.14
N SER B 33 -6.22 9.89 12.04
CA SER B 33 -7.44 10.53 11.51
C SER B 33 -8.39 9.40 11.18
N ARG B 34 -9.47 9.40 11.93
CA ARG B 34 -10.71 8.64 11.67
C ARG B 34 -11.79 9.64 11.25
N PRO B 35 -11.75 10.19 10.01
CA PRO B 35 -12.73 11.19 9.56
C PRO B 35 -14.17 10.66 9.51
N ASP B 36 -14.36 9.36 9.48
CA ASP B 36 -15.69 8.73 9.43
C ASP B 36 -16.23 8.53 10.86
N VAL B 37 -15.46 8.83 11.90
CA VAL B 37 -15.84 8.45 13.29
C VAL B 37 -16.22 9.69 14.10
N ILE B 38 -17.49 9.84 14.42
CA ILE B 38 -18.00 10.95 15.28
C ILE B 38 -17.30 10.86 16.63
N PRO B 39 -16.68 11.95 17.13
CA PRO B 39 -15.92 11.89 18.39
C PRO B 39 -16.80 12.07 19.64
N THR B 40 -17.81 11.23 19.82
CA THR B 40 -18.66 11.21 21.04
C THR B 40 -17.78 10.84 22.24
N GLN B 41 -18.03 11.45 23.39
CA GLN B 41 -17.38 11.13 24.69
C GLN B 41 -18.43 10.46 25.57
N ARG B 42 -18.19 9.20 25.98
CA ARG B 42 -19.06 8.44 26.92
C ARG B 42 -20.52 8.60 26.51
N ASP B 43 -20.82 8.38 25.23
CA ASP B 43 -22.17 8.40 24.60
C ASP B 43 -22.96 9.68 24.95
N ARG B 44 -22.29 10.81 25.16
CA ARG B 44 -22.91 12.16 25.15
C ARG B 44 -22.80 12.72 23.75
N PRO B 45 -23.69 13.64 23.33
CA PRO B 45 -23.65 14.16 21.97
C PRO B 45 -22.41 15.05 21.77
N VAL B 46 -21.94 15.14 20.52
CA VAL B 46 -20.94 16.16 20.14
C VAL B 46 -21.66 17.51 20.06
N ALA B 47 -21.19 18.48 20.81
CA ALA B 47 -21.76 19.85 20.84
C ALA B 47 -21.18 20.65 19.68
N VAL B 48 -21.98 20.92 18.67
CA VAL B 48 -21.56 21.70 17.48
C VAL B 48 -22.17 23.09 17.61
N SER B 49 -21.34 24.13 17.55
CA SER B 49 -21.80 25.54 17.50
C SER B 49 -21.74 26.03 16.06
N VAL B 50 -22.80 26.70 15.62
CA VAL B 50 -22.96 27.21 14.24
C VAL B 50 -23.43 28.64 14.32
N SER B 51 -22.75 29.55 13.64
CA SER B 51 -23.14 30.96 13.46
C SER B 51 -22.88 31.37 12.01
N LEU B 52 -23.87 31.93 11.32
CA LEU B 52 -23.64 32.46 9.94
C LEU B 52 -23.31 33.95 10.05
N LYS B 53 -22.23 34.37 9.42
CA LYS B 53 -21.86 35.80 9.24
C LYS B 53 -22.14 36.13 7.78
N PHE B 54 -23.15 36.94 7.52
CA PHE B 54 -23.59 37.25 6.13
C PHE B 54 -22.59 38.23 5.55
N ILE B 55 -22.15 37.96 4.33
CA ILE B 55 -21.14 38.79 3.62
C ILE B 55 -21.83 39.51 2.47
N ASN B 56 -22.75 38.84 1.77
CA ASN B 56 -23.40 39.46 0.62
C ASN B 56 -24.73 38.77 0.35
N ILE B 57 -25.65 39.54 -0.24
CA ILE B 57 -26.91 39.02 -0.82
C ILE B 57 -26.87 39.40 -2.29
N LEU B 58 -26.84 38.40 -3.17
CA LEU B 58 -26.37 38.60 -4.57
C LEU B 58 -27.58 38.69 -5.50
N GLU B 59 -28.56 37.83 -5.28
CA GLU B 59 -29.77 37.75 -6.12
C GLU B 59 -30.94 37.44 -5.19
N VAL B 60 -32.03 38.14 -5.41
CA VAL B 60 -33.29 37.93 -4.69
C VAL B 60 -34.37 37.85 -5.76
N ASN B 61 -35.28 36.89 -5.66
CA ASN B 61 -36.38 36.72 -6.65
C ASN B 61 -37.69 36.66 -5.87
N GLU B 62 -38.49 37.74 -5.96
CA GLU B 62 -39.74 37.89 -5.18
C GLU B 62 -40.83 36.99 -5.78
N ILE B 63 -40.73 36.68 -7.09
CA ILE B 63 -41.69 35.76 -7.76
C ILE B 63 -41.47 34.33 -7.22
N THR B 64 -40.22 33.85 -7.19
CA THR B 64 -39.90 32.43 -6.86
C THR B 64 -39.63 32.26 -5.36
N ASN B 65 -39.47 33.34 -4.59
CA ASN B 65 -39.04 33.28 -3.16
C ASN B 65 -37.71 32.51 -3.07
N GLU B 66 -36.72 32.96 -3.82
CA GLU B 66 -35.33 32.39 -3.81
C GLU B 66 -34.34 33.51 -3.53
N VAL B 67 -33.29 33.21 -2.77
CA VAL B 67 -32.19 34.17 -2.49
CA VAL B 67 -32.19 34.17 -2.47
C VAL B 67 -30.87 33.44 -2.69
N ASP B 68 -29.88 34.14 -3.21
CA ASP B 68 -28.49 33.66 -3.40
C ASP B 68 -27.65 34.49 -2.45
N VAL B 69 -27.01 33.87 -1.46
CA VAL B 69 -26.29 34.58 -0.36
C VAL B 69 -24.86 34.04 -0.27
N VAL B 70 -23.95 34.90 0.18
CA VAL B 70 -22.57 34.50 0.56
C VAL B 70 -22.46 34.72 2.07
N PHE B 71 -22.03 33.70 2.80
CA PHE B 71 -21.90 33.79 4.27
C PHE B 71 -20.69 32.97 4.72
N TRP B 72 -20.12 33.38 5.84
CA TRP B 72 -19.08 32.59 6.57
C TRP B 72 -19.82 31.70 7.56
N GLN B 73 -19.65 30.39 7.44
CA GLN B 73 -20.37 29.43 8.31
C GLN B 73 -19.42 29.05 9.45
N GLN B 74 -19.45 29.80 10.54
CA GLN B 74 -18.56 29.57 11.68
C GLN B 74 -19.03 28.31 12.42
N THR B 75 -18.19 27.28 12.44
CA THR B 75 -18.54 25.92 12.94
C THR B 75 -17.47 25.52 13.94
N THR B 76 -17.85 25.20 15.18
CA THR B 76 -16.87 24.73 16.21
C THR B 76 -17.40 23.50 16.92
N TRP B 77 -16.47 22.64 17.32
CA TRP B 77 -16.76 21.39 18.07
C TRP B 77 -15.44 20.92 18.66
N SER B 78 -15.52 19.94 19.54
CA SER B 78 -14.36 19.32 20.21
C SER B 78 -14.15 17.91 19.65
N ASP B 79 -12.90 17.56 19.38
CA ASP B 79 -12.49 16.17 19.05
C ASP B 79 -11.21 15.91 19.86
N ARG B 80 -11.37 15.28 21.01
CA ARG B 80 -10.29 15.05 22.00
C ARG B 80 -9.21 14.15 21.39
N THR B 81 -9.51 13.37 20.35
CA THR B 81 -8.51 12.51 19.68
C THR B 81 -7.45 13.37 18.97
N LEU B 82 -7.69 14.66 18.76
CA LEU B 82 -6.74 15.55 18.06
C LEU B 82 -5.76 16.20 19.04
N ALA B 83 -6.05 16.16 20.35
CA ALA B 83 -5.39 17.03 21.37
C ALA B 83 -3.92 16.66 21.50
N TRP B 84 -3.08 17.63 21.86
CA TRP B 84 -1.64 17.44 22.18
C TRP B 84 -1.24 18.33 23.36
N ASN B 85 -0.12 18.01 23.98
CA ASN B 85 0.49 18.85 25.05
C ASN B 85 1.08 20.12 24.41
N SER B 86 0.56 21.31 24.73
CA SER B 86 0.98 22.59 24.09
C SER B 86 2.26 23.17 24.74
N SER B 87 2.82 22.54 25.78
CA SER B 87 4.10 23.02 26.39
C SER B 87 5.23 22.89 25.35
N HIS B 88 5.89 24.00 25.02
CA HIS B 88 6.97 24.07 24.00
C HIS B 88 6.46 23.56 22.63
N SER B 89 5.19 23.78 22.33
CA SER B 89 4.51 23.32 21.09
C SER B 89 3.59 24.42 20.59
N PRO B 90 3.22 24.43 19.29
CA PRO B 90 2.20 25.34 18.80
C PRO B 90 0.90 25.19 19.60
N ASP B 91 0.15 26.27 19.78
CA ASP B 91 -1.16 26.23 20.47
C ASP B 91 -2.25 25.79 19.49
N GLN B 92 -2.01 25.99 18.18
CA GLN B 92 -3.00 25.73 17.11
C GLN B 92 -2.27 25.35 15.82
N VAL B 93 -2.91 24.55 14.98
CA VAL B 93 -2.42 24.23 13.60
C VAL B 93 -3.59 24.31 12.62
N SER B 94 -3.26 24.52 11.36
CA SER B 94 -4.22 24.47 10.24
C SER B 94 -4.19 23.06 9.65
N VAL B 95 -5.35 22.45 9.49
CA VAL B 95 -5.49 21.03 9.08
C VAL B 95 -6.49 20.96 7.94
N PRO B 96 -6.20 20.22 6.86
CA PRO B 96 -7.21 20.00 5.82
C PRO B 96 -8.41 19.24 6.40
N ILE B 97 -9.63 19.65 6.07
CA ILE B 97 -10.84 19.00 6.65
C ILE B 97 -10.95 17.55 6.16
N SER B 98 -10.30 17.16 5.06
CA SER B 98 -10.29 15.74 4.62
C SER B 98 -9.58 14.87 5.67
N SER B 99 -8.77 15.44 6.57
CA SER B 99 -8.06 14.69 7.63
C SER B 99 -8.85 14.70 8.95
N LEU B 100 -10.05 15.30 9.01
CA LEU B 100 -10.81 15.44 10.29
C LEU B 100 -12.21 14.87 10.08
N TRP B 101 -12.81 14.37 11.16
CA TRP B 101 -14.29 14.26 11.21
C TRP B 101 -14.86 15.69 11.20
N VAL B 102 -15.85 15.92 10.37
CA VAL B 102 -16.60 17.21 10.36
C VAL B 102 -18.08 16.86 10.49
N PRO B 103 -18.87 17.69 11.21
CA PRO B 103 -20.30 17.44 11.29
C PRO B 103 -20.94 17.50 9.91
N ASP B 104 -21.89 16.60 9.67
CA ASP B 104 -22.65 16.45 8.40
C ASP B 104 -23.82 17.44 8.40
N LEU B 105 -23.50 18.74 8.51
CA LEU B 105 -24.52 19.82 8.51
C LEU B 105 -25.06 19.99 7.10
N ALA B 106 -26.37 20.27 7.04
CA ALA B 106 -27.06 20.64 5.80
C ALA B 106 -28.01 21.78 6.13
N ALA B 107 -28.21 22.66 5.16
CA ALA B 107 -29.30 23.66 5.20
C ALA B 107 -30.55 22.98 4.62
N TYR B 108 -31.54 22.78 5.48
CA TYR B 108 -32.76 22.00 5.15
C TYR B 108 -33.57 22.70 4.05
N ASN B 109 -33.42 24.03 3.84
CA ASN B 109 -34.17 24.76 2.79
C ASN B 109 -33.22 25.25 1.68
N ALA B 110 -32.03 24.66 1.56
CA ALA B 110 -31.11 24.98 0.44
C ALA B 110 -31.69 24.34 -0.82
N ILE B 111 -31.56 25.03 -1.95
CA ILE B 111 -31.96 24.49 -3.28
C ILE B 111 -30.75 24.45 -4.21
N SER B 112 -29.54 24.68 -3.69
CA SER B 112 -28.27 24.44 -4.42
C SER B 112 -27.28 23.80 -3.46
N LYS B 113 -26.27 23.09 -3.99
CA LYS B 113 -25.17 22.58 -3.13
C LYS B 113 -24.43 23.77 -2.57
N PRO B 114 -23.86 23.68 -1.36
CA PRO B 114 -23.03 24.77 -0.85
C PRO B 114 -21.78 24.87 -1.74
N GLU B 115 -21.50 26.06 -2.28
CA GLU B 115 -20.29 26.32 -3.10
C GLU B 115 -19.25 26.92 -2.14
N VAL B 116 -18.20 26.16 -1.84
CA VAL B 116 -17.18 26.63 -0.86
C VAL B 116 -16.16 27.47 -1.62
N LEU B 117 -16.02 28.74 -1.23
CA LEU B 117 -15.21 29.73 -1.97
C LEU B 117 -13.77 29.75 -1.44
N THR B 118 -13.49 29.08 -0.32
CA THR B 118 -12.25 29.30 0.47
C THR B 118 -11.46 28.00 0.58
N PRO B 119 -10.17 28.07 0.91
CA PRO B 119 -9.38 26.86 1.20
C PRO B 119 -10.03 26.01 2.30
N GLN B 120 -10.10 24.70 2.11
CA GLN B 120 -10.86 23.78 2.97
C GLN B 120 -9.96 23.31 4.12
N LEU B 121 -9.57 24.25 4.96
CA LEU B 121 -8.69 24.06 6.13
C LEU B 121 -9.47 24.49 7.37
N ALA B 122 -9.28 23.76 8.45
CA ALA B 122 -9.81 24.09 9.79
C ALA B 122 -8.63 24.40 10.70
N ARG B 123 -8.92 25.12 11.78
CA ARG B 123 -7.94 25.41 12.84
C ARG B 123 -8.20 24.43 13.96
N VAL B 124 -7.15 23.73 14.41
CA VAL B 124 -7.27 22.77 15.53
C VAL B 124 -6.43 23.35 16.67
N VAL B 125 -7.06 23.48 17.84
CA VAL B 125 -6.43 23.95 19.09
C VAL B 125 -5.89 22.73 19.83
N SER B 126 -4.80 22.89 20.58
CA SER B 126 -4.10 21.80 21.31
C SER B 126 -5.05 21.05 22.25
N ASP B 127 -6.17 21.63 22.68
CA ASP B 127 -7.14 20.93 23.56
C ASP B 127 -8.15 20.12 22.73
N GLY B 128 -8.06 20.13 21.39
CA GLY B 128 -8.97 19.35 20.53
C GLY B 128 -10.14 20.17 20.01
N GLU B 129 -10.23 21.45 20.32
CA GLU B 129 -11.27 22.30 19.71
C GLU B 129 -10.94 22.49 18.23
N VAL B 130 -11.95 22.38 17.38
CA VAL B 130 -11.84 22.61 15.92
C VAL B 130 -12.67 23.84 15.57
N LEU B 131 -12.09 24.76 14.81
CA LEU B 131 -12.81 25.91 14.22
C LEU B 131 -12.74 25.77 12.70
N TYR B 132 -13.89 25.58 12.07
CA TYR B 132 -13.98 25.50 10.60
C TYR B 132 -14.93 26.61 10.14
N MET B 133 -14.47 27.50 9.28
CA MET B 133 -15.33 28.61 8.83
C MET B 133 -15.18 28.82 7.33
N PRO B 134 -15.85 27.99 6.51
CA PRO B 134 -15.82 28.19 5.09
C PRO B 134 -16.66 29.43 4.72
N SER B 135 -16.25 30.09 3.65
CA SER B 135 -17.11 31.05 2.92
C SER B 135 -17.94 30.24 1.92
N ILE B 136 -19.26 30.36 2.02
CA ILE B 136 -20.21 29.56 1.21
C ILE B 136 -21.09 30.51 0.40
N ARG B 137 -21.27 30.17 -0.88
CA ARG B 137 -22.36 30.74 -1.71
C ARG B 137 -23.41 29.66 -1.89
N GLN B 138 -24.65 29.97 -1.56
CA GLN B 138 -25.73 28.98 -1.59
C GLN B 138 -27.07 29.68 -1.85
N ARG B 139 -27.96 28.97 -2.53
CA ARG B 139 -29.31 29.46 -2.86
C ARG B 139 -30.33 28.79 -1.94
N PHE B 140 -31.32 29.55 -1.49
CA PHE B 140 -32.34 29.10 -0.50
C PHE B 140 -33.74 29.44 -0.98
N SER B 141 -34.67 28.58 -0.59
CA SER B 141 -36.13 28.82 -0.63
C SER B 141 -36.54 29.45 0.71
N CYS B 142 -36.95 30.71 0.68
CA CYS B 142 -37.37 31.41 1.91
C CYS B 142 -38.22 32.64 1.54
N ASP B 143 -38.77 33.29 2.54
CA ASP B 143 -39.76 34.38 2.36
C ASP B 143 -39.04 35.66 1.94
N VAL B 144 -39.19 36.05 0.69
CA VAL B 144 -38.58 37.29 0.13
C VAL B 144 -39.63 38.43 0.14
N SER B 145 -40.86 38.14 0.55
CA SER B 145 -41.94 39.18 0.59
C SER B 145 -41.52 40.34 1.51
N GLY B 146 -41.68 41.57 1.04
CA GLY B 146 -41.40 42.79 1.82
C GLY B 146 -39.98 43.29 1.61
N VAL B 147 -39.21 42.69 0.71
CA VAL B 147 -37.78 43.09 0.51
C VAL B 147 -37.69 44.57 0.10
N ASP B 148 -38.67 45.08 -0.64
CA ASP B 148 -38.66 46.48 -1.16
C ASP B 148 -39.38 47.44 -0.20
N THR B 149 -39.63 47.05 1.05
CA THR B 149 -40.33 47.86 2.07
C THR B 149 -39.36 48.24 3.19
N GLU B 150 -39.78 49.16 4.06
CA GLU B 150 -38.94 49.68 5.17
C GLU B 150 -38.66 48.53 6.16
N SER B 151 -39.64 47.65 6.42
CA SER B 151 -39.52 46.57 7.43
C SER B 151 -38.72 45.39 6.83
N GLY B 152 -38.64 45.31 5.50
CA GLY B 152 -37.78 44.36 4.76
C GLY B 152 -38.38 42.96 4.73
N ALA B 153 -37.63 41.99 4.16
CA ALA B 153 -37.99 40.56 4.12
C ALA B 153 -37.29 39.88 5.30
N THR B 154 -37.86 38.76 5.76
CA THR B 154 -37.21 37.86 6.75
C THR B 154 -37.09 36.47 6.11
N CYS B 155 -35.86 36.11 5.74
CA CYS B 155 -35.49 34.81 5.13
C CYS B 155 -34.92 33.92 6.24
N ARG B 156 -35.55 32.78 6.52
CA ARG B 156 -35.15 31.85 7.61
C ARG B 156 -34.36 30.69 6.96
N ILE B 157 -33.16 30.44 7.47
CA ILE B 157 -32.27 29.34 7.01
C ILE B 157 -32.12 28.37 8.19
N LYS B 158 -32.44 27.10 7.98
CA LYS B 158 -32.36 26.05 9.03
C LYS B 158 -31.19 25.11 8.73
N ILE B 159 -30.27 24.98 9.67
CA ILE B 159 -29.05 24.15 9.52
C ILE B 159 -29.02 23.13 10.66
N GLY B 160 -28.88 21.86 10.30
CA GLY B 160 -28.63 20.79 11.30
C GLY B 160 -27.98 19.58 10.66
N SER B 161 -27.69 18.58 11.48
CA SER B 161 -27.09 17.31 11.02
C SER B 161 -28.06 16.61 10.08
N TRP B 162 -27.57 16.06 8.98
CA TRP B 162 -28.40 15.24 8.07
C TRP B 162 -28.71 13.87 8.68
N THR B 163 -27.76 13.24 9.40
CA THR B 163 -27.94 11.82 9.80
C THR B 163 -27.78 11.59 11.31
N HIS B 164 -27.31 12.58 12.08
CA HIS B 164 -27.05 12.39 13.54
C HIS B 164 -28.13 13.10 14.34
N HIS B 165 -28.95 12.35 15.07
CA HIS B 165 -30.04 12.87 15.91
C HIS B 165 -29.45 13.47 17.19
N SER B 166 -30.32 14.02 18.05
CA SER B 166 -29.96 14.86 19.22
C SER B 166 -29.09 14.08 20.25
N ARG B 167 -29.12 12.75 20.28
CA ARG B 167 -28.25 12.00 21.23
C ARG B 167 -26.81 11.90 20.67
N GLU B 168 -26.59 12.29 19.41
CA GLU B 168 -25.25 12.15 18.75
C GLU B 168 -24.65 13.52 18.44
N ILE B 169 -25.46 14.46 17.93
CA ILE B 169 -25.03 15.85 17.67
C ILE B 169 -26.06 16.80 18.28
N SER B 170 -25.57 17.76 19.06
CA SER B 170 -26.37 18.93 19.48
C SER B 170 -25.88 20.13 18.68
N VAL B 171 -26.81 20.99 18.28
CA VAL B 171 -26.50 22.20 17.46
C VAL B 171 -26.96 23.40 18.28
N ASP B 172 -26.07 24.35 18.46
CA ASP B 172 -26.32 25.57 19.28
C ASP B 172 -25.77 26.75 18.51
N PRO B 173 -26.48 27.91 18.53
CA PRO B 173 -25.87 29.16 18.07
C PRO B 173 -24.71 29.50 19.01
N THR B 174 -23.77 30.36 18.59
CA THR B 174 -22.50 30.62 19.31
C THR B 174 -22.70 31.62 20.47
N ASP B 179 -21.62 42.84 15.68
CA ASP B 179 -22.61 43.51 14.77
C ASP B 179 -23.00 42.54 13.65
N ASP B 180 -24.30 42.40 13.40
CA ASP B 180 -24.90 41.54 12.34
C ASP B 180 -24.33 41.89 10.97
N SER B 181 -23.99 43.17 10.74
CA SER B 181 -23.51 43.70 9.44
C SER B 181 -22.00 43.87 9.47
N GLU B 182 -21.30 43.33 10.47
CA GLU B 182 -19.88 43.67 10.71
C GLU B 182 -19.06 43.30 9.46
N TYR B 183 -19.36 42.18 8.80
CA TYR B 183 -18.58 41.72 7.63
C TYR B 183 -19.41 41.84 6.36
N PHE B 184 -20.63 42.38 6.46
CA PHE B 184 -21.54 42.49 5.29
C PHE B 184 -21.01 43.57 4.33
N SER B 185 -21.00 43.25 3.03
CA SER B 185 -20.48 44.14 1.98
C SER B 185 -21.27 45.46 1.97
N GLN B 186 -20.56 46.57 2.01
CA GLN B 186 -21.17 47.93 1.84
C GLN B 186 -21.65 48.10 0.39
N TYR B 187 -21.23 47.23 -0.54
CA TYR B 187 -21.52 47.40 -1.99
C TYR B 187 -22.71 46.56 -2.44
N SER B 188 -23.26 45.71 -1.57
CA SER B 188 -24.48 44.94 -1.88
C SER B 188 -25.60 45.92 -2.27
N ARG B 189 -26.53 45.50 -3.13
CA ARG B 189 -27.81 46.19 -3.41
C ARG B 189 -28.71 46.17 -2.16
N PHE B 190 -28.39 45.30 -1.19
CA PHE B 190 -29.23 45.07 0.00
C PHE B 190 -28.49 45.53 1.25
N GLU B 191 -29.24 45.67 2.35
CA GLU B 191 -28.67 45.94 3.69
C GLU B 191 -29.36 45.03 4.69
N ILE B 192 -28.62 44.68 5.75
CA ILE B 192 -29.12 43.84 6.86
C ILE B 192 -29.74 44.74 7.91
N LEU B 193 -30.97 44.43 8.30
CA LEU B 193 -31.68 45.12 9.41
C LEU B 193 -31.47 44.35 10.70
N ASP B 194 -31.45 43.01 10.63
CA ASP B 194 -31.31 42.16 11.84
C ASP B 194 -30.97 40.72 11.45
N VAL B 195 -30.21 40.05 12.31
CA VAL B 195 -29.98 38.59 12.25
C VAL B 195 -30.25 38.03 13.63
N THR B 196 -31.15 37.05 13.73
CA THR B 196 -31.37 36.28 14.97
C THR B 196 -31.10 34.80 14.65
N GLN B 197 -30.51 34.10 15.61
CA GLN B 197 -30.10 32.68 15.45
C GLN B 197 -30.59 31.93 16.68
N LYS B 198 -31.59 31.04 16.52
CA LYS B 198 -32.25 30.34 17.65
C LYS B 198 -32.18 28.81 17.45
N LYS B 199 -32.07 28.11 18.57
CA LYS B 199 -32.07 26.63 18.62
C LYS B 199 -33.48 26.11 18.33
N ASN B 200 -33.60 25.08 17.49
CA ASN B 200 -34.87 24.36 17.30
C ASN B 200 -34.60 22.87 17.19
N SER B 201 -35.65 22.10 17.03
CA SER B 201 -35.66 20.62 16.94
C SER B 201 -36.63 20.24 15.82
N VAL B 202 -36.23 19.31 14.94
CA VAL B 202 -37.12 18.75 13.87
C VAL B 202 -37.22 17.24 14.06
N THR B 203 -38.32 16.62 13.64
CA THR B 203 -38.50 15.14 13.57
C THR B 203 -38.78 14.76 12.12
N TYR B 204 -38.20 13.67 11.62
CA TYR B 204 -38.56 13.10 10.30
C TYR B 204 -39.52 11.92 10.53
N SER B 205 -40.44 11.70 9.58
CA SER B 205 -41.58 10.75 9.65
C SER B 205 -41.09 9.33 9.91
N CYS B 206 -39.93 8.92 9.36
CA CYS B 206 -39.44 7.51 9.38
C CYS B 206 -39.20 7.05 10.83
N CYS B 207 -38.78 7.96 11.69
CA CYS B 207 -37.87 7.68 12.82
C CYS B 207 -38.24 8.53 14.04
N PRO B 208 -38.15 7.95 15.26
CA PRO B 208 -38.63 8.62 16.46
C PRO B 208 -37.73 9.75 16.96
N GLU B 209 -36.46 9.77 16.58
CA GLU B 209 -35.46 10.70 17.16
C GLU B 209 -35.62 12.11 16.58
N ALA B 210 -35.33 13.11 17.39
CA ALA B 210 -35.31 14.54 17.02
C ALA B 210 -33.90 14.92 16.54
N TYR B 211 -33.82 15.87 15.62
CA TYR B 211 -32.57 16.48 15.10
C TYR B 211 -32.55 17.93 15.52
N GLU B 212 -31.47 18.37 16.14
CA GLU B 212 -31.34 19.77 16.56
C GLU B 212 -30.91 20.61 15.36
N ASP B 213 -31.36 21.86 15.35
CA ASP B 213 -31.00 22.76 14.23
C ASP B 213 -30.82 24.15 14.82
N VAL B 214 -30.15 24.98 14.05
CA VAL B 214 -30.15 26.44 14.30
C VAL B 214 -31.01 27.04 13.18
N GLU B 215 -31.92 27.93 13.56
CA GLU B 215 -32.75 28.68 12.60
C GLU B 215 -32.21 30.10 12.59
N VAL B 216 -31.70 30.52 11.44
CA VAL B 216 -31.08 31.86 11.26
C VAL B 216 -32.10 32.71 10.50
N SER B 217 -32.58 33.79 11.12
CA SER B 217 -33.55 34.74 10.49
C SER B 217 -32.78 35.95 9.99
N LEU B 218 -32.70 36.10 8.66
CA LEU B 218 -32.01 37.24 8.01
C LEU B 218 -33.09 38.26 7.60
N ASN B 219 -33.15 39.37 8.33
CA ASN B 219 -34.06 40.50 8.02
C ASN B 219 -33.26 41.49 7.19
N PHE B 220 -33.64 41.67 5.93
CA PHE B 220 -32.86 42.50 4.97
C PHE B 220 -33.82 43.26 4.06
N ARG B 221 -33.30 44.29 3.40
CA ARG B 221 -34.14 45.05 2.43
C ARG B 221 -33.24 45.61 1.33
N LYS B 222 -33.88 45.93 0.20
CA LYS B 222 -33.25 46.62 -0.94
C LYS B 222 -32.92 48.05 -0.49
N LYS B 223 -31.74 48.53 -0.81
CA LYS B 223 -31.39 49.99 -0.74
C LYS B 223 -32.23 50.74 -1.79
N GLY B 224 -32.54 52.00 -1.53
CA GLY B 224 -33.08 52.95 -2.52
C GLY B 224 -34.48 52.53 -2.95
N ARG B 225 -35.45 52.67 -2.04
CA ARG B 225 -36.83 52.13 -2.24
C ARG B 225 -37.81 53.25 -2.59
N SER B 226 -37.33 54.50 -2.74
CA SER B 226 -38.18 55.66 -3.10
C SER B 226 -38.81 55.43 -4.47
N GLU B 227 -40.10 55.73 -4.62
CA GLU B 227 -40.82 55.52 -5.91
C GLU B 227 -40.42 56.66 -6.87
N ILE B 228 -39.86 56.30 -8.04
CA ILE B 228 -39.46 57.21 -9.16
C ILE B 228 -39.58 56.40 -10.47
N LEU C 20 -18.83 -3.48 21.33
CA LEU C 20 -18.19 -2.75 20.21
C LEU C 20 -18.47 -1.27 20.38
N ASP C 21 -17.56 -0.41 19.97
CA ASP C 21 -17.85 1.05 19.88
C ASP C 21 -17.98 1.42 18.40
N ARG C 22 -18.34 2.69 18.14
CA ARG C 22 -18.55 3.21 16.77
C ARG C 22 -17.28 2.98 15.94
N ALA C 23 -16.11 3.25 16.49
CA ALA C 23 -14.83 3.15 15.76
C ALA C 23 -14.65 1.71 15.24
N ASP C 24 -14.95 0.71 16.08
CA ASP C 24 -14.78 -0.72 15.69
C ASP C 24 -15.77 -1.08 14.59
N ILE C 25 -17.04 -0.68 14.75
CA ILE C 25 -18.11 -1.00 13.77
C ILE C 25 -17.75 -0.38 12.42
N LEU C 26 -17.34 0.88 12.41
CA LEU C 26 -17.03 1.59 11.13
C LEU C 26 -15.79 0.99 10.49
N TYR C 27 -14.81 0.57 11.28
CA TYR C 27 -13.61 -0.14 10.80
C TYR C 27 -14.03 -1.46 10.12
N ASN C 28 -14.86 -2.25 10.82
CA ASN C 28 -15.33 -3.56 10.32
C ASN C 28 -16.08 -3.35 8.98
N ILE C 29 -16.97 -2.37 8.91
CA ILE C 29 -17.75 -2.08 7.68
C ILE C 29 -16.78 -1.66 6.57
N ARG C 30 -15.87 -0.72 6.82
CA ARG C 30 -14.93 -0.24 5.79
C ARG C 30 -14.12 -1.45 5.26
N GLN C 31 -13.71 -2.37 6.12
CA GLN C 31 -12.81 -3.50 5.73
C GLN C 31 -13.57 -4.60 4.96
N THR C 32 -14.85 -4.84 5.21
CA THR C 32 -15.57 -6.05 4.75
C THR C 32 -16.87 -5.77 3.99
N SER C 33 -17.32 -4.54 3.76
CA SER C 33 -18.74 -4.32 3.32
C SER C 33 -19.04 -4.75 1.86
N ARG C 34 -18.02 -4.86 0.99
CA ARG C 34 -18.13 -5.24 -0.44
C ARG C 34 -19.15 -4.34 -1.16
N PRO C 35 -18.83 -3.05 -1.41
CA PRO C 35 -19.78 -2.12 -2.01
C PRO C 35 -20.24 -2.50 -3.41
N ASP C 36 -19.48 -3.35 -4.10
CA ASP C 36 -19.82 -3.78 -5.49
C ASP C 36 -20.74 -5.00 -5.46
N VAL C 37 -21.03 -5.55 -4.27
CA VAL C 37 -21.72 -6.87 -4.18
C VAL C 37 -23.15 -6.68 -3.66
N ILE C 38 -24.13 -6.91 -4.54
CA ILE C 38 -25.56 -6.86 -4.18
C ILE C 38 -25.80 -7.91 -3.08
N PRO C 39 -26.42 -7.52 -1.93
CA PRO C 39 -26.54 -8.44 -0.79
C PRO C 39 -27.77 -9.36 -0.88
N THR C 40 -27.89 -10.14 -1.95
CA THR C 40 -28.98 -11.13 -2.11
C THR C 40 -28.82 -12.20 -1.01
N GLN C 41 -29.94 -12.67 -0.47
CA GLN C 41 -30.00 -13.77 0.52
C GLN C 41 -30.65 -14.96 -0.18
N ARG C 42 -29.93 -16.09 -0.28
CA ARG C 42 -30.47 -17.38 -0.78
C ARG C 42 -31.22 -17.11 -2.10
N ASP C 43 -30.58 -16.39 -3.03
CA ASP C 43 -31.06 -16.08 -4.40
C ASP C 43 -32.49 -15.50 -4.42
N ARG C 44 -32.91 -14.80 -3.36
CA ARG C 44 -34.12 -13.93 -3.38
C ARG C 44 -33.67 -12.54 -3.79
N PRO C 45 -34.56 -11.69 -4.35
CA PRO C 45 -34.17 -10.31 -4.67
C PRO C 45 -33.94 -9.50 -3.39
N VAL C 46 -33.13 -8.47 -3.49
CA VAL C 46 -33.03 -7.44 -2.42
C VAL C 46 -34.26 -6.57 -2.50
N ALA C 47 -35.02 -6.48 -1.41
CA ALA C 47 -36.23 -5.63 -1.32
C ALA C 47 -35.79 -4.20 -1.01
N VAL C 48 -35.93 -3.31 -2.00
CA VAL C 48 -35.60 -1.88 -1.84
C VAL C 48 -36.92 -1.12 -1.70
N SER C 49 -37.08 -0.33 -0.65
CA SER C 49 -38.24 0.59 -0.49
C SER C 49 -37.81 2.00 -0.88
N VAL C 50 -38.63 2.67 -1.69
CA VAL C 50 -38.33 4.03 -2.23
C VAL C 50 -39.58 4.87 -2.06
N SER C 51 -39.45 6.04 -1.44
CA SER C 51 -40.55 7.03 -1.29
C SER C 51 -39.97 8.42 -1.50
N LEU C 52 -40.58 9.23 -2.37
CA LEU C 52 -40.17 10.63 -2.57
C LEU C 52 -40.98 11.53 -1.63
N LYS C 53 -40.29 12.40 -0.91
CA LYS C 53 -40.90 13.53 -0.15
C LYS C 53 -40.57 14.80 -0.93
N PHE C 54 -41.57 15.43 -1.54
CA PHE C 54 -41.33 16.65 -2.34
C PHE C 54 -41.09 17.83 -1.41
N ILE C 55 -40.03 18.59 -1.69
CA ILE C 55 -39.58 19.75 -0.87
C ILE C 55 -39.88 21.03 -1.65
N ASN C 56 -39.65 21.03 -2.96
CA ASN C 56 -39.87 22.26 -3.74
C ASN C 56 -40.10 21.92 -5.21
N ILE C 57 -40.83 22.80 -5.89
CA ILE C 57 -40.99 22.80 -7.37
C ILE C 57 -40.49 24.18 -7.80
N LEU C 58 -39.40 24.19 -8.57
CA LEU C 58 -38.56 25.44 -8.72
C LEU C 58 -38.87 26.09 -10.06
N GLU C 59 -38.97 25.27 -11.11
CA GLU C 59 -39.22 25.78 -12.47
C GLU C 59 -40.12 24.77 -13.17
N VAL C 60 -41.11 25.30 -13.88
CA VAL C 60 -42.09 24.50 -14.62
C VAL C 60 -42.19 25.15 -16.00
N ASN C 61 -42.19 24.37 -17.06
CA ASN C 61 -42.33 24.92 -18.44
C ASN C 61 -43.42 24.11 -19.15
N GLU C 62 -44.60 24.73 -19.35
CA GLU C 62 -45.78 24.03 -19.92
C GLU C 62 -45.57 23.81 -21.43
N ILE C 63 -44.76 24.65 -22.09
CA ILE C 63 -44.42 24.49 -23.53
C ILE C 63 -43.54 23.25 -23.71
N THR C 64 -42.47 23.10 -22.91
CA THR C 64 -41.45 22.03 -23.08
C THR C 64 -41.82 20.78 -22.27
N ASN C 65 -42.80 20.86 -21.35
CA ASN C 65 -43.18 19.74 -20.47
C ASN C 65 -41.93 19.32 -19.67
N GLU C 66 -41.30 20.28 -18.98
CA GLU C 66 -40.13 20.03 -18.09
C GLU C 66 -40.44 20.64 -16.73
N VAL C 67 -39.99 19.96 -15.67
CA VAL C 67 -40.10 20.48 -14.28
C VAL C 67 -38.76 20.26 -13.58
N ASP C 68 -38.37 21.20 -12.73
CA ASP C 68 -37.17 21.16 -11.88
C ASP C 68 -37.68 21.04 -10.45
N VAL C 69 -37.40 19.94 -9.76
CA VAL C 69 -37.99 19.62 -8.43
C VAL C 69 -36.87 19.29 -7.45
N VAL C 70 -37.11 19.56 -6.18
CA VAL C 70 -36.23 19.11 -5.06
C VAL C 70 -37.05 18.11 -4.24
N PHE C 71 -36.49 16.93 -3.97
CA PHE C 71 -37.17 15.89 -3.19
C PHE C 71 -36.16 15.15 -2.31
N TRP C 72 -36.65 14.61 -1.21
CA TRP C 72 -35.90 13.64 -0.37
C TRP C 72 -36.23 12.25 -0.87
N GLN C 73 -35.23 11.48 -1.27
CA GLN C 73 -35.44 10.14 -1.82
C GLN C 73 -35.21 9.12 -0.69
N GLN C 74 -36.25 8.81 0.07
CA GLN C 74 -36.14 7.87 1.19
C GLN C 74 -35.94 6.44 0.65
N THR C 75 -34.79 5.83 0.95
CA THR C 75 -34.38 4.55 0.35
C THR C 75 -33.96 3.61 1.48
N THR C 76 -34.56 2.43 1.58
CA THR C 76 -34.20 1.47 2.64
C THR C 76 -34.07 0.06 2.04
N TRP C 77 -33.18 -0.72 2.61
CA TRP C 77 -32.94 -2.13 2.21
C TRP C 77 -32.14 -2.78 3.33
N SER C 78 -31.99 -4.10 3.26
CA SER C 78 -31.21 -4.88 4.24
C SER C 78 -29.92 -5.37 3.59
N ASP C 79 -28.81 -5.27 4.31
CA ASP C 79 -27.51 -5.89 3.95
C ASP C 79 -26.96 -6.57 5.19
N ARG C 80 -27.23 -7.86 5.33
CA ARG C 80 -26.88 -8.69 6.51
C ARG C 80 -25.36 -8.69 6.73
N THR C 81 -24.55 -8.43 5.71
CA THR C 81 -23.06 -8.40 5.86
C THR C 81 -22.65 -7.22 6.74
N LEU C 82 -23.53 -6.24 6.99
CA LEU C 82 -23.18 -5.06 7.81
C LEU C 82 -23.49 -5.31 9.30
N ALA C 83 -24.26 -6.35 9.64
CA ALA C 83 -24.91 -6.52 10.96
C ALA C 83 -23.85 -6.73 12.06
N TRP C 84 -24.15 -6.28 13.26
CA TRP C 84 -23.31 -6.52 14.47
C TRP C 84 -24.21 -6.80 15.67
N ASN C 85 -23.63 -7.39 16.72
CA ASN C 85 -24.32 -7.61 18.01
C ASN C 85 -24.47 -6.26 18.73
N SER C 86 -25.69 -5.77 18.95
CA SER C 86 -25.96 -4.43 19.54
C SER C 86 -25.90 -4.45 21.08
N SER C 87 -25.65 -5.59 21.72
CA SER C 87 -25.48 -5.66 23.20
C SER C 87 -24.24 -4.85 23.60
N HIS C 88 -24.41 -3.83 24.44
CA HIS C 88 -23.34 -2.90 24.89
C HIS C 88 -22.66 -2.23 23.68
N SER C 89 -23.43 -1.96 22.63
CA SER C 89 -22.93 -1.36 21.36
C SER C 89 -23.95 -0.35 20.84
N PRO C 90 -23.54 0.63 20.00
CA PRO C 90 -24.50 1.50 19.34
C PRO C 90 -25.52 0.68 18.56
N ASP C 91 -26.76 1.16 18.47
CA ASP C 91 -27.81 0.46 17.70
C ASP C 91 -27.72 0.88 16.23
N GLN C 92 -27.09 2.02 15.93
CA GLN C 92 -26.97 2.56 14.55
C GLN C 92 -25.67 3.34 14.39
N VAL C 93 -25.15 3.42 13.16
CA VAL C 93 -24.00 4.30 12.83
C VAL C 93 -24.29 5.01 11.51
N SER C 94 -23.62 6.14 11.29
CA SER C 94 -23.62 6.88 10.02
C SER C 94 -22.40 6.42 9.22
N VAL C 95 -22.63 6.04 7.96
CA VAL C 95 -21.58 5.43 7.10
C VAL C 95 -21.57 6.16 5.77
N PRO C 96 -20.40 6.55 5.26
CA PRO C 96 -20.33 7.12 3.90
C PRO C 96 -20.79 6.09 2.88
N ILE C 97 -21.62 6.50 1.92
CA ILE C 97 -22.20 5.52 0.96
C ILE C 97 -21.09 4.88 0.09
N SER C 98 -19.91 5.50 -0.04
CA SER C 98 -18.77 4.89 -0.77
C SER C 98 -18.32 3.60 -0.05
N SER C 99 -18.66 3.39 1.22
CA SER C 99 -18.30 2.17 1.98
C SER C 99 -19.43 1.14 1.99
N LEU C 100 -20.53 1.34 1.25
CA LEU C 100 -21.70 0.44 1.28
C LEU C 100 -22.11 0.07 -0.12
N TRP C 101 -22.71 -1.12 -0.29
CA TRP C 101 -23.51 -1.36 -1.51
C TRP C 101 -24.73 -0.45 -1.44
N VAL C 102 -25.05 0.23 -2.54
CA VAL C 102 -26.29 1.04 -2.65
C VAL C 102 -27.00 0.60 -3.92
N PRO C 103 -28.34 0.55 -3.92
CA PRO C 103 -29.07 0.21 -5.14
C PRO C 103 -28.79 1.25 -6.24
N ASP C 104 -28.65 0.77 -7.46
CA ASP C 104 -28.35 1.58 -8.68
C ASP C 104 -29.66 2.16 -9.23
N LEU C 105 -30.37 2.94 -8.42
CA LEU C 105 -31.67 3.54 -8.82
C LEU C 105 -31.43 4.68 -9.81
N ALA C 106 -32.32 4.79 -10.78
CA ALA C 106 -32.31 5.89 -11.77
C ALA C 106 -33.74 6.29 -12.03
N ALA C 107 -33.96 7.59 -12.26
CA ALA C 107 -35.26 8.12 -12.71
C ALA C 107 -35.28 8.02 -14.23
N TYR C 108 -36.15 7.17 -14.76
CA TYR C 108 -36.16 6.77 -16.19
C TYR C 108 -36.54 7.98 -17.06
N ASN C 109 -37.21 9.01 -16.53
CA ASN C 109 -37.62 10.20 -17.33
C ASN C 109 -36.86 11.45 -16.86
N ALA C 110 -35.73 11.27 -16.16
CA ALA C 110 -34.86 12.42 -15.77
C ALA C 110 -34.18 12.96 -17.03
N ILE C 111 -34.03 14.27 -17.12
CA ILE C 111 -33.28 14.93 -18.24
C ILE C 111 -32.10 15.74 -17.67
N SER C 112 -31.80 15.59 -16.38
CA SER C 112 -30.56 16.12 -15.76
C SER C 112 -30.00 15.06 -14.81
N LYS C 113 -28.71 15.09 -14.53
CA LYS C 113 -28.12 14.20 -13.49
C LYS C 113 -28.72 14.58 -12.15
N PRO C 114 -28.91 13.63 -11.22
CA PRO C 114 -29.41 13.99 -9.89
C PRO C 114 -28.33 14.84 -9.20
N GLU C 115 -28.69 16.03 -8.72
CA GLU C 115 -27.77 16.90 -7.94
C GLU C 115 -28.05 16.61 -6.46
N VAL C 116 -27.11 15.97 -5.79
CA VAL C 116 -27.29 15.61 -4.35
C VAL C 116 -26.88 16.82 -3.50
N LEU C 117 -27.82 17.34 -2.72
CA LEU C 117 -27.64 18.61 -1.97
C LEU C 117 -27.11 18.33 -0.57
N THR C 118 -27.06 17.07 -0.14
CA THR C 118 -26.85 16.71 1.28
C THR C 118 -25.59 15.84 1.41
N PRO C 119 -25.02 15.75 2.62
CA PRO C 119 -23.91 14.85 2.90
C PRO C 119 -24.25 13.41 2.51
N GLN C 120 -23.31 12.73 1.85
CA GLN C 120 -23.56 11.39 1.25
C GLN C 120 -23.26 10.30 2.27
N LEU C 121 -24.07 10.30 3.33
CA LEU C 121 -24.00 9.34 4.45
C LEU C 121 -25.34 8.60 4.52
N ALA C 122 -25.29 7.33 4.88
CA ALA C 122 -26.46 6.48 5.16
C ALA C 122 -26.42 6.11 6.64
N ARG C 123 -27.55 5.71 7.18
CA ARG C 123 -27.66 5.20 8.55
C ARG C 123 -27.73 3.67 8.45
N VAL C 124 -26.89 2.97 9.20
CA VAL C 124 -26.89 1.49 9.22
C VAL C 124 -27.32 1.07 10.63
N VAL C 125 -28.34 0.24 10.71
CA VAL C 125 -28.85 -0.36 11.96
C VAL C 125 -28.10 -1.67 12.22
N SER C 126 -27.92 -2.04 13.49
CA SER C 126 -27.16 -3.24 13.91
C SER C 126 -27.68 -4.52 13.26
N ASP C 127 -28.93 -4.56 12.79
CA ASP C 127 -29.47 -5.76 12.12
C ASP C 127 -29.16 -5.74 10.60
N GLY C 128 -28.45 -4.70 10.10
CA GLY C 128 -28.11 -4.61 8.67
C GLY C 128 -29.10 -3.80 7.86
N GLU C 129 -30.11 -3.20 8.47
CA GLU C 129 -31.02 -2.29 7.73
C GLU C 129 -30.23 -1.02 7.39
N VAL C 130 -30.37 -0.55 6.16
CA VAL C 130 -29.72 0.70 5.70
C VAL C 130 -30.83 1.71 5.38
N LEU C 131 -30.67 2.94 5.85
CA LEU C 131 -31.55 4.07 5.49
C LEU C 131 -30.69 5.13 4.81
N TYR C 132 -30.94 5.39 3.53
CA TYR C 132 -30.24 6.44 2.77
C TYR C 132 -31.29 7.42 2.25
N MET C 133 -31.18 8.70 2.58
CA MET C 133 -32.19 9.67 2.14
C MET C 133 -31.53 10.95 1.67
N PRO C 134 -31.00 10.97 0.43
CA PRO C 134 -30.44 12.18 -0.11
C PRO C 134 -31.54 13.19 -0.46
N SER C 135 -31.21 14.47 -0.31
CA SER C 135 -31.97 15.57 -0.95
C SER C 135 -31.44 15.74 -2.37
N ILE C 136 -32.31 15.61 -3.36
CA ILE C 136 -31.95 15.65 -4.79
C ILE C 136 -32.68 16.80 -5.48
N ARG C 137 -31.95 17.56 -6.29
CA ARG C 137 -32.55 18.47 -7.29
C ARG C 137 -32.36 17.83 -8.66
N GLN C 138 -33.44 17.69 -9.42
CA GLN C 138 -33.42 16.98 -10.69
C GLN C 138 -34.52 17.53 -11.60
N ARG C 139 -34.26 17.50 -12.91
CA ARG C 139 -35.20 17.98 -13.97
C ARG C 139 -35.79 16.75 -14.64
N PHE C 140 -37.08 16.80 -14.97
CA PHE C 140 -37.84 15.67 -15.55
C PHE C 140 -38.64 16.13 -16.77
N SER C 141 -38.83 15.19 -17.68
CA SER C 141 -39.78 15.24 -18.79
C SER C 141 -41.07 14.59 -18.32
N CYS C 142 -42.13 15.38 -18.19
CA CYS C 142 -43.43 14.86 -17.71
C CYS C 142 -44.56 15.83 -18.09
N ASP C 143 -45.80 15.43 -17.83
CA ASP C 143 -47.00 16.19 -18.28
C ASP C 143 -47.20 17.41 -17.37
N VAL C 144 -46.91 18.59 -17.89
CA VAL C 144 -47.07 19.88 -17.16
C VAL C 144 -48.40 20.55 -17.55
N SER C 145 -49.16 19.95 -18.47
CA SER C 145 -50.46 20.51 -18.93
C SER C 145 -51.41 20.67 -17.73
N GLY C 146 -52.05 21.84 -17.59
CA GLY C 146 -53.05 22.11 -16.55
C GLY C 146 -52.44 22.71 -15.29
N VAL C 147 -51.14 23.03 -15.29
CA VAL C 147 -50.45 23.56 -14.07
C VAL C 147 -51.13 24.85 -13.59
N ASP C 148 -51.64 25.69 -14.51
CA ASP C 148 -52.24 27.01 -14.15
C ASP C 148 -53.76 26.89 -13.96
N THR C 149 -54.30 25.68 -13.77
CA THR C 149 -55.75 25.43 -13.57
C THR C 149 -55.98 24.93 -12.14
N GLU C 150 -57.24 24.87 -11.73
CA GLU C 150 -57.66 24.45 -10.37
C GLU C 150 -57.30 22.97 -10.18
N SER C 151 -57.44 22.13 -11.20
CA SER C 151 -57.20 20.65 -11.09
C SER C 151 -55.68 20.36 -11.17
N GLY C 152 -54.91 21.31 -11.71
CA GLY C 152 -53.43 21.27 -11.72
C GLY C 152 -52.87 20.29 -12.77
N ALA C 153 -51.54 20.15 -12.80
CA ALA C 153 -50.82 19.18 -13.65
C ALA C 153 -50.56 17.91 -12.85
N THR C 154 -50.40 16.78 -13.54
CA THR C 154 -49.95 15.50 -12.93
C THR C 154 -48.68 15.04 -13.65
N CYS C 155 -47.54 15.19 -12.99
CA CYS C 155 -46.18 14.82 -13.48
C CYS C 155 -45.82 13.45 -12.89
N ARG C 156 -45.59 12.44 -13.74
CA ARG C 156 -45.23 11.07 -13.30
C ARG C 156 -43.70 10.90 -13.38
N ILE C 157 -43.09 10.47 -12.29
CA ILE C 157 -41.63 10.18 -12.18
C ILE C 157 -41.50 8.68 -11.92
N LYS C 158 -40.71 7.97 -12.74
CA LYS C 158 -40.51 6.52 -12.64
C LYS C 158 -39.08 6.23 -12.16
N ILE C 159 -38.94 5.53 -11.04
CA ILE C 159 -37.61 5.23 -10.43
C ILE C 159 -37.47 3.71 -10.29
N GLY C 160 -36.38 3.16 -10.84
CA GLY C 160 -36.04 1.74 -10.62
C GLY C 160 -34.57 1.47 -10.84
N SER C 161 -34.16 0.24 -10.67
CA SER C 161 -32.75 -0.20 -10.87
C SER C 161 -32.38 0.00 -12.34
N TRP C 162 -31.19 0.52 -12.60
CA TRP C 162 -30.67 0.63 -13.98
C TRP C 162 -30.22 -0.74 -14.52
N THR C 163 -29.64 -1.63 -13.70
CA THR C 163 -28.99 -2.86 -14.22
C THR C 163 -29.52 -4.15 -13.55
N HIS C 164 -30.29 -4.07 -12.47
CA HIS C 164 -30.74 -5.27 -11.73
C HIS C 164 -32.22 -5.51 -12.00
N HIS C 165 -32.55 -6.61 -12.64
CA HIS C 165 -33.96 -6.99 -12.96
C HIS C 165 -34.66 -7.52 -11.70
N SER C 166 -35.95 -7.87 -11.82
CA SER C 166 -36.87 -8.19 -10.70
C SER C 166 -36.39 -9.40 -9.88
N ARG C 167 -35.56 -10.29 -10.41
CA ARG C 167 -35.05 -11.43 -9.60
C ARG C 167 -33.88 -10.99 -8.70
N GLU C 168 -33.37 -9.77 -8.88
CA GLU C 168 -32.19 -9.26 -8.13
C GLU C 168 -32.60 -8.10 -7.22
N ILE C 169 -33.41 -7.17 -7.72
CA ILE C 169 -33.92 -6.02 -6.93
C ILE C 169 -35.43 -5.96 -7.13
N SER C 170 -36.17 -5.90 -6.02
CA SER C 170 -37.60 -5.51 -6.04
C SER C 170 -37.69 -4.09 -5.48
N VAL C 171 -38.59 -3.30 -6.04
CA VAL C 171 -38.80 -1.88 -5.63
C VAL C 171 -40.25 -1.79 -5.16
N ASP C 172 -40.42 -1.23 -3.97
CA ASP C 172 -41.75 -1.10 -3.32
C ASP C 172 -41.86 0.32 -2.78
N PRO C 173 -43.03 0.96 -2.94
CA PRO C 173 -43.24 2.25 -2.31
C PRO C 173 -43.32 2.02 -0.80
N THR C 174 -44.23 1.22 -0.24
CA THR C 174 -44.46 1.03 1.21
C THR C 174 -45.10 2.26 1.89
N ASP C 179 -47.00 13.00 5.43
CA ASP C 179 -47.98 13.02 4.31
C ASP C 179 -47.53 13.99 3.18
N ASP C 180 -48.40 14.08 2.17
CA ASP C 180 -48.13 14.93 0.97
C ASP C 180 -48.22 16.38 1.47
N SER C 181 -47.12 17.09 1.27
CA SER C 181 -46.93 18.52 1.62
C SER C 181 -46.21 18.66 2.94
N GLU C 182 -45.94 17.56 3.67
CA GLU C 182 -45.46 17.67 5.06
C GLU C 182 -44.15 18.46 5.10
N TYR C 183 -43.25 18.25 4.14
CA TYR C 183 -41.92 18.91 4.11
C TYR C 183 -41.87 19.90 2.94
N PHE C 184 -42.96 20.09 2.22
CA PHE C 184 -42.99 20.95 1.01
C PHE C 184 -42.90 22.42 1.43
N SER C 185 -42.06 23.18 0.74
CA SER C 185 -41.82 24.60 1.05
C SER C 185 -43.12 25.41 0.92
N GLN C 186 -43.44 26.17 1.95
CA GLN C 186 -44.60 27.10 1.95
C GLN C 186 -44.29 28.28 1.02
N TYR C 187 -43.03 28.46 0.58
CA TYR C 187 -42.59 29.64 -0.21
C TYR C 187 -42.53 29.34 -1.70
N SER C 188 -42.75 28.08 -2.12
CA SER C 188 -42.82 27.70 -3.54
C SER C 188 -43.91 28.53 -4.20
N ARG C 189 -43.76 28.83 -5.49
CA ARG C 189 -44.83 29.41 -6.36
C ARG C 189 -45.94 28.36 -6.56
N PHE C 190 -45.65 27.09 -6.28
CA PHE C 190 -46.57 25.96 -6.56
C PHE C 190 -47.03 25.35 -5.25
N GLU C 191 -48.10 24.56 -5.32
CA GLU C 191 -48.64 23.81 -4.17
C GLU C 191 -48.97 22.40 -4.66
N ILE C 192 -48.87 21.45 -3.74
CA ILE C 192 -49.15 20.02 -4.01
C ILE C 192 -50.62 19.77 -3.70
N LEU C 193 -51.33 19.18 -4.65
CA LEU C 193 -52.73 18.76 -4.51
C LEU C 193 -52.78 17.29 -4.10
N ASP C 194 -51.86 16.47 -4.60
CA ASP C 194 -51.83 15.02 -4.29
C ASP C 194 -50.49 14.42 -4.73
N VAL C 195 -50.06 13.40 -4.02
CA VAL C 195 -48.93 12.51 -4.43
C VAL C 195 -49.41 11.06 -4.29
N THR C 196 -49.30 10.26 -5.34
CA THR C 196 -49.52 8.80 -5.27
C THR C 196 -48.22 8.12 -5.72
N GLN C 197 -47.87 7.01 -5.09
CA GLN C 197 -46.61 6.26 -5.37
C GLN C 197 -46.99 4.79 -5.50
N LYS C 198 -46.91 4.22 -6.70
CA LYS C 198 -47.44 2.87 -7.04
C LYS C 198 -46.36 2.01 -7.70
N LYS C 199 -46.40 0.71 -7.43
CA LYS C 199 -45.46 -0.29 -7.98
C LYS C 199 -45.79 -0.52 -9.47
N ASN C 200 -44.76 -0.57 -10.32
CA ASN C 200 -44.92 -1.01 -11.72
C ASN C 200 -43.73 -1.86 -12.12
N SER C 201 -43.72 -2.29 -13.37
CA SER C 201 -42.70 -3.13 -14.02
C SER C 201 -42.43 -2.51 -15.41
N VAL C 202 -41.16 -2.44 -15.83
CA VAL C 202 -40.75 -2.07 -17.21
C VAL C 202 -39.93 -3.21 -17.81
N THR C 203 -39.94 -3.36 -19.14
CA THR C 203 -39.06 -4.29 -19.90
C THR C 203 -38.25 -3.45 -20.89
N TYR C 204 -36.96 -3.76 -21.07
CA TYR C 204 -36.12 -3.16 -22.14
C TYR C 204 -36.02 -4.16 -23.29
N SER C 205 -35.87 -3.65 -24.52
CA SER C 205 -35.91 -4.41 -25.80
C SER C 205 -34.85 -5.51 -25.82
N CYS C 206 -33.68 -5.31 -25.20
CA CYS C 206 -32.51 -6.23 -25.31
C CYS C 206 -32.86 -7.60 -24.72
N CYS C 207 -33.70 -7.62 -23.69
CA CYS C 207 -33.65 -8.62 -22.60
C CYS C 207 -35.08 -8.99 -22.15
N PRO C 208 -35.31 -10.28 -21.84
CA PRO C 208 -36.64 -10.74 -21.43
C PRO C 208 -37.05 -10.33 -20.01
N GLU C 209 -36.10 -9.95 -19.14
CA GLU C 209 -36.40 -9.71 -17.71
C GLU C 209 -37.10 -8.36 -17.52
N ALA C 210 -37.99 -8.30 -16.53
CA ALA C 210 -38.68 -7.08 -16.08
C ALA C 210 -37.84 -6.40 -15.00
N TYR C 211 -37.93 -5.07 -14.93
CA TYR C 211 -37.32 -4.21 -13.88
C TYR C 211 -38.47 -3.58 -13.10
N GLU C 212 -38.45 -3.70 -11.78
CA GLU C 212 -39.51 -3.09 -10.96
C GLU C 212 -39.24 -1.61 -10.78
N ASP C 213 -40.31 -0.84 -10.67
CA ASP C 213 -40.15 0.62 -10.50
C ASP C 213 -41.25 1.09 -9.55
N VAL C 214 -41.02 2.27 -9.01
CA VAL C 214 -42.10 3.04 -8.34
C VAL C 214 -42.43 4.18 -9.30
N GLU C 215 -43.72 4.37 -9.54
CA GLU C 215 -44.23 5.51 -10.35
C GLU C 215 -44.83 6.50 -9.38
N VAL C 216 -44.25 7.68 -9.31
CA VAL C 216 -44.66 8.76 -8.38
C VAL C 216 -45.44 9.79 -9.20
N SER C 217 -46.73 9.97 -8.90
CA SER C 217 -47.60 10.95 -9.59
C SER C 217 -47.72 12.20 -8.72
N LEU C 218 -47.13 13.30 -9.17
CA LEU C 218 -47.13 14.60 -8.46
C LEU C 218 -48.21 15.48 -9.10
N ASN C 219 -49.33 15.65 -8.40
CA ASN C 219 -50.44 16.55 -8.84
C ASN C 219 -50.20 17.90 -8.16
N PHE C 220 -49.88 18.93 -8.94
CA PHE C 220 -49.50 20.25 -8.39
C PHE C 220 -50.08 21.36 -9.27
N ARG C 221 -50.11 22.58 -8.72
CA ARG C 221 -50.59 23.73 -9.49
C ARG C 221 -49.90 25.00 -9.01
N LYS C 222 -49.91 26.01 -9.90
CA LYS C 222 -49.45 27.38 -9.55
C LYS C 222 -50.44 27.97 -8.53
N LYS C 223 -49.92 28.59 -7.47
CA LYS C 223 -50.76 29.21 -6.42
C LYS C 223 -51.52 30.42 -7.00
N GLY C 224 -52.74 30.64 -6.51
CA GLY C 224 -53.60 31.78 -6.91
C GLY C 224 -53.24 33.02 -6.11
N LEU D 20 -19.45 -20.70 -8.12
CA LEU D 20 -19.03 -19.33 -7.73
C LEU D 20 -20.28 -18.55 -7.33
N ASP D 21 -20.14 -17.61 -6.39
CA ASP D 21 -21.23 -16.66 -6.10
C ASP D 21 -20.83 -15.28 -6.63
N ARG D 22 -21.74 -14.31 -6.54
CA ARG D 22 -21.53 -12.94 -7.05
C ARG D 22 -20.27 -12.35 -6.40
N ALA D 23 -20.08 -12.55 -5.09
CA ALA D 23 -18.95 -11.95 -4.35
C ALA D 23 -17.63 -12.46 -4.97
N ASP D 24 -17.53 -13.73 -5.29
CA ASP D 24 -16.29 -14.34 -5.85
C ASP D 24 -16.03 -13.77 -7.25
N ILE D 25 -17.06 -13.71 -8.09
CA ILE D 25 -16.94 -13.22 -9.49
C ILE D 25 -16.49 -11.75 -9.45
N LEU D 26 -17.12 -10.93 -8.62
CA LEU D 26 -16.80 -9.48 -8.56
C LEU D 26 -15.40 -9.28 -8.00
N TYR D 27 -14.99 -10.10 -7.03
CA TYR D 27 -13.61 -10.10 -6.49
C TYR D 27 -12.61 -10.42 -7.61
N ASN D 28 -12.86 -11.48 -8.36
CA ASN D 28 -11.96 -11.93 -9.45
C ASN D 28 -11.83 -10.81 -10.49
N ILE D 29 -12.95 -10.20 -10.88
CA ILE D 29 -12.94 -9.09 -11.87
C ILE D 29 -12.16 -7.91 -11.30
N ARG D 30 -12.45 -7.48 -10.08
CA ARG D 30 -11.77 -6.29 -9.47
C ARG D 30 -10.27 -6.57 -9.42
N GLN D 31 -9.85 -7.79 -9.09
CA GLN D 31 -8.41 -8.12 -8.87
C GLN D 31 -7.63 -8.28 -10.19
N THR D 32 -8.26 -8.66 -11.29
CA THR D 32 -7.56 -9.00 -12.56
C THR D 32 -8.02 -8.10 -13.71
N SER D 33 -8.76 -7.08 -13.30
CA SER D 33 -9.21 -5.92 -14.11
C SER D 33 -7.95 -5.23 -14.58
N ARG D 34 -7.81 -5.29 -15.88
CA ARG D 34 -6.87 -4.45 -16.68
C ARG D 34 -7.73 -3.45 -17.47
N PRO D 35 -8.29 -2.39 -16.84
CA PRO D 35 -9.22 -1.48 -17.52
C PRO D 35 -8.55 -0.67 -18.64
N ASP D 36 -7.23 -0.60 -18.63
CA ASP D 36 -6.47 0.17 -19.67
C ASP D 36 -6.16 -0.74 -20.84
N VAL D 37 -6.48 -2.03 -20.79
CA VAL D 37 -6.03 -3.01 -21.82
C VAL D 37 -7.20 -3.45 -22.70
N ILE D 38 -7.18 -3.03 -23.97
CA ILE D 38 -8.18 -3.44 -24.97
C ILE D 38 -8.16 -4.96 -25.10
N PRO D 39 -9.32 -5.65 -25.00
CA PRO D 39 -9.34 -7.12 -25.02
C PRO D 39 -9.36 -7.74 -26.42
N THR D 40 -8.37 -7.42 -27.25
CA THR D 40 -8.21 -8.01 -28.61
C THR D 40 -7.97 -9.51 -28.45
N GLN D 41 -8.53 -10.32 -29.35
CA GLN D 41 -8.35 -11.78 -29.42
C GLN D 41 -7.52 -12.05 -30.68
N ARG D 42 -6.35 -12.66 -30.54
CA ARG D 42 -5.50 -13.14 -31.67
C ARG D 42 -5.41 -12.03 -32.73
N ASP D 43 -5.10 -10.80 -32.30
CA ASP D 43 -4.88 -9.58 -33.13
C ASP D 43 -6.02 -9.34 -34.14
N ARG D 44 -7.26 -9.74 -33.81
CA ARG D 44 -8.49 -9.26 -34.48
C ARG D 44 -8.97 -8.03 -33.72
N PRO D 45 -9.75 -7.12 -34.36
CA PRO D 45 -10.29 -5.97 -33.65
C PRO D 45 -11.34 -6.42 -32.63
N VAL D 46 -11.54 -5.60 -31.60
CA VAL D 46 -12.73 -5.76 -30.72
C VAL D 46 -13.94 -5.25 -31.48
N ALA D 47 -14.96 -6.09 -31.66
CA ALA D 47 -16.23 -5.71 -32.30
C ALA D 47 -17.10 -5.06 -31.25
N VAL D 48 -17.29 -3.74 -31.39
CA VAL D 48 -18.16 -2.95 -30.50
C VAL D 48 -19.45 -2.68 -31.25
N SER D 49 -20.60 -3.04 -30.69
CA SER D 49 -21.93 -2.69 -31.25
C SER D 49 -22.47 -1.48 -30.51
N VAL D 50 -22.97 -0.50 -31.26
CA VAL D 50 -23.54 0.75 -30.71
C VAL D 50 -24.89 0.97 -31.37
N SER D 51 -25.90 1.19 -30.56
CA SER D 51 -27.26 1.58 -31.01
C SER D 51 -27.77 2.65 -30.06
N LEU D 52 -28.21 3.80 -30.59
CA LEU D 52 -28.81 4.87 -29.80
C LEU D 52 -30.33 4.66 -29.78
N LYS D 53 -30.90 4.70 -28.58
CA LYS D 53 -32.36 4.76 -28.36
C LYS D 53 -32.65 6.19 -27.92
N PHE D 54 -33.35 6.95 -28.77
CA PHE D 54 -33.65 8.35 -28.44
C PHE D 54 -34.77 8.39 -27.41
N ILE D 55 -34.58 9.20 -26.37
CA ILE D 55 -35.52 9.36 -25.24
C ILE D 55 -36.16 10.73 -25.34
N ASN D 56 -35.40 11.76 -25.68
CA ASN D 56 -35.95 13.11 -25.72
C ASN D 56 -35.13 14.00 -26.66
N ILE D 57 -35.80 15.00 -27.22
CA ILE D 57 -35.19 16.13 -27.94
C ILE D 57 -35.64 17.37 -27.20
N LEU D 58 -34.73 18.09 -26.58
CA LEU D 58 -35.03 19.05 -25.48
C LEU D 58 -35.01 20.47 -26.02
N GLU D 59 -34.01 20.77 -26.84
CA GLU D 59 -33.83 22.11 -27.42
C GLU D 59 -33.33 21.90 -28.84
N VAL D 60 -33.88 22.67 -29.75
CA VAL D 60 -33.47 22.69 -31.17
C VAL D 60 -33.30 24.16 -31.52
N ASN D 61 -32.24 24.50 -32.24
CA ASN D 61 -32.03 25.90 -32.72
C ASN D 61 -31.74 25.83 -34.21
N GLU D 62 -32.69 26.26 -35.05
CA GLU D 62 -32.58 26.17 -36.53
C GLU D 62 -31.60 27.24 -37.04
N ILE D 63 -31.42 28.34 -36.30
CA ILE D 63 -30.42 29.41 -36.63
C ILE D 63 -29.01 28.85 -36.45
N THR D 64 -28.71 28.23 -35.30
CA THR D 64 -27.33 27.78 -34.93
C THR D 64 -27.08 26.35 -35.39
N ASN D 65 -28.11 25.60 -35.80
CA ASN D 65 -27.98 24.17 -36.17
C ASN D 65 -27.40 23.40 -34.96
N GLU D 66 -28.04 23.54 -33.81
CA GLU D 66 -27.68 22.83 -32.55
C GLU D 66 -28.91 22.11 -32.01
N VAL D 67 -28.70 20.91 -31.45
CA VAL D 67 -29.80 20.13 -30.82
C VAL D 67 -29.26 19.60 -29.48
N ASP D 68 -30.12 19.55 -28.48
CA ASP D 68 -29.84 18.96 -27.15
C ASP D 68 -30.72 17.70 -27.08
N VAL D 69 -30.11 16.52 -26.97
CA VAL D 69 -30.84 15.23 -27.05
C VAL D 69 -30.50 14.38 -25.82
N VAL D 70 -31.43 13.53 -25.42
CA VAL D 70 -31.20 12.45 -24.41
C VAL D 70 -31.34 11.13 -25.15
N PHE D 71 -30.36 10.25 -25.00
CA PHE D 71 -30.40 8.92 -25.65
C PHE D 71 -29.78 7.88 -24.71
N TRP D 72 -30.23 6.64 -24.86
CA TRP D 72 -29.58 5.47 -24.24
C TRP D 72 -28.59 4.94 -25.25
N GLN D 73 -27.31 4.88 -24.86
CA GLN D 73 -26.25 4.43 -25.79
C GLN D 73 -25.99 2.97 -25.52
N GLN D 74 -26.72 2.08 -26.19
CA GLN D 74 -26.57 0.63 -25.99
C GLN D 74 -25.25 0.20 -26.62
N THR D 75 -24.33 -0.31 -25.79
CA THR D 75 -22.93 -0.59 -26.18
C THR D 75 -22.62 -2.01 -25.75
N THR D 76 -22.21 -2.87 -26.68
CA THR D 76 -21.87 -4.27 -26.33
C THR D 76 -20.56 -4.67 -26.98
N TRP D 77 -19.82 -5.53 -26.29
CA TRP D 77 -18.55 -6.09 -26.79
C TRP D 77 -18.22 -7.29 -25.92
N SER D 78 -17.23 -8.06 -26.34
CA SER D 78 -16.77 -9.26 -25.61
CA SER D 78 -16.77 -9.25 -25.61
C SER D 78 -15.41 -8.95 -24.96
N ASP D 79 -15.25 -9.35 -23.71
CA ASP D 79 -13.95 -9.35 -23.01
C ASP D 79 -13.82 -10.71 -22.33
N ARG D 80 -13.15 -11.65 -23.00
CA ARG D 80 -13.04 -13.06 -22.54
C ARG D 80 -12.30 -13.13 -21.20
N THR D 81 -11.52 -12.11 -20.81
CA THR D 81 -10.80 -12.11 -19.51
C THR D 81 -11.82 -12.01 -18.35
N LEU D 82 -13.08 -11.64 -18.62
CA LEU D 82 -14.10 -11.50 -17.56
C LEU D 82 -14.86 -12.81 -17.33
N ALA D 83 -14.74 -13.79 -18.25
CA ALA D 83 -15.63 -14.97 -18.33
C ALA D 83 -15.45 -15.86 -17.10
N TRP D 84 -16.51 -16.56 -16.72
CA TRP D 84 -16.48 -17.58 -15.63
C TRP D 84 -17.35 -18.77 -16.04
N ASN D 85 -17.15 -19.90 -15.38
CA ASN D 85 -18.00 -21.11 -15.52
C ASN D 85 -19.36 -20.83 -14.85
N SER D 86 -20.45 -20.81 -15.60
CA SER D 86 -21.81 -20.44 -15.10
C SER D 86 -22.53 -21.64 -14.45
N SER D 87 -21.93 -22.84 -14.42
CA SER D 87 -22.53 -24.02 -13.72
C SER D 87 -22.60 -23.71 -12.21
N HIS D 88 -23.81 -23.73 -11.64
CA HIS D 88 -24.09 -23.41 -10.22
C HIS D 88 -23.57 -22.00 -9.87
N SER D 89 -23.65 -21.07 -10.82
CA SER D 89 -23.16 -19.68 -10.69
C SER D 89 -24.14 -18.72 -11.35
N PRO D 90 -24.16 -17.42 -10.97
CA PRO D 90 -24.96 -16.44 -11.69
C PRO D 90 -24.60 -16.43 -13.18
N ASP D 91 -25.55 -16.14 -14.05
CA ASP D 91 -25.32 -16.04 -15.51
C ASP D 91 -24.78 -14.64 -15.83
N GLN D 92 -25.07 -13.65 -14.97
CA GLN D 92 -24.69 -12.24 -15.22
C GLN D 92 -24.45 -11.51 -13.90
N VAL D 93 -23.58 -10.50 -13.89
CA VAL D 93 -23.38 -9.61 -12.71
C VAL D 93 -23.33 -8.17 -13.18
N SER D 94 -23.61 -7.24 -12.27
CA SER D 94 -23.45 -5.79 -12.49
C SER D 94 -22.08 -5.37 -11.99
N VAL D 95 -21.32 -4.66 -12.81
CA VAL D 95 -19.91 -4.30 -12.50
C VAL D 95 -19.73 -2.81 -12.75
N PRO D 96 -19.08 -2.07 -11.83
CA PRO D 96 -18.75 -0.67 -12.11
C PRO D 96 -17.81 -0.56 -13.30
N ILE D 97 -18.05 0.38 -14.21
CA ILE D 97 -17.21 0.48 -15.44
C ILE D 97 -15.77 0.87 -15.08
N SER D 98 -15.51 1.44 -13.90
CA SER D 98 -14.11 1.73 -13.45
C SER D 98 -13.34 0.42 -13.27
N SER D 99 -14.00 -0.73 -13.14
CA SER D 99 -13.34 -2.06 -13.02
C SER D 99 -13.21 -2.78 -14.37
N LEU D 100 -13.60 -2.17 -15.49
CA LEU D 100 -13.63 -2.84 -16.81
C LEU D 100 -12.90 -1.97 -17.84
N TRP D 101 -12.34 -2.59 -18.85
CA TRP D 101 -12.05 -1.86 -20.11
C TRP D 101 -13.39 -1.47 -20.74
N VAL D 102 -13.52 -0.22 -21.16
CA VAL D 102 -14.70 0.24 -21.94
C VAL D 102 -14.15 0.92 -23.19
N PRO D 103 -14.84 0.79 -24.35
CA PRO D 103 -14.39 1.47 -25.56
C PRO D 103 -14.36 2.98 -25.35
N ASP D 104 -13.34 3.63 -25.90
CA ASP D 104 -13.11 5.10 -25.83
C ASP D 104 -13.96 5.80 -26.90
N LEU D 105 -15.29 5.63 -26.84
CA LEU D 105 -16.23 6.21 -27.82
C LEU D 105 -16.36 7.71 -27.61
N ALA D 106 -16.45 8.45 -28.71
CA ALA D 106 -16.74 9.89 -28.69
C ALA D 106 -17.71 10.21 -29.83
N ALA D 107 -18.56 11.18 -29.60
CA ALA D 107 -19.44 11.73 -30.68
C ALA D 107 -18.67 12.87 -31.36
N TYR D 108 -18.31 12.65 -32.61
CA TYR D 108 -17.36 13.51 -33.37
C TYR D 108 -17.95 14.92 -33.57
N ASN D 109 -19.28 15.08 -33.56
CA ASN D 109 -19.94 16.39 -33.77
C ASN D 109 -20.62 16.86 -32.47
N ALA D 110 -20.23 16.32 -31.32
CA ALA D 110 -20.70 16.84 -30.01
C ALA D 110 -20.06 18.20 -29.76
N ILE D 111 -20.84 19.12 -29.18
CA ILE D 111 -20.34 20.46 -28.77
C ILE D 111 -20.48 20.63 -27.26
N SER D 112 -20.85 19.58 -26.54
CA SER D 112 -20.85 19.56 -25.05
C SER D 112 -20.30 18.20 -24.57
N LYS D 113 -19.78 18.14 -23.35
CA LYS D 113 -19.36 16.84 -22.77
C LYS D 113 -20.61 15.98 -22.61
N PRO D 114 -20.51 14.65 -22.73
CA PRO D 114 -21.67 13.79 -22.47
C PRO D 114 -22.00 13.91 -20.97
N GLU D 115 -23.26 14.22 -20.66
CA GLU D 115 -23.78 14.23 -19.26
C GLU D 115 -24.41 12.86 -19.03
N VAL D 116 -23.77 12.03 -18.22
CA VAL D 116 -24.27 10.66 -17.94
C VAL D 116 -25.29 10.75 -16.82
N LEU D 117 -26.52 10.36 -17.08
CA LEU D 117 -27.67 10.57 -16.15
C LEU D 117 -27.83 9.35 -15.23
N THR D 118 -27.14 8.25 -15.49
CA THR D 118 -27.45 6.92 -14.91
C THR D 118 -26.23 6.42 -14.14
N PRO D 119 -26.45 5.48 -13.18
CA PRO D 119 -25.35 4.80 -12.50
C PRO D 119 -24.39 4.14 -13.50
N GLN D 120 -23.09 4.29 -13.26
CA GLN D 120 -22.04 3.89 -14.23
C GLN D 120 -21.66 2.44 -13.97
N LEU D 121 -22.60 1.54 -14.24
CA LEU D 121 -22.49 0.08 -14.11
C LEU D 121 -22.75 -0.54 -15.48
N ALA D 122 -22.08 -1.63 -15.76
CA ALA D 122 -22.31 -2.49 -16.94
C ALA D 122 -22.80 -3.84 -16.45
N ARG D 123 -23.41 -4.59 -17.35
CA ARG D 123 -23.82 -5.98 -17.10
C ARG D 123 -22.78 -6.86 -17.77
N VAL D 124 -22.23 -7.83 -17.05
CA VAL D 124 -21.25 -8.77 -17.62
C VAL D 124 -21.90 -10.16 -17.59
N VAL D 125 -21.91 -10.80 -18.75
CA VAL D 125 -22.42 -12.20 -18.92
C VAL D 125 -21.26 -13.16 -18.68
N SER D 126 -21.55 -14.37 -18.18
CA SER D 126 -20.53 -15.39 -17.82
C SER D 126 -19.62 -15.74 -19.01
N ASP D 127 -20.05 -15.49 -20.25
CA ASP D 127 -19.20 -15.78 -21.44
C ASP D 127 -18.30 -14.57 -21.77
N GLY D 128 -18.35 -13.49 -20.99
CA GLY D 128 -17.50 -12.31 -21.20
C GLY D 128 -18.16 -11.22 -22.03
N GLU D 129 -19.42 -11.38 -22.43
CA GLU D 129 -20.13 -10.30 -23.12
C GLU D 129 -20.42 -9.19 -22.10
N VAL D 130 -20.20 -7.95 -22.50
CA VAL D 130 -20.48 -6.75 -21.68
C VAL D 130 -21.61 -5.96 -22.34
N LEU D 131 -22.58 -5.56 -21.56
CA LEU D 131 -23.63 -4.62 -22.00
C LEU D 131 -23.55 -3.37 -21.13
N TYR D 132 -23.20 -2.25 -21.73
CA TYR D 132 -23.13 -0.95 -21.03
C TYR D 132 -24.09 -0.01 -21.74
N MET D 133 -25.05 0.54 -21.02
CA MET D 133 -26.06 1.43 -21.67
C MET D 133 -26.30 2.64 -20.80
N PRO D 134 -25.42 3.65 -20.87
CA PRO D 134 -25.65 4.88 -20.16
C PRO D 134 -26.77 5.69 -20.84
N SER D 135 -27.53 6.41 -20.04
CA SER D 135 -28.42 7.49 -20.50
C SER D 135 -27.57 8.77 -20.56
N ILE D 136 -27.50 9.37 -21.75
CA ILE D 136 -26.62 10.54 -22.00
C ILE D 136 -27.47 11.71 -22.47
N ARG D 137 -27.24 12.88 -21.89
CA ARG D 137 -27.70 14.16 -22.45
C ARG D 137 -26.51 14.87 -23.07
N GLN D 138 -26.62 15.28 -24.33
CA GLN D 138 -25.48 15.89 -25.06
C GLN D 138 -26.02 16.82 -26.13
N ARG D 139 -25.24 17.85 -26.44
CA ARG D 139 -25.56 18.86 -27.49
CA ARG D 139 -25.56 18.86 -27.49
C ARG D 139 -24.71 18.57 -28.72
N PHE D 140 -25.29 18.72 -29.92
CA PHE D 140 -24.66 18.38 -31.21
C PHE D 140 -24.82 19.53 -32.19
N SER D 141 -23.82 19.64 -33.05
CA SER D 141 -23.86 20.43 -34.31
C SER D 141 -24.33 19.51 -35.41
N CYS D 142 -25.51 19.77 -35.95
CA CYS D 142 -26.06 18.94 -37.05
C CYS D 142 -27.16 19.73 -37.78
N ASP D 143 -27.66 19.17 -38.88
CA ASP D 143 -28.59 19.88 -39.79
C ASP D 143 -29.99 19.89 -39.16
N VAL D 144 -30.42 21.05 -38.68
CA VAL D 144 -31.75 21.28 -38.05
C VAL D 144 -32.72 21.88 -39.10
N SER D 145 -32.25 22.14 -40.32
CA SER D 145 -33.11 22.74 -41.38
C SER D 145 -34.29 21.81 -41.66
N GLY D 146 -35.50 22.36 -41.73
CA GLY D 146 -36.73 21.61 -42.06
C GLY D 146 -37.44 21.06 -40.83
N VAL D 147 -36.96 21.39 -39.62
CA VAL D 147 -37.57 20.84 -38.36
C VAL D 147 -39.06 21.20 -38.27
N ASP D 148 -39.47 22.38 -38.76
CA ASP D 148 -40.88 22.86 -38.65
C ASP D 148 -41.68 22.48 -39.90
N THR D 149 -41.22 21.52 -40.71
CA THR D 149 -41.91 21.06 -41.94
C THR D 149 -42.37 19.61 -41.75
N GLU D 150 -43.20 19.13 -42.68
CA GLU D 150 -43.78 17.77 -42.60
C GLU D 150 -42.66 16.73 -42.75
N SER D 151 -41.65 16.97 -43.60
CA SER D 151 -40.57 16.00 -43.88
C SER D 151 -39.51 16.06 -42.75
N GLY D 152 -39.49 17.14 -41.98
CA GLY D 152 -38.67 17.29 -40.76
C GLY D 152 -37.21 17.56 -41.05
N ALA D 153 -36.39 17.61 -40.01
CA ALA D 153 -34.91 17.75 -40.08
C ALA D 153 -34.29 16.36 -40.01
N THR D 154 -33.08 16.20 -40.55
CA THR D 154 -32.26 14.98 -40.41
C THR D 154 -30.92 15.39 -39.78
N CYS D 155 -30.76 15.08 -38.49
CA CYS D 155 -29.55 15.36 -37.67
C CYS D 155 -28.72 14.08 -37.63
N ARG D 156 -27.48 14.12 -38.12
CA ARG D 156 -26.55 12.97 -38.15
C ARG D 156 -25.59 13.10 -36.95
N ILE D 157 -25.50 12.04 -36.16
CA ILE D 157 -24.56 11.93 -35.00
C ILE D 157 -23.59 10.81 -35.34
N LYS D 158 -22.28 11.09 -35.27
CA LYS D 158 -21.21 10.13 -35.60
C LYS D 158 -20.48 9.74 -34.31
N ILE D 159 -20.47 8.45 -34.01
CA ILE D 159 -19.84 7.92 -32.75
C ILE D 159 -18.82 6.86 -33.14
N GLY D 160 -17.58 7.03 -32.69
CA GLY D 160 -16.52 6.07 -32.92
C GLY D 160 -15.47 6.14 -31.84
N SER D 161 -14.52 5.22 -31.89
CA SER D 161 -13.32 5.24 -31.02
C SER D 161 -12.54 6.54 -31.28
N TRP D 162 -12.09 7.18 -30.21
CA TRP D 162 -11.22 8.37 -30.31
C TRP D 162 -9.79 7.97 -30.72
N THR D 163 -9.26 6.84 -30.27
CA THR D 163 -7.81 6.53 -30.44
C THR D 163 -7.55 5.21 -31.13
N HIS D 164 -8.56 4.33 -31.28
CA HIS D 164 -8.36 2.98 -31.83
C HIS D 164 -8.87 2.96 -33.29
N HIS D 165 -7.97 2.68 -34.23
CA HIS D 165 -8.33 2.51 -35.67
C HIS D 165 -8.95 1.13 -35.88
N SER D 166 -9.37 0.85 -37.12
CA SER D 166 -10.23 -0.30 -37.50
C SER D 166 -9.56 -1.64 -37.22
N ARG D 167 -8.23 -1.73 -37.10
CA ARG D 167 -7.58 -3.02 -36.77
C ARG D 167 -7.67 -3.30 -35.26
N GLU D 168 -8.12 -2.34 -34.46
CA GLU D 168 -8.20 -2.48 -32.97
C GLU D 168 -9.65 -2.47 -32.51
N ILE D 169 -10.45 -1.54 -33.01
CA ILE D 169 -11.91 -1.47 -32.70
C ILE D 169 -12.68 -1.38 -34.01
N SER D 170 -13.66 -2.24 -34.18
CA SER D 170 -14.71 -2.06 -35.21
C SER D 170 -15.97 -1.60 -34.50
N VAL D 171 -16.67 -0.63 -35.09
CA VAL D 171 -17.96 -0.16 -34.56
C VAL D 171 -19.06 -0.50 -35.57
N ASP D 172 -20.09 -1.17 -35.08
CA ASP D 172 -21.16 -1.74 -35.92
C ASP D 172 -22.49 -1.36 -35.28
N PRO D 173 -23.49 -0.94 -36.09
CA PRO D 173 -24.84 -0.79 -35.60
C PRO D 173 -25.33 -2.19 -35.21
N THR D 174 -26.30 -2.26 -34.31
CA THR D 174 -27.00 -3.55 -34.04
C THR D 174 -27.95 -3.81 -35.21
N THR D 175 -28.48 -5.02 -35.36
CA THR D 175 -29.66 -5.31 -36.22
C THR D 175 -30.90 -4.65 -35.59
N SER D 178 -37.01 -2.95 -33.85
CA SER D 178 -37.61 -2.35 -32.62
C SER D 178 -37.97 -0.88 -32.90
N ASP D 179 -39.15 -0.40 -32.50
CA ASP D 179 -39.72 0.90 -32.94
C ASP D 179 -38.75 2.02 -32.58
N ASP D 180 -38.46 2.93 -33.55
CA ASP D 180 -37.55 4.10 -33.36
C ASP D 180 -38.03 4.99 -32.22
N SER D 181 -39.34 5.05 -31.95
CA SER D 181 -39.96 5.91 -30.93
C SER D 181 -40.29 5.09 -29.67
N GLU D 182 -39.79 3.86 -29.56
CA GLU D 182 -40.29 2.92 -28.51
C GLU D 182 -40.09 3.54 -27.13
N TYR D 183 -38.96 4.23 -26.88
CA TYR D 183 -38.65 4.80 -25.54
C TYR D 183 -38.75 6.32 -25.57
N PHE D 184 -39.12 6.89 -26.71
CA PHE D 184 -39.13 8.36 -26.89
C PHE D 184 -40.28 8.98 -26.09
N SER D 185 -39.99 10.07 -25.39
CA SER D 185 -40.95 10.76 -24.50
C SER D 185 -42.15 11.27 -25.32
N GLN D 186 -43.35 10.95 -24.88
CA GLN D 186 -44.61 11.49 -25.45
C GLN D 186 -44.73 12.99 -25.14
N TYR D 187 -43.91 13.53 -24.22
CA TYR D 187 -44.02 14.93 -23.75
C TYR D 187 -43.04 15.86 -24.46
N SER D 188 -42.14 15.33 -25.27
CA SER D 188 -41.26 16.16 -26.14
C SER D 188 -42.11 17.08 -27.02
N ARG D 189 -41.62 18.27 -27.33
CA ARG D 189 -42.22 19.15 -28.36
C ARG D 189 -42.02 18.54 -29.75
N PHE D 190 -41.14 17.54 -29.87
CA PHE D 190 -40.73 16.96 -31.17
C PHE D 190 -41.21 15.52 -31.24
N GLU D 191 -41.21 14.98 -32.46
CA GLU D 191 -41.54 13.55 -32.71
C GLU D 191 -40.51 13.01 -33.69
N ILE D 192 -40.24 11.73 -33.58
CA ILE D 192 -39.28 11.01 -34.45
C ILE D 192 -40.05 10.45 -35.65
N LEU D 193 -39.57 10.73 -36.85
CA LEU D 193 -40.11 10.16 -38.11
C LEU D 193 -39.33 8.90 -38.47
N ASP D 194 -38.01 8.90 -38.24
CA ASP D 194 -37.14 7.77 -38.65
C ASP D 194 -35.79 7.87 -37.95
N VAL D 195 -35.20 6.72 -37.67
CA VAL D 195 -33.79 6.61 -37.21
C VAL D 195 -33.12 5.54 -38.06
N THR D 196 -32.00 5.87 -38.70
CA THR D 196 -31.13 4.87 -39.36
C THR D 196 -29.75 4.95 -38.71
N GLN D 197 -29.08 3.82 -38.58
CA GLN D 197 -27.77 3.69 -37.89
C GLN D 197 -26.91 2.84 -38.81
N LYS D 198 -25.87 3.43 -39.41
CA LYS D 198 -25.09 2.83 -40.53
C LYS D 198 -23.59 2.90 -40.21
N LYS D 199 -22.84 1.92 -40.66
CA LYS D 199 -21.37 1.84 -40.47
C LYS D 199 -20.70 2.85 -41.39
N ASN D 200 -19.73 3.58 -40.88
CA ASN D 200 -18.95 4.59 -41.65
C ASN D 200 -17.48 4.42 -41.27
N SER D 201 -16.58 4.77 -42.19
CA SER D 201 -15.11 4.71 -41.97
C SER D 201 -14.54 6.07 -42.41
N VAL D 202 -13.63 6.63 -41.63
CA VAL D 202 -12.93 7.88 -42.01
C VAL D 202 -11.43 7.57 -42.02
N THR D 203 -10.74 8.00 -43.09
CA THR D 203 -9.27 7.95 -43.20
C THR D 203 -8.84 9.40 -43.35
N TYR D 204 -7.88 9.80 -42.53
CA TYR D 204 -7.34 11.19 -42.50
C TYR D 204 -6.05 11.21 -43.32
N SER D 205 -5.67 12.37 -43.88
CA SER D 205 -4.44 12.57 -44.72
C SER D 205 -3.17 12.16 -43.94
N CYS D 206 -3.15 12.38 -42.63
CA CYS D 206 -1.98 12.21 -41.73
C CYS D 206 -1.51 10.76 -41.74
N CYS D 207 -2.43 9.81 -41.87
CA CYS D 207 -2.32 8.46 -41.25
C CYS D 207 -2.96 7.43 -42.17
N PRO D 208 -2.34 6.23 -42.33
CA PRO D 208 -2.88 5.22 -43.23
C PRO D 208 -4.15 4.51 -42.69
N GLU D 209 -4.35 4.53 -41.38
CA GLU D 209 -5.38 3.69 -40.73
C GLU D 209 -6.73 4.37 -40.82
N ALA D 210 -7.78 3.58 -41.00
CA ALA D 210 -9.19 4.05 -41.03
C ALA D 210 -9.77 3.94 -39.61
N TYR D 211 -10.63 4.88 -39.24
CA TYR D 211 -11.39 4.89 -37.97
C TYR D 211 -12.87 4.66 -38.26
N GLU D 212 -13.41 3.63 -37.63
CA GLU D 212 -14.83 3.27 -37.84
C GLU D 212 -15.71 4.17 -36.98
N ASP D 213 -16.91 4.38 -37.45
CA ASP D 213 -17.94 5.06 -36.67
C ASP D 213 -19.28 4.42 -37.02
N VAL D 214 -20.26 4.68 -36.18
CA VAL D 214 -21.69 4.50 -36.53
C VAL D 214 -22.22 5.91 -36.74
N GLU D 215 -22.92 6.08 -37.87
CA GLU D 215 -23.59 7.36 -38.19
C GLU D 215 -25.07 7.14 -37.92
N VAL D 216 -25.62 7.88 -36.98
CA VAL D 216 -27.03 7.79 -36.55
C VAL D 216 -27.75 8.97 -37.17
N SER D 217 -28.71 8.71 -38.06
CA SER D 217 -29.49 9.78 -38.73
C SER D 217 -30.86 9.87 -38.05
N LEU D 218 -31.10 10.94 -37.33
CA LEU D 218 -32.34 11.20 -36.58
C LEU D 218 -33.20 12.15 -37.41
N ASN D 219 -34.26 11.60 -38.02
CA ASN D 219 -35.26 12.39 -38.79
C ASN D 219 -36.38 12.73 -37.82
N PHE D 220 -36.55 14.01 -37.49
CA PHE D 220 -37.51 14.45 -36.46
C PHE D 220 -38.15 15.76 -36.90
N ARG D 221 -39.27 16.11 -36.28
CA ARG D 221 -39.95 17.39 -36.57
C ARG D 221 -40.68 17.88 -35.32
N LYS D 222 -40.97 19.18 -35.31
CA LYS D 222 -41.83 19.82 -34.30
C LYS D 222 -43.25 19.30 -34.46
N LYS D 223 -43.90 18.92 -33.36
CA LYS D 223 -45.31 18.45 -33.39
C LYS D 223 -46.23 19.63 -33.73
N GLY D 224 -47.33 19.34 -34.44
CA GLY D 224 -48.37 20.33 -34.80
C GLY D 224 -49.35 20.57 -33.66
N LEU E 20 6.43 -8.54 -26.92
CA LEU E 20 5.57 -7.91 -25.92
C LEU E 20 4.15 -7.83 -26.47
N ASP E 21 3.14 -7.94 -25.62
CA ASP E 21 1.75 -7.61 -26.02
C ASP E 21 1.35 -6.28 -25.38
N ARG E 22 0.15 -5.80 -25.71
CA ARG E 22 -0.40 -4.51 -25.22
C ARG E 22 -0.40 -4.52 -23.70
N ALA E 23 -0.82 -5.62 -23.07
CA ALA E 23 -0.94 -5.70 -21.60
C ALA E 23 0.43 -5.43 -20.96
N ASP E 24 1.50 -6.02 -21.51
CA ASP E 24 2.86 -5.88 -20.94
C ASP E 24 3.33 -4.42 -21.11
N ILE E 25 3.14 -3.84 -22.29
CA ILE E 25 3.58 -2.45 -22.59
C ILE E 25 2.85 -1.50 -21.65
N LEU E 26 1.53 -1.63 -21.51
CA LEU E 26 0.74 -0.70 -20.68
C LEU E 26 1.09 -0.86 -19.20
N TYR E 27 1.39 -2.09 -18.78
CA TYR E 27 1.89 -2.37 -17.40
C TYR E 27 3.22 -1.65 -17.18
N ASN E 28 4.16 -1.82 -18.11
CA ASN E 28 5.51 -1.19 -18.01
C ASN E 28 5.36 0.33 -17.92
N ILE E 29 4.53 0.92 -18.78
CA ILE E 29 4.31 2.39 -18.78
C ILE E 29 3.70 2.83 -17.44
N ARG E 30 2.64 2.16 -17.00
CA ARG E 30 1.95 2.53 -15.73
C ARG E 30 2.96 2.44 -14.57
N GLN E 31 3.82 1.44 -14.56
CA GLN E 31 4.74 1.17 -13.40
C GLN E 31 5.94 2.13 -13.39
N THR E 32 6.40 2.65 -14.52
CA THR E 32 7.66 3.45 -14.62
C THR E 32 7.39 4.87 -15.12
N SER E 33 6.09 5.17 -15.16
CA SER E 33 5.49 6.49 -15.41
C SER E 33 6.00 7.42 -14.32
N ARG E 34 6.76 8.39 -14.79
CA ARG E 34 7.13 9.62 -14.05
C ARG E 34 6.37 10.79 -14.70
N PRO E 35 5.05 10.95 -14.48
CA PRO E 35 4.26 11.97 -15.18
C PRO E 35 4.66 13.40 -14.80
N ASP E 36 5.38 13.58 -13.68
CA ASP E 36 5.83 14.92 -13.23
C ASP E 36 7.18 15.24 -13.84
N VAL E 37 7.81 14.32 -14.60
CA VAL E 37 9.22 14.50 -15.07
C VAL E 37 9.25 14.79 -16.57
N ILE E 38 9.61 16.03 -16.93
CA ILE E 38 9.77 16.45 -18.34
C ILE E 38 10.84 15.57 -18.99
N PRO E 39 10.57 14.94 -20.15
CA PRO E 39 11.54 14.00 -20.73
C PRO E 39 12.59 14.66 -21.61
N THR E 40 13.36 15.59 -21.07
CA THR E 40 14.50 16.25 -21.78
C THR E 40 15.54 15.16 -22.10
N GLN E 41 16.17 15.27 -23.25
CA GLN E 41 17.30 14.39 -23.69
C GLN E 41 18.56 15.25 -23.70
N ARG E 42 19.57 14.90 -22.90
CA ARG E 42 20.93 15.52 -22.94
C ARG E 42 20.77 17.05 -22.97
N ASP E 43 19.97 17.58 -22.03
CA ASP E 43 19.74 19.04 -21.78
C ASP E 43 19.33 19.79 -23.06
N ARG E 44 18.69 19.13 -24.04
CA ARG E 44 17.97 19.80 -25.15
C ARG E 44 16.53 19.97 -24.72
N PRO E 45 15.79 20.97 -25.27
CA PRO E 45 14.38 21.12 -24.91
C PRO E 45 13.56 19.97 -25.50
N VAL E 46 12.42 19.71 -24.89
CA VAL E 46 11.39 18.81 -25.49
C VAL E 46 10.71 19.60 -26.60
N ALA E 47 10.75 19.08 -27.83
CA ALA E 47 10.11 19.71 -28.99
C ALA E 47 8.65 19.27 -28.99
N VAL E 48 7.75 20.20 -28.69
CA VAL E 48 6.30 19.94 -28.68
C VAL E 48 5.73 20.56 -29.95
N SER E 49 5.03 19.77 -30.76
CA SER E 49 4.31 20.30 -31.95
C SER E 49 2.84 20.45 -31.58
N VAL E 50 2.25 21.58 -31.95
CA VAL E 50 0.83 21.91 -31.67
C VAL E 50 0.24 22.44 -32.95
N SER E 51 -0.88 21.83 -33.36
CA SER E 51 -1.72 22.32 -34.47
C SER E 51 -3.18 22.24 -34.01
N LEU E 52 -3.93 23.34 -34.14
CA LEU E 52 -5.38 23.34 -33.84
C LEU E 52 -6.12 23.04 -35.15
N LYS E 53 -7.03 22.07 -35.11
CA LYS E 53 -7.99 21.78 -36.21
C LYS E 53 -9.33 22.29 -35.72
N PHE E 54 -9.84 23.36 -36.34
CA PHE E 54 -11.08 24.01 -35.88
C PHE E 54 -12.25 23.16 -36.34
N ILE E 55 -13.17 22.88 -35.42
CA ILE E 55 -14.35 22.01 -35.67
C ILE E 55 -15.60 22.87 -35.68
N ASN E 56 -15.69 23.85 -34.80
CA ASN E 56 -16.92 24.67 -34.74
C ASN E 56 -16.62 26.01 -34.10
N ILE E 57 -17.42 27.01 -34.47
CA ILE E 57 -17.46 28.35 -33.85
C ILE E 57 -18.92 28.51 -33.41
N LEU E 58 -19.15 28.60 -32.10
CA LEU E 58 -20.48 28.30 -31.51
C LEU E 58 -21.18 29.60 -31.15
N GLU E 59 -20.44 30.50 -30.55
CA GLU E 59 -20.98 31.78 -30.08
C GLU E 59 -19.89 32.83 -30.31
N VAL E 60 -20.32 33.97 -30.82
CA VAL E 60 -19.43 35.10 -31.13
C VAL E 60 -20.14 36.31 -30.54
N ASN E 61 -19.42 37.18 -29.86
CA ASN E 61 -19.99 38.46 -29.33
C ASN E 61 -19.08 39.60 -29.78
N GLU E 62 -19.54 40.41 -30.73
CA GLU E 62 -18.73 41.51 -31.34
C GLU E 62 -18.61 42.67 -30.34
N ILE E 63 -19.58 42.81 -29.43
CA ILE E 63 -19.54 43.86 -28.36
C ILE E 63 -18.43 43.51 -27.36
N THR E 64 -18.39 42.27 -26.86
CA THR E 64 -17.46 41.85 -25.77
C THR E 64 -16.14 41.31 -26.34
N ASN E 65 -16.05 41.05 -27.64
CA ASN E 65 -14.84 40.45 -28.27
C ASN E 65 -14.56 39.09 -27.61
N GLU E 66 -15.58 38.23 -27.57
CA GLU E 66 -15.48 36.85 -27.04
C GLU E 66 -15.97 35.87 -28.10
N VAL E 67 -15.32 34.70 -28.19
CA VAL E 67 -15.72 33.62 -29.10
C VAL E 67 -15.66 32.31 -28.32
N ASP E 68 -16.58 31.41 -28.61
CA ASP E 68 -16.64 30.04 -28.05
C ASP E 68 -16.34 29.12 -29.22
N VAL E 69 -15.23 28.37 -29.16
CA VAL E 69 -14.75 27.53 -30.30
C VAL E 69 -14.59 26.09 -29.82
N VAL E 70 -14.77 25.16 -30.73
CA VAL E 70 -14.40 23.73 -30.55
C VAL E 70 -13.25 23.46 -31.50
N PHE E 71 -12.16 22.87 -31.02
CA PHE E 71 -10.99 22.51 -31.84
C PHE E 71 -10.39 21.20 -31.34
N TRP E 72 -9.75 20.48 -32.24
CA TRP E 72 -8.88 19.33 -31.92
C TRP E 72 -7.48 19.87 -31.75
N GLN E 73 -6.88 19.66 -30.58
CA GLN E 73 -5.54 20.22 -30.28
C GLN E 73 -4.54 19.10 -30.53
N GLN E 74 -4.04 18.99 -31.76
CA GLN E 74 -3.08 17.94 -32.13
C GLN E 74 -1.73 18.28 -31.48
N THR E 75 -1.27 17.41 -30.59
CA THR E 75 -0.10 17.67 -29.71
C THR E 75 0.83 16.48 -29.80
N THR E 76 2.08 16.67 -30.21
CA THR E 76 3.03 15.54 -30.33
C THR E 76 4.38 15.94 -29.72
N TRP E 77 5.04 14.95 -29.14
CA TRP E 77 6.38 15.10 -28.55
C TRP E 77 6.94 13.70 -28.39
N SER E 78 8.22 13.63 -28.08
CA SER E 78 8.94 12.36 -27.85
C SER E 78 9.22 12.20 -26.36
N ASP E 79 9.02 10.99 -25.85
CA ASP E 79 9.42 10.60 -24.48
C ASP E 79 10.07 9.22 -24.62
N ARG E 80 11.39 9.19 -24.73
CA ARG E 80 12.18 7.96 -25.01
C ARG E 80 12.00 6.95 -23.87
N THR E 81 11.60 7.38 -22.67
CA THR E 81 11.38 6.46 -21.51
C THR E 81 10.17 5.55 -21.79
N LEU E 82 9.33 5.86 -22.78
CA LEU E 82 8.14 5.04 -23.11
C LEU E 82 8.47 3.95 -24.15
N ALA E 83 9.63 4.05 -24.84
CA ALA E 83 9.92 3.29 -26.08
C ALA E 83 10.03 1.80 -25.76
N TRP E 84 9.68 0.95 -26.74
CA TRP E 84 9.86 -0.52 -26.65
C TRP E 84 10.32 -1.06 -28.01
N ASN E 85 10.88 -2.26 -28.00
CA ASN E 85 11.24 -3.01 -29.24
C ASN E 85 9.94 -3.50 -29.90
N SER E 86 9.63 -3.01 -31.10
CA SER E 86 8.36 -3.31 -31.83
C SER E 86 8.42 -4.65 -32.58
N SER E 87 9.55 -5.38 -32.56
CA SER E 87 9.63 -6.74 -33.17
C SER E 87 8.66 -7.67 -32.44
N HIS E 88 7.72 -8.26 -33.19
CA HIS E 88 6.65 -9.16 -32.66
C HIS E 88 5.85 -8.45 -31.56
N SER E 89 5.66 -7.14 -31.68
CA SER E 89 4.96 -6.29 -30.68
C SER E 89 4.09 -5.26 -31.39
N PRO E 90 3.04 -4.71 -30.74
CA PRO E 90 2.27 -3.63 -31.32
C PRO E 90 3.19 -2.45 -31.66
N ASP E 91 2.86 -1.70 -32.71
CA ASP E 91 3.64 -0.48 -33.09
C ASP E 91 3.18 0.71 -32.23
N GLN E 92 1.96 0.66 -31.71
CA GLN E 92 1.36 1.77 -30.93
C GLN E 92 0.38 1.22 -29.88
N VAL E 93 0.20 1.95 -28.78
CA VAL E 93 -0.84 1.64 -27.76
C VAL E 93 -1.54 2.93 -27.35
N SER E 94 -2.77 2.80 -26.86
CA SER E 94 -3.53 3.92 -26.27
C SER E 94 -3.28 3.94 -24.75
N VAL E 95 -2.91 5.07 -24.20
CA VAL E 95 -2.47 5.22 -22.80
C VAL E 95 -3.24 6.37 -22.17
N PRO E 96 -3.80 6.20 -20.97
CA PRO E 96 -4.41 7.33 -20.26
C PRO E 96 -3.35 8.40 -19.97
N ILE E 97 -3.68 9.66 -20.21
CA ILE E 97 -2.67 10.76 -20.02
C ILE E 97 -2.27 10.88 -18.53
N SER E 98 -3.07 10.37 -17.59
CA SER E 98 -2.68 10.34 -16.15
C SER E 98 -1.43 9.46 -15.96
N SER E 99 -1.10 8.56 -16.89
CA SER E 99 0.12 7.72 -16.82
C SER E 99 1.31 8.34 -17.58
N LEU E 100 1.20 9.54 -18.15
CA LEU E 100 2.25 10.13 -19.01
C LEU E 100 2.58 11.53 -18.49
N TRP E 101 3.82 11.96 -18.71
CA TRP E 101 4.10 13.41 -18.73
C TRP E 101 3.39 14.03 -19.92
N VAL E 102 2.71 15.14 -19.70
CA VAL E 102 2.10 15.93 -20.80
C VAL E 102 2.58 17.36 -20.66
N PRO E 103 2.82 18.08 -21.78
CA PRO E 103 3.23 19.48 -21.68
C PRO E 103 2.16 20.31 -20.99
N ASP E 104 2.60 21.26 -20.16
CA ASP E 104 1.74 22.16 -19.36
C ASP E 104 1.30 23.35 -20.23
N LEU E 105 0.61 23.06 -21.33
CA LEU E 105 0.17 24.11 -22.30
C LEU E 105 -0.98 24.90 -21.70
N ALA E 106 -1.03 26.19 -21.98
CA ALA E 106 -2.13 27.07 -21.63
C ALA E 106 -2.40 28.01 -22.81
N ALA E 107 -3.66 28.31 -23.03
CA ALA E 107 -4.05 29.35 -24.01
C ALA E 107 -4.09 30.67 -23.26
N TYR E 108 -3.17 31.58 -23.61
CA TYR E 108 -2.88 32.80 -22.82
C TYR E 108 -4.12 33.74 -22.84
N ASN E 109 -4.98 33.65 -23.86
CA ASN E 109 -6.16 34.54 -24.01
C ASN E 109 -7.45 33.74 -23.80
N ALA E 110 -7.39 32.56 -23.19
CA ALA E 110 -8.60 31.83 -22.76
C ALA E 110 -9.22 32.56 -21.58
N ILE E 111 -10.55 32.61 -21.56
CA ILE E 111 -11.33 33.20 -20.44
C ILE E 111 -12.24 32.13 -19.83
N SER E 112 -12.11 30.88 -20.22
CA SER E 112 -12.78 29.72 -19.58
C SER E 112 -11.78 28.58 -19.48
N LYS E 113 -12.01 27.65 -18.57
CA LYS E 113 -11.18 26.41 -18.49
C LYS E 113 -11.45 25.63 -19.77
N PRO E 114 -10.45 24.87 -20.30
CA PRO E 114 -10.71 24.02 -21.46
C PRO E 114 -11.70 22.92 -21.04
N GLU E 115 -12.78 22.77 -21.77
CA GLU E 115 -13.76 21.65 -21.60
C GLU E 115 -13.36 20.53 -22.54
N VAL E 116 -12.84 19.42 -22.00
CA VAL E 116 -12.35 18.31 -22.86
C VAL E 116 -13.54 17.41 -23.18
N LEU E 117 -13.85 17.25 -24.46
CA LEU E 117 -15.08 16.57 -24.92
C LEU E 117 -14.80 15.08 -25.17
N THR E 118 -13.54 14.65 -25.13
CA THR E 118 -13.12 13.32 -25.63
C THR E 118 -12.46 12.52 -24.51
N PRO E 119 -12.38 11.18 -24.65
CA PRO E 119 -11.59 10.35 -23.74
C PRO E 119 -10.15 10.84 -23.62
N GLN E 120 -9.63 10.89 -22.40
CA GLN E 120 -8.30 11.49 -22.11
C GLN E 120 -7.23 10.42 -22.25
N LEU E 121 -7.06 9.95 -23.49
CA LEU E 121 -6.08 8.94 -23.89
C LEU E 121 -5.18 9.56 -24.95
N ALA E 122 -3.92 9.15 -24.94
CA ALA E 122 -2.92 9.49 -25.95
C ALA E 122 -2.53 8.21 -26.65
N ARG E 123 -1.95 8.33 -27.83
CA ARG E 123 -1.34 7.23 -28.58
C ARG E 123 0.17 7.30 -28.31
N VAL E 124 0.76 6.18 -27.94
CA VAL E 124 2.23 6.08 -27.74
C VAL E 124 2.74 5.14 -28.83
N VAL E 125 3.70 5.60 -29.61
CA VAL E 125 4.41 4.83 -30.66
C VAL E 125 5.62 4.14 -30.01
N SER E 126 6.00 2.96 -30.51
CA SER E 126 7.10 2.14 -29.96
C SER E 126 8.42 2.92 -29.90
N ASP E 127 8.59 3.98 -30.68
CA ASP E 127 9.83 4.80 -30.63
C ASP E 127 9.73 5.90 -29.54
N GLY E 128 8.62 5.99 -28.82
CA GLY E 128 8.44 6.96 -27.73
C GLY E 128 7.73 8.24 -28.19
N GLU E 129 7.28 8.31 -29.43
CA GLU E 129 6.47 9.47 -29.87
C GLU E 129 5.10 9.35 -29.17
N VAL E 130 4.61 10.48 -28.68
CA VAL E 130 3.27 10.59 -28.06
C VAL E 130 2.42 11.48 -28.96
N LEU E 131 1.21 11.03 -29.26
CA LEU E 131 0.21 11.82 -29.99
C LEU E 131 -0.99 11.98 -29.07
N TYR E 132 -1.27 13.20 -28.64
CA TYR E 132 -2.41 13.51 -27.78
C TYR E 132 -3.27 14.54 -28.51
N MET E 133 -4.53 14.20 -28.75
CA MET E 133 -5.38 15.15 -29.53
C MET E 133 -6.75 15.24 -28.91
N PRO E 134 -6.90 16.03 -27.84
CA PRO E 134 -8.20 16.24 -27.23
C PRO E 134 -9.06 17.14 -28.11
N SER E 135 -10.37 16.89 -28.10
CA SER E 135 -11.37 17.86 -28.58
C SER E 135 -11.69 18.80 -27.42
N ILE E 136 -11.47 20.10 -27.63
CA ILE E 136 -11.65 21.11 -26.56
C ILE E 136 -12.69 22.14 -26.99
N ARG E 137 -13.59 22.47 -26.08
CA ARG E 137 -14.45 23.66 -26.20
C ARG E 137 -13.94 24.69 -25.20
N GLN E 138 -13.65 25.89 -25.68
CA GLN E 138 -13.06 26.94 -24.82
C GLN E 138 -13.49 28.31 -25.35
N ARG E 139 -13.58 29.27 -24.44
CA ARG E 139 -13.94 30.68 -24.75
CA ARG E 139 -13.94 30.68 -24.75
C ARG E 139 -12.67 31.53 -24.72
N PHE E 140 -12.56 32.47 -25.65
CA PHE E 140 -11.37 33.33 -25.84
C PHE E 140 -11.79 34.79 -25.93
N SER E 141 -10.88 35.63 -25.46
CA SER E 141 -10.83 37.09 -25.69
C SER E 141 -9.97 37.31 -26.93
N CYS E 142 -10.59 37.79 -28.02
CA CYS E 142 -9.85 38.06 -29.27
C CYS E 142 -10.66 39.02 -30.14
N ASP E 143 -10.06 39.47 -31.24
CA ASP E 143 -10.67 40.51 -32.12
C ASP E 143 -11.79 39.87 -32.94
N VAL E 144 -13.03 40.19 -32.60
CA VAL E 144 -14.25 39.69 -33.31
C VAL E 144 -14.72 40.75 -34.32
N SER E 145 -14.07 41.92 -34.36
CA SER E 145 -14.47 43.01 -35.29
C SER E 145 -14.39 42.51 -36.73
N GLY E 146 -15.44 42.78 -37.52
CA GLY E 146 -15.46 42.45 -38.96
C GLY E 146 -16.08 41.08 -39.23
N VAL E 147 -16.59 40.38 -38.20
CA VAL E 147 -17.14 39.01 -38.38
C VAL E 147 -18.27 39.01 -39.42
N ASP E 148 -19.07 40.07 -39.49
CA ASP E 148 -20.25 40.16 -40.39
C ASP E 148 -19.87 40.80 -41.73
N THR E 149 -18.59 40.89 -42.08
CA THR E 149 -18.09 41.50 -43.34
C THR E 149 -17.46 40.40 -44.22
N GLU E 150 -17.17 40.74 -45.46
CA GLU E 150 -16.59 39.80 -46.46
C GLU E 150 -15.19 39.38 -46.01
N SER E 151 -14.40 40.29 -45.43
CA SER E 151 -13.00 40.03 -45.03
C SER E 151 -12.96 39.25 -43.70
N GLY E 152 -14.05 39.31 -42.93
CA GLY E 152 -14.27 38.54 -41.70
C GLY E 152 -13.47 39.10 -40.52
N ALA E 153 -13.52 38.39 -39.38
CA ALA E 153 -12.74 38.69 -38.16
C ALA E 153 -11.49 37.82 -38.19
N THR E 154 -10.43 38.29 -37.52
CA THR E 154 -9.21 37.47 -37.27
C THR E 154 -9.01 37.38 -35.75
N CYS E 155 -9.31 36.21 -35.19
CA CYS E 155 -9.17 35.87 -33.77
C CYS E 155 -7.85 35.11 -33.57
N ARG E 156 -6.92 35.66 -32.80
CA ARG E 156 -5.57 35.11 -32.58
CA ARG E 156 -5.57 35.11 -32.58
C ARG E 156 -5.55 34.39 -31.22
N ILE E 157 -5.15 33.12 -31.23
CA ILE E 157 -5.06 32.27 -30.00
C ILE E 157 -3.60 31.92 -29.80
N LYS E 158 -3.07 32.23 -28.61
CA LYS E 158 -1.66 31.96 -28.26
C LYS E 158 -1.60 30.81 -27.24
N ILE E 159 -0.86 29.77 -27.57
CA ILE E 159 -0.72 28.56 -26.72
C ILE E 159 0.76 28.34 -26.47
N GLY E 160 1.14 28.20 -25.19
CA GLY E 160 2.54 27.93 -24.81
C GLY E 160 2.58 27.20 -23.48
N SER E 161 3.76 26.76 -23.10
CA SER E 161 4.03 26.20 -21.76
C SER E 161 3.79 27.28 -20.72
N TRP E 162 3.10 26.93 -19.63
CA TRP E 162 2.90 27.89 -18.52
C TRP E 162 4.19 28.07 -17.70
N THR E 163 5.01 27.03 -17.51
CA THR E 163 6.14 27.11 -16.55
C THR E 163 7.50 26.76 -17.18
N HIS E 164 7.55 26.22 -18.40
CA HIS E 164 8.83 25.77 -19.00
C HIS E 164 9.24 26.81 -20.07
N HIS E 165 10.41 27.42 -19.89
CA HIS E 165 11.05 28.31 -20.89
C HIS E 165 11.66 27.51 -22.03
N SER E 166 12.21 28.21 -23.04
CA SER E 166 12.63 27.65 -24.35
C SER E 166 13.74 26.63 -24.21
N ARG E 167 14.54 26.63 -23.12
CA ARG E 167 15.59 25.61 -22.97
C ARG E 167 14.99 24.30 -22.45
N GLU E 168 13.71 24.27 -22.08
CA GLU E 168 13.03 23.05 -21.55
C GLU E 168 11.93 22.58 -22.51
N ILE E 169 11.12 23.48 -23.02
CA ILE E 169 10.06 23.16 -24.02
C ILE E 169 10.17 24.13 -25.18
N SER E 170 10.23 23.62 -26.40
CA SER E 170 9.99 24.42 -27.62
C SER E 170 8.60 24.06 -28.13
N VAL E 171 7.86 25.07 -28.59
CA VAL E 171 6.52 24.87 -29.19
C VAL E 171 6.59 25.30 -30.66
N ASP E 172 6.19 24.41 -31.53
CA ASP E 172 6.30 24.60 -33.00
C ASP E 172 4.97 24.20 -33.63
N PRO E 173 4.48 24.97 -34.61
CA PRO E 173 3.37 24.52 -35.43
C PRO E 173 3.83 23.29 -36.21
N THR E 174 2.90 22.50 -36.74
CA THR E 174 3.22 21.24 -37.51
C THR E 174 3.67 21.55 -38.96
N ASP E 179 -6.07 19.15 -43.31
CA ASP E 179 -5.86 20.58 -43.04
C ASP E 179 -6.62 21.08 -41.81
N ASP E 180 -6.17 22.22 -41.36
CA ASP E 180 -6.64 22.91 -40.13
C ASP E 180 -8.14 23.25 -40.27
N SER E 181 -8.65 23.51 -41.47
CA SER E 181 -10.08 23.89 -41.68
C SER E 181 -10.89 22.70 -42.22
N GLU E 182 -10.21 21.60 -42.55
CA GLU E 182 -10.81 20.51 -43.36
C GLU E 182 -12.01 19.93 -42.62
N TYR E 183 -11.99 19.83 -41.28
CA TYR E 183 -13.01 19.13 -40.48
C TYR E 183 -13.91 20.08 -39.71
N PHE E 184 -13.97 21.31 -40.21
CA PHE E 184 -14.89 22.34 -39.69
C PHE E 184 -16.33 21.96 -40.07
N SER E 185 -17.25 22.11 -39.11
CA SER E 185 -18.66 21.74 -39.29
C SER E 185 -19.28 22.57 -40.42
N GLN E 186 -19.91 21.88 -41.37
CA GLN E 186 -20.66 22.53 -42.47
C GLN E 186 -21.92 23.19 -41.90
N TYR E 187 -22.31 22.89 -40.65
CA TYR E 187 -23.59 23.37 -40.05
C TYR E 187 -23.37 24.59 -39.16
N SER E 188 -22.14 25.00 -38.90
CA SER E 188 -21.83 26.24 -38.16
C SER E 188 -22.50 27.42 -38.88
N ARG E 189 -22.90 28.45 -38.14
CA ARG E 189 -23.34 29.75 -38.70
C ARG E 189 -22.16 30.47 -39.34
N PHE E 190 -20.93 30.03 -39.04
CA PHE E 190 -19.68 30.70 -39.49
C PHE E 190 -18.95 29.81 -40.48
N GLU E 191 -18.02 30.42 -41.21
CA GLU E 191 -17.13 29.69 -42.14
C GLU E 191 -15.72 30.23 -41.94
N ILE E 192 -14.75 29.36 -42.18
CA ILE E 192 -13.31 29.69 -42.06
C ILE E 192 -12.83 30.18 -43.42
N LEU E 193 -12.18 31.35 -43.42
CA LEU E 193 -11.54 31.94 -44.62
C LEU E 193 -10.08 31.51 -44.65
N ASP E 194 -9.43 31.46 -43.47
CA ASP E 194 -7.98 31.13 -43.40
C ASP E 194 -7.58 30.80 -41.97
N VAL E 195 -6.62 29.89 -41.83
CA VAL E 195 -5.93 29.62 -40.54
C VAL E 195 -4.43 29.68 -40.82
N THR E 196 -3.71 30.51 -40.07
CA THR E 196 -2.23 30.53 -40.09
C THR E 196 -1.76 30.25 -38.67
N GLN E 197 -0.66 29.50 -38.55
CA GLN E 197 -0.10 29.06 -37.26
C GLN E 197 1.39 29.35 -37.30
N LYS E 198 1.87 30.31 -36.48
CA LYS E 198 3.29 30.73 -36.46
C LYS E 198 3.89 30.58 -35.06
N LYS E 199 5.20 30.34 -34.99
CA LYS E 199 5.98 30.35 -33.74
C LYS E 199 6.15 31.79 -33.28
N ASN E 200 5.97 32.05 -31.97
CA ASN E 200 6.43 33.29 -31.28
C ASN E 200 7.35 32.92 -30.12
N SER E 201 8.40 33.72 -29.92
CA SER E 201 9.32 33.59 -28.77
C SER E 201 9.36 34.93 -28.03
N VAL E 202 9.01 34.91 -26.76
CA VAL E 202 8.76 36.16 -25.99
C VAL E 202 9.69 36.10 -24.79
N THR E 203 10.45 37.18 -24.61
CA THR E 203 11.19 37.41 -23.34
C THR E 203 10.48 38.57 -22.64
N TYR E 204 10.09 38.30 -21.39
CA TYR E 204 9.36 39.27 -20.54
C TYR E 204 10.38 40.01 -19.66
N SER E 205 10.13 41.25 -19.24
CA SER E 205 11.05 42.09 -18.42
C SER E 205 11.40 41.39 -17.09
N CYS E 206 10.47 40.61 -16.53
CA CYS E 206 10.59 39.91 -15.22
C CYS E 206 11.79 38.98 -15.18
N CYS E 207 12.13 38.35 -16.29
CA CYS E 207 12.77 37.01 -16.34
C CYS E 207 13.73 36.93 -17.51
N PRO E 208 14.92 36.31 -17.36
CA PRO E 208 15.91 36.29 -18.45
C PRO E 208 15.56 35.31 -19.58
N GLU E 209 14.72 34.31 -19.31
CA GLU E 209 14.49 33.19 -20.27
C GLU E 209 13.42 33.61 -21.28
N ALA E 210 13.51 33.07 -22.49
CA ALA E 210 12.45 33.19 -23.55
C ALA E 210 11.40 32.07 -23.37
N TYR E 211 10.14 32.36 -23.63
CA TYR E 211 9.02 31.40 -23.70
C TYR E 211 8.49 31.32 -25.11
N GLU E 212 8.36 30.10 -25.59
CA GLU E 212 7.79 29.87 -26.93
C GLU E 212 6.28 29.84 -26.80
N ASP E 213 5.63 30.21 -27.88
CA ASP E 213 4.17 29.94 -28.04
C ASP E 213 3.96 29.65 -29.53
N VAL E 214 2.82 29.06 -29.83
CA VAL E 214 2.26 29.03 -31.20
C VAL E 214 1.10 30.03 -31.22
N GLU E 215 1.07 30.87 -32.24
CA GLU E 215 0.01 31.87 -32.41
C GLU E 215 -0.83 31.38 -33.59
N VAL E 216 -2.09 31.07 -33.33
CA VAL E 216 -3.04 30.56 -34.35
C VAL E 216 -3.97 31.71 -34.72
N SER E 217 -3.97 32.15 -35.97
CA SER E 217 -4.85 33.24 -36.46
C SER E 217 -6.02 32.63 -37.22
N LEU E 218 -7.22 32.72 -36.66
CA LEU E 218 -8.45 32.15 -37.23
C LEU E 218 -9.21 33.30 -37.90
N ASN E 219 -9.19 33.31 -39.24
CA ASN E 219 -9.93 34.30 -40.05
C ASN E 219 -11.26 33.66 -40.42
N PHE E 220 -12.36 34.18 -39.90
CA PHE E 220 -13.70 33.55 -40.06
C PHE E 220 -14.74 34.65 -40.25
N ARG E 221 -15.90 34.26 -40.77
CA ARG E 221 -17.00 35.23 -40.95
C ARG E 221 -18.35 34.50 -40.82
N LYS E 222 -19.38 35.28 -40.53
CA LYS E 222 -20.79 34.81 -40.55
C LYS E 222 -21.16 34.49 -42.00
N LYS E 223 -21.78 33.34 -42.24
CA LYS E 223 -22.25 32.95 -43.59
C LYS E 223 -23.41 33.87 -44.02
N LEU F 20 -3.82 -16.89 -23.74
CA LEU F 20 -3.11 -16.37 -22.55
C LEU F 20 -1.64 -16.76 -22.65
N ASP F 21 -0.75 -15.92 -22.13
CA ASP F 21 0.67 -16.32 -21.97
C ASP F 21 0.95 -16.58 -20.48
N ARG F 22 2.15 -17.04 -20.17
CA ARG F 22 2.59 -17.37 -18.80
C ARG F 22 2.42 -16.15 -17.91
N ALA F 23 2.79 -14.95 -18.37
CA ALA F 23 2.72 -13.72 -17.56
C ALA F 23 1.27 -13.48 -17.11
N ASP F 24 0.31 -13.66 -18.02
CA ASP F 24 -1.13 -13.42 -17.72
C ASP F 24 -1.63 -14.45 -16.71
N ILE F 25 -1.28 -15.71 -16.90
CA ILE F 25 -1.73 -16.82 -16.01
C ILE F 25 -1.17 -16.57 -14.61
N LEU F 26 0.11 -16.26 -14.50
CA LEU F 26 0.76 -16.05 -13.18
C LEU F 26 0.19 -14.81 -12.50
N TYR F 27 -0.13 -13.77 -13.27
CA TYR F 27 -0.79 -12.54 -12.76
C TYR F 27 -2.16 -12.93 -12.18
N ASN F 28 -2.96 -13.67 -12.94
CA ASN F 28 -4.32 -14.08 -12.53
C ASN F 28 -4.23 -14.91 -11.23
N ILE F 29 -3.31 -15.86 -11.17
CA ILE F 29 -3.13 -16.72 -9.97
C ILE F 29 -2.71 -15.85 -8.78
N ARG F 30 -1.70 -14.99 -8.95
CA ARG F 30 -1.22 -14.15 -7.83
C ARG F 30 -2.38 -13.28 -7.31
N GLN F 31 -3.23 -12.76 -8.19
CA GLN F 31 -4.32 -11.83 -7.79
C GLN F 31 -5.51 -12.53 -7.14
N THR F 32 -5.82 -13.79 -7.47
CA THR F 32 -7.10 -14.45 -7.12
C THR F 32 -6.94 -15.80 -6.42
N SER F 33 -5.75 -16.35 -6.17
CA SER F 33 -5.66 -17.79 -5.78
C SER F 33 -6.18 -18.12 -4.36
N ARG F 34 -6.28 -17.14 -3.45
CA ARG F 34 -6.76 -17.28 -2.04
C ARG F 34 -5.97 -18.38 -1.32
N PRO F 35 -4.69 -18.19 -0.98
CA PRO F 35 -3.86 -19.26 -0.42
C PRO F 35 -4.32 -19.75 0.96
N ASP F 36 -5.15 -18.94 1.65
CA ASP F 36 -5.68 -19.33 2.98
C ASP F 36 -6.95 -20.13 2.84
N VAL F 37 -7.47 -20.33 1.62
CA VAL F 37 -8.83 -20.90 1.43
C VAL F 37 -8.73 -22.30 0.85
N ILE F 38 -9.07 -23.31 1.64
CA ILE F 38 -9.13 -24.72 1.17
C ILE F 38 -10.12 -24.79 0.01
N PRO F 39 -9.75 -25.38 -1.16
CA PRO F 39 -10.63 -25.36 -2.33
C PRO F 39 -11.66 -26.49 -2.34
N THR F 40 -12.47 -26.61 -1.30
CA THR F 40 -13.59 -27.58 -1.22
C THR F 40 -14.60 -27.22 -2.33
N GLN F 41 -15.21 -28.23 -2.93
CA GLN F 41 -16.37 -28.06 -3.85
C GLN F 41 -17.61 -28.59 -3.14
N ARG F 42 -18.63 -27.75 -2.92
CA ARG F 42 -19.98 -28.19 -2.46
C ARG F 42 -19.80 -29.13 -1.25
N ASP F 43 -19.00 -28.68 -0.27
CA ASP F 43 -18.73 -29.34 1.04
C ASP F 43 -18.30 -30.81 0.88
N ARG F 44 -17.65 -31.18 -0.24
CA ARG F 44 -16.91 -32.46 -0.37
C ARG F 44 -15.46 -32.21 0.06
N PRO F 45 -14.72 -33.21 0.55
CA PRO F 45 -13.34 -33.00 0.95
C PRO F 45 -12.46 -32.76 -0.28
N VAL F 46 -11.35 -32.07 -0.08
CA VAL F 46 -10.26 -32.00 -1.09
C VAL F 46 -9.51 -33.32 -1.04
N ALA F 47 -9.43 -34.01 -2.18
CA ALA F 47 -8.68 -35.28 -2.31
C ALA F 47 -7.21 -34.95 -2.53
N VAL F 48 -6.39 -35.22 -1.52
CA VAL F 48 -4.93 -35.01 -1.58
C VAL F 48 -4.28 -36.39 -1.76
N SER F 49 -3.45 -36.55 -2.78
CA SER F 49 -2.60 -37.76 -2.96
C SER F 49 -1.20 -37.47 -2.46
N VAL F 50 -0.64 -38.39 -1.68
CA VAL F 50 0.71 -38.25 -1.06
C VAL F 50 1.43 -39.58 -1.22
N SER F 51 2.63 -39.55 -1.76
CA SER F 51 3.51 -40.74 -1.90
C SER F 51 4.97 -40.33 -1.71
N LEU F 52 5.72 -41.07 -0.88
CA LEU F 52 7.13 -40.76 -0.59
C LEU F 52 7.99 -41.59 -1.56
N LYS F 53 8.94 -40.94 -2.24
CA LYS F 53 10.11 -41.59 -2.82
C LYS F 53 11.34 -41.38 -1.96
N PHE F 54 11.86 -42.46 -1.40
CA PHE F 54 13.07 -42.37 -0.54
C PHE F 54 14.31 -42.12 -1.37
N ILE F 55 15.10 -41.14 -0.95
CA ILE F 55 16.34 -40.70 -1.64
C ILE F 55 17.56 -41.12 -0.80
N ASN F 56 17.48 -40.99 0.52
CA ASN F 56 18.64 -41.31 1.36
C ASN F 56 18.21 -41.65 2.78
N ILE F 57 18.99 -42.48 3.45
CA ILE F 57 18.93 -42.79 4.89
C ILE F 57 20.31 -42.43 5.42
N LEU F 58 20.40 -41.42 6.30
CA LEU F 58 21.65 -40.67 6.52
C LEU F 58 22.31 -41.11 7.80
N GLU F 59 21.53 -41.17 8.86
CA GLU F 59 22.15 -41.16 10.23
C GLU F 59 21.25 -41.90 11.18
N VAL F 60 21.43 -43.20 11.25
CA VAL F 60 20.57 -44.12 12.03
C VAL F 60 21.24 -44.26 13.40
N ASN F 61 20.47 -44.23 14.47
CA ASN F 61 20.99 -44.42 15.84
C ASN F 61 20.17 -45.53 16.50
N GLU F 62 20.78 -46.71 16.69
CA GLU F 62 20.10 -47.91 17.24
C GLU F 62 19.91 -47.74 18.75
N ILE F 63 20.72 -46.93 19.42
CA ILE F 63 20.55 -46.60 20.87
C ILE F 63 19.29 -45.74 21.05
N THR F 64 19.13 -44.67 20.27
CA THR F 64 18.03 -43.67 20.46
C THR F 64 16.80 -44.04 19.64
N ASN F 65 16.89 -45.00 18.70
CA ASN F 65 15.76 -45.31 17.78
C ASN F 65 15.37 -44.01 17.02
N GLU F 66 16.36 -43.38 16.39
CA GLU F 66 16.16 -42.18 15.53
C GLU F 66 16.78 -42.46 14.16
N VAL F 67 16.15 -41.97 13.12
CA VAL F 67 16.66 -42.08 11.73
C VAL F 67 16.48 -40.69 11.11
N ASP F 68 17.45 -40.34 10.27
CA ASP F 68 17.44 -39.13 9.44
C ASP F 68 17.24 -39.60 8.01
N VAL F 69 16.15 -39.19 7.36
CA VAL F 69 15.80 -39.65 5.98
C VAL F 69 15.62 -38.45 5.07
N VAL F 70 15.93 -38.64 3.81
CA VAL F 70 15.63 -37.68 2.71
C VAL F 70 14.61 -38.37 1.82
N PHE F 71 13.49 -37.70 1.53
CA PHE F 71 12.44 -38.25 0.63
C PHE F 71 11.85 -37.12 -0.22
N TRP F 72 11.34 -37.49 -1.38
CA TRP F 72 10.51 -36.62 -2.22
C TRP F 72 9.07 -36.88 -1.83
N GLN F 73 8.36 -35.84 -1.41
CA GLN F 73 6.96 -35.97 -0.97
C GLN F 73 6.08 -35.58 -2.12
N GLN F 74 5.73 -36.54 -2.98
CA GLN F 74 4.90 -36.26 -4.17
C GLN F 74 3.46 -36.00 -3.69
N THR F 75 2.95 -34.79 -3.95
CA THR F 75 1.69 -34.27 -3.39
C THR F 75 0.84 -33.70 -4.52
N THR F 76 -0.38 -34.18 -4.72
CA THR F 76 -1.25 -33.65 -5.79
C THR F 76 -2.66 -33.43 -5.25
N TRP F 77 -3.33 -32.43 -5.80
CA TRP F 77 -4.73 -32.09 -5.47
C TRP F 77 -5.22 -31.16 -6.57
N SER F 78 -6.53 -30.91 -6.58
CA SER F 78 -7.18 -30.01 -7.54
CA SER F 78 -7.18 -30.01 -7.54
C SER F 78 -7.61 -28.72 -6.83
N ASP F 79 -7.39 -27.58 -7.49
CA ASP F 79 -7.92 -26.27 -7.06
C ASP F 79 -8.48 -25.61 -8.30
N ARG F 80 -9.78 -25.74 -8.52
CA ARG F 80 -10.48 -25.25 -9.74
C ARG F 80 -10.35 -23.73 -9.87
N THR F 81 -10.07 -23.00 -8.79
CA THR F 81 -9.90 -21.53 -8.85
C THR F 81 -8.63 -21.18 -9.64
N LEU F 82 -7.74 -22.12 -9.88
CA LEU F 82 -6.46 -21.86 -10.61
C LEU F 82 -6.64 -22.08 -12.12
N ALA F 83 -7.73 -22.73 -12.55
CA ALA F 83 -7.87 -23.30 -13.91
C ALA F 83 -7.94 -22.18 -14.95
N TRP F 84 -7.46 -22.45 -16.17
CA TRP F 84 -7.57 -21.51 -17.33
C TRP F 84 -7.85 -22.31 -18.59
N ASN F 85 -8.34 -21.65 -19.62
CA ASN F 85 -8.53 -22.23 -20.98
C ASN F 85 -7.15 -22.45 -21.62
N SER F 86 -6.75 -23.69 -21.88
CA SER F 86 -5.40 -24.04 -22.42
C SER F 86 -5.33 -23.88 -23.95
N SER F 87 -6.42 -23.52 -24.64
CA SER F 87 -6.40 -23.26 -26.10
C SER F 87 -5.48 -22.05 -26.37
N HIS F 88 -4.44 -22.26 -27.18
CA HIS F 88 -3.41 -21.23 -27.52
C HIS F 88 -2.76 -20.67 -26.24
N SER F 89 -2.60 -21.50 -25.22
CA SER F 89 -2.02 -21.14 -23.90
C SER F 89 -1.10 -22.25 -23.42
N PRO F 90 -0.14 -21.98 -22.51
CA PRO F 90 0.62 -23.04 -21.86
C PRO F 90 -0.34 -24.04 -21.18
N ASP F 91 0.03 -25.31 -21.13
CA ASP F 91 -0.78 -26.35 -20.46
C ASP F 91 -0.46 -26.36 -18.95
N GLN F 92 0.72 -25.85 -18.57
CA GLN F 92 1.19 -25.87 -17.16
C GLN F 92 2.06 -24.64 -16.87
N VAL F 93 2.10 -24.19 -15.62
CA VAL F 93 3.04 -23.14 -15.16
C VAL F 93 3.64 -23.54 -13.82
N SER F 94 4.80 -22.98 -13.50
CA SER F 94 5.45 -23.12 -12.18
C SER F 94 5.04 -21.93 -11.32
N VAL F 95 4.56 -22.22 -10.12
CA VAL F 95 4.01 -21.16 -9.22
C VAL F 95 4.66 -21.32 -7.85
N PRO F 96 5.13 -20.23 -7.22
CA PRO F 96 5.57 -20.30 -5.84
C PRO F 96 4.44 -20.74 -4.92
N ILE F 97 4.70 -21.64 -3.99
CA ILE F 97 3.62 -22.17 -3.10
C ILE F 97 3.08 -21.05 -2.19
N SER F 98 3.79 -19.95 -1.99
CA SER F 98 3.25 -18.79 -1.22
C SER F 98 2.05 -18.18 -1.96
N SER F 99 1.89 -18.42 -3.27
CA SER F 99 0.74 -17.92 -4.07
C SER F 99 -0.37 -18.95 -4.21
N LEU F 100 -0.30 -20.10 -3.55
CA LEU F 100 -1.28 -21.20 -3.70
C LEU F 100 -1.76 -21.66 -2.35
N TRP F 101 -2.99 -22.15 -2.27
CA TRP F 101 -3.36 -23.00 -1.11
C TRP F 101 -2.57 -24.30 -1.21
N VAL F 102 -1.96 -24.73 -0.13
CA VAL F 102 -1.27 -26.05 -0.05
CA VAL F 102 -1.28 -26.06 -0.05
C VAL F 102 -1.83 -26.78 1.17
N PRO F 103 -1.99 -28.11 1.10
CA PRO F 103 -2.46 -28.86 2.26
C PRO F 103 -1.44 -28.70 3.41
N ASP F 104 -1.97 -28.57 4.63
CA ASP F 104 -1.20 -28.41 5.88
C ASP F 104 -0.77 -29.79 6.39
N LEU F 105 -0.05 -30.55 5.57
CA LEU F 105 0.45 -31.89 5.90
C LEU F 105 1.57 -31.79 6.92
N ALA F 106 1.60 -32.75 7.83
CA ALA F 106 2.68 -32.91 8.80
C ALA F 106 2.95 -34.39 8.96
N ALA F 107 4.20 -34.73 9.22
CA ALA F 107 4.61 -36.08 9.71
C ALA F 107 4.42 -36.11 11.22
N TYR F 108 3.42 -36.90 11.67
CA TYR F 108 2.93 -36.89 13.06
C TYR F 108 4.04 -37.40 14.01
N ASN F 109 5.01 -38.19 13.55
CA ASN F 109 6.06 -38.78 14.40
C ASN F 109 7.43 -38.15 14.07
N ALA F 110 7.47 -36.98 13.42
CA ALA F 110 8.73 -36.28 13.21
C ALA F 110 9.25 -35.73 14.54
N ILE F 111 10.56 -35.72 14.71
CA ILE F 111 11.22 -35.10 15.90
C ILE F 111 12.15 -33.96 15.48
N SER F 112 12.09 -33.55 14.22
CA SER F 112 12.76 -32.32 13.72
C SER F 112 11.81 -31.62 12.76
N LYS F 113 12.00 -30.33 12.52
CA LYS F 113 11.21 -29.62 11.48
C LYS F 113 11.62 -30.19 10.12
N PRO F 114 10.71 -30.23 9.14
CA PRO F 114 11.08 -30.67 7.80
C PRO F 114 12.09 -29.65 7.22
N GLU F 115 13.23 -30.11 6.77
CA GLU F 115 14.25 -29.28 6.05
C GLU F 115 13.97 -29.43 4.56
N VAL F 116 13.42 -28.41 3.92
CA VAL F 116 13.06 -28.48 2.48
C VAL F 116 14.32 -28.13 1.67
N LEU F 117 14.77 -29.07 0.84
CA LEU F 117 16.07 -28.95 0.14
C LEU F 117 15.88 -28.30 -1.23
N THR F 118 14.65 -28.11 -1.68
CA THR F 118 14.34 -27.77 -3.08
C THR F 118 13.62 -26.42 -3.13
N PRO F 119 13.64 -25.75 -4.29
CA PRO F 119 12.85 -24.52 -4.51
C PRO F 119 11.36 -24.78 -4.23
N GLN F 120 10.72 -23.86 -3.53
CA GLN F 120 9.32 -24.05 -3.05
C GLN F 120 8.36 -23.57 -4.14
N LEU F 121 8.34 -24.32 -5.23
CA LEU F 121 7.46 -24.08 -6.41
C LEU F 121 6.64 -25.35 -6.63
N ALA F 122 5.42 -25.17 -7.09
CA ALA F 122 4.55 -26.28 -7.53
C ALA F 122 4.33 -26.09 -9.04
N ARG F 123 3.87 -27.16 -9.67
CA ARG F 123 3.40 -27.11 -11.08
C ARG F 123 1.88 -27.03 -11.04
N VAL F 124 1.30 -26.11 -11.77
CA VAL F 124 -0.18 -25.97 -11.88
C VAL F 124 -0.56 -26.29 -13.32
N VAL F 125 -1.45 -27.24 -13.50
CA VAL F 125 -2.02 -27.64 -14.82
C VAL F 125 -3.24 -26.77 -15.10
N SER F 126 -3.53 -26.50 -16.38
CA SER F 126 -4.63 -25.62 -16.82
C SER F 126 -5.99 -26.11 -16.29
N ASP F 127 -6.12 -27.38 -15.90
CA ASP F 127 -7.41 -27.87 -15.33
C ASP F 127 -7.47 -27.64 -13.81
N GLY F 128 -6.44 -27.05 -13.21
CA GLY F 128 -6.43 -26.75 -11.76
C GLY F 128 -5.73 -27.83 -10.94
N GLU F 129 -5.16 -28.86 -11.58
CA GLU F 129 -4.38 -29.85 -10.82
C GLU F 129 -3.07 -29.17 -10.38
N VAL F 130 -2.69 -29.42 -9.13
CA VAL F 130 -1.41 -28.92 -8.56
C VAL F 130 -0.54 -30.12 -8.25
N LEU F 131 0.72 -30.03 -8.66
CA LEU F 131 1.73 -31.08 -8.36
C LEU F 131 2.85 -30.40 -7.57
N TYR F 132 3.02 -30.78 -6.33
CA TYR F 132 4.05 -30.20 -5.44
C TYR F 132 4.90 -31.34 -4.91
N MET F 133 6.20 -31.29 -5.10
CA MET F 133 7.07 -32.41 -4.65
C MET F 133 8.33 -31.86 -4.05
N PRO F 134 8.29 -31.44 -2.77
CA PRO F 134 9.50 -31.01 -2.09
C PRO F 134 10.38 -32.22 -1.77
N SER F 135 11.69 -31.99 -1.82
CA SER F 135 12.70 -32.89 -1.23
C SER F 135 12.87 -32.49 0.21
N ILE F 136 12.60 -33.42 1.13
CA ILE F 136 12.61 -33.12 2.60
C ILE F 136 13.62 -34.01 3.29
N ARG F 137 14.43 -33.41 4.15
CA ARG F 137 15.25 -34.13 5.14
C ARG F 137 14.60 -33.94 6.50
N GLN F 138 14.35 -35.03 7.21
CA GLN F 138 13.62 -34.98 8.50
C GLN F 138 14.04 -36.17 9.35
N ARG F 139 13.99 -35.98 10.67
CA ARG F 139 14.35 -37.03 11.66
C ARG F 139 13.07 -37.58 12.25
N PHE F 140 13.06 -38.90 12.47
CA PHE F 140 11.88 -39.65 12.96
C PHE F 140 12.32 -40.54 14.12
N SER F 141 11.38 -40.69 15.04
CA SER F 141 11.39 -41.66 16.14
C SER F 141 10.65 -42.88 15.61
N CYS F 142 11.37 -43.96 15.42
CA CYS F 142 10.79 -45.18 14.83
C CYS F 142 11.73 -46.33 15.16
N ASP F 143 11.25 -47.53 14.84
CA ASP F 143 11.92 -48.78 15.26
C ASP F 143 13.15 -49.01 14.37
N VAL F 144 14.34 -48.83 14.96
CA VAL F 144 15.64 -49.04 14.26
C VAL F 144 16.15 -50.44 14.59
N SER F 145 15.48 -51.19 15.48
CA SER F 145 15.91 -52.54 15.89
C SER F 145 15.95 -53.44 14.63
N GLY F 146 17.06 -54.19 14.48
CA GLY F 146 17.19 -55.14 13.37
C GLY F 146 17.86 -54.53 12.16
N VAL F 147 18.32 -53.28 12.23
CA VAL F 147 18.93 -52.60 11.05
C VAL F 147 20.16 -53.38 10.56
N ASP F 148 20.91 -54.02 11.44
CA ASP F 148 22.17 -54.75 11.11
C ASP F 148 21.88 -56.23 10.85
N THR F 149 20.63 -56.63 10.61
CA THR F 149 20.21 -58.03 10.34
C THR F 149 19.72 -58.15 8.90
N GLU F 150 19.53 -59.38 8.44
CA GLU F 150 19.11 -59.65 7.04
C GLU F 150 17.68 -59.12 6.83
N SER F 151 16.80 -59.24 7.84
CA SER F 151 15.38 -58.82 7.72
C SER F 151 15.24 -57.30 7.88
N GLY F 152 16.24 -56.66 8.47
CA GLY F 152 16.36 -55.18 8.56
C GLY F 152 15.43 -54.57 9.60
N ALA F 153 15.42 -53.23 9.68
CA ALA F 153 14.50 -52.45 10.54
C ALA F 153 13.28 -52.01 9.70
N THR F 154 12.15 -51.76 10.34
CA THR F 154 10.94 -51.14 9.73
C THR F 154 10.60 -49.84 10.48
N CYS F 155 10.84 -48.72 9.81
CA CYS F 155 10.52 -47.35 10.26
C CYS F 155 9.19 -46.88 9.67
N ARG F 156 8.19 -46.58 10.50
CA ARG F 156 6.84 -46.14 10.00
C ARG F 156 6.72 -44.61 10.09
N ILE F 157 6.35 -43.95 9.02
CA ILE F 157 6.15 -42.46 8.97
C ILE F 157 4.69 -42.20 8.63
N LYS F 158 4.01 -41.39 9.44
CA LYS F 158 2.56 -41.10 9.32
C LYS F 158 2.39 -39.63 8.89
N ILE F 159 1.74 -39.40 7.77
CA ILE F 159 1.55 -38.02 7.21
C ILE F 159 0.07 -37.75 7.00
N GLY F 160 -0.42 -36.64 7.58
CA GLY F 160 -1.78 -36.19 7.34
C GLY F 160 -1.92 -34.70 7.64
N SER F 161 -3.11 -34.18 7.45
CA SER F 161 -3.44 -32.75 7.72
C SER F 161 -3.29 -32.50 9.22
N TRP F 162 -2.69 -31.38 9.59
CA TRP F 162 -2.63 -30.95 11.00
C TRP F 162 -3.98 -30.43 11.50
N THR F 163 -4.79 -29.74 10.66
CA THR F 163 -6.00 -29.04 11.15
C THR F 163 -7.27 -29.40 10.37
N HIS F 164 -7.19 -30.09 9.24
CA HIS F 164 -8.38 -30.39 8.40
C HIS F 164 -8.76 -31.86 8.54
N HIS F 165 -9.93 -32.13 9.12
CA HIS F 165 -10.42 -33.50 9.36
C HIS F 165 -10.95 -34.09 8.05
N SER F 166 -11.41 -35.34 8.11
CA SER F 166 -11.74 -36.19 6.94
C SER F 166 -12.86 -35.58 6.08
N ARG F 167 -13.71 -34.70 6.58
CA ARG F 167 -14.77 -34.04 5.76
C ARG F 167 -14.16 -32.89 4.95
N GLU F 168 -12.93 -32.49 5.22
CA GLU F 168 -12.26 -31.33 4.55
C GLU F 168 -11.10 -31.80 3.67
N ILE F 169 -10.28 -32.71 4.18
CA ILE F 169 -9.14 -33.29 3.41
C ILE F 169 -9.22 -34.81 3.52
N SER F 170 -9.16 -35.49 2.37
CA SER F 170 -8.90 -36.94 2.31
C SER F 170 -7.48 -37.13 1.81
N VAL F 171 -6.79 -38.14 2.34
CA VAL F 171 -5.40 -38.46 1.99
C VAL F 171 -5.40 -39.87 1.41
N ASP F 172 -4.84 -40.02 0.22
CA ASP F 172 -4.70 -41.32 -0.50
C ASP F 172 -3.28 -41.46 -0.99
N PRO F 173 -2.71 -42.68 -1.01
CA PRO F 173 -1.46 -42.91 -1.72
C PRO F 173 -1.68 -42.63 -3.19
N THR F 174 -0.64 -42.08 -3.85
CA THR F 174 -0.66 -41.73 -5.29
C THR F 174 -0.60 -43.05 -6.07
N THR F 175 -0.94 -43.01 -7.35
CA THR F 175 -0.87 -44.17 -8.26
C THR F 175 0.59 -44.54 -8.54
N GLU F 176 1.50 -43.57 -8.67
CA GLU F 176 2.95 -43.78 -9.00
C GLU F 176 3.40 -45.14 -8.47
N ASN F 177 3.90 -46.02 -9.34
CA ASN F 177 4.35 -47.38 -8.97
C ASN F 177 5.65 -47.65 -9.72
N SER F 178 6.73 -47.06 -9.24
CA SER F 178 8.11 -47.39 -9.66
C SER F 178 8.79 -48.20 -8.55
N ASP F 179 9.98 -48.72 -8.86
CA ASP F 179 10.89 -49.44 -7.92
C ASP F 179 11.06 -48.59 -6.65
N ASP F 180 10.96 -49.20 -5.45
CA ASP F 180 11.15 -48.53 -4.14
C ASP F 180 12.52 -47.83 -4.06
N SER F 181 13.54 -48.34 -4.76
CA SER F 181 14.93 -47.82 -4.75
C SER F 181 15.22 -47.00 -6.00
N GLU F 182 14.20 -46.64 -6.79
CA GLU F 182 14.42 -46.04 -8.13
C GLU F 182 15.24 -44.74 -7.99
N TYR F 183 14.98 -43.92 -6.97
CA TYR F 183 15.71 -42.63 -6.79
C TYR F 183 16.65 -42.70 -5.59
N PHE F 184 16.75 -43.86 -4.95
CA PHE F 184 17.52 -44.01 -3.70
C PHE F 184 19.01 -43.95 -4.00
N SER F 185 19.77 -43.21 -3.20
CA SER F 185 21.22 -43.02 -3.37
C SER F 185 21.95 -44.37 -3.27
N GLN F 186 22.78 -44.67 -4.25
CA GLN F 186 23.65 -45.86 -4.25
C GLN F 186 24.75 -45.69 -3.19
N TYR F 187 24.97 -44.47 -2.67
CA TYR F 187 26.10 -44.16 -1.76
C TYR F 187 25.67 -44.17 -0.29
N SER F 188 24.38 -44.35 0.00
CA SER F 188 23.88 -44.56 1.38
C SER F 188 24.61 -45.76 1.99
N ARG F 189 24.84 -45.74 3.31
CA ARG F 189 25.31 -46.93 4.07
C ARG F 189 24.20 -47.99 4.12
N PHE F 190 22.96 -47.61 3.77
CA PHE F 190 21.77 -48.47 3.91
C PHE F 190 21.22 -48.82 2.54
N GLU F 191 20.36 -49.84 2.53
CA GLU F 191 19.61 -50.22 1.31
C GLU F 191 18.16 -50.46 1.74
N ILE F 192 17.25 -50.25 0.80
CA ILE F 192 15.80 -50.42 1.01
C ILE F 192 15.44 -51.85 0.61
N LEU F 193 14.75 -52.55 1.51
CA LEU F 193 14.22 -53.91 1.26
C LEU F 193 12.78 -53.80 0.78
N ASP F 194 12.01 -52.85 1.31
CA ASP F 194 10.58 -52.69 0.93
C ASP F 194 10.05 -51.33 1.41
N VAL F 195 9.12 -50.79 0.63
CA VAL F 195 8.29 -49.63 1.06
C VAL F 195 6.84 -50.01 0.82
N THR F 196 6.00 -49.92 1.85
CA THR F 196 4.54 -50.05 1.72
C THR F 196 3.90 -48.76 2.23
N GLN F 197 2.78 -48.36 1.63
CA GLN F 197 2.06 -47.12 1.97
C GLN F 197 0.58 -47.49 2.09
N LYS F 198 -0.01 -47.34 3.29
CA LYS F 198 -1.45 -47.63 3.52
C LYS F 198 -2.19 -46.40 4.05
N LYS F 199 -3.45 -46.28 3.65
CA LYS F 199 -4.40 -45.27 4.15
C LYS F 199 -4.78 -45.62 5.59
N ASN F 200 -4.81 -44.63 6.48
CA ASN F 200 -5.33 -44.81 7.86
C ASN F 200 -6.10 -43.56 8.26
N SER F 201 -6.66 -43.61 9.45
CA SER F 201 -7.46 -42.54 10.09
C SER F 201 -6.98 -42.40 11.54
N VAL F 202 -6.75 -41.17 12.02
CA VAL F 202 -6.34 -40.89 13.42
C VAL F 202 -7.38 -39.95 14.06
N THR F 203 -7.58 -40.08 15.37
CA THR F 203 -8.43 -39.17 16.19
C THR F 203 -7.57 -38.56 17.31
N TYR F 204 -7.75 -37.29 17.64
CA TYR F 204 -7.01 -36.64 18.77
C TYR F 204 -7.98 -36.52 19.95
N SER F 205 -7.45 -36.57 21.18
CA SER F 205 -8.20 -36.73 22.46
C SER F 205 -9.16 -35.56 22.67
N CYS F 206 -8.83 -34.33 22.24
CA CYS F 206 -9.62 -33.10 22.60
C CYS F 206 -11.05 -33.20 22.01
N CYS F 207 -11.17 -33.82 20.83
CA CYS F 207 -12.13 -33.43 19.77
C CYS F 207 -12.61 -34.67 19.01
N PRO F 208 -13.86 -34.70 18.52
CA PRO F 208 -14.45 -35.90 17.91
C PRO F 208 -13.95 -36.23 16.50
N GLU F 209 -13.38 -35.28 15.76
CA GLU F 209 -13.17 -35.48 14.28
C GLU F 209 -12.00 -36.43 13.95
N ALA F 210 -12.11 -37.21 12.90
CA ALA F 210 -11.04 -38.12 12.42
C ALA F 210 -10.25 -37.41 11.31
N TYR F 211 -8.95 -37.67 11.22
CA TYR F 211 -8.00 -37.11 10.22
C TYR F 211 -7.46 -38.26 9.40
N GLU F 212 -7.50 -38.17 8.08
CA GLU F 212 -6.94 -39.24 7.22
C GLU F 212 -5.43 -39.07 7.11
N ASP F 213 -4.73 -40.18 7.00
CA ASP F 213 -3.26 -40.15 6.91
C ASP F 213 -2.81 -41.25 5.95
N VAL F 214 -1.58 -41.11 5.50
CA VAL F 214 -0.86 -42.24 4.84
C VAL F 214 0.20 -42.70 5.82
N GLU F 215 0.29 -43.99 6.04
CA GLU F 215 1.34 -44.61 6.88
C GLU F 215 2.32 -45.30 5.94
N VAL F 216 3.56 -44.83 5.94
CA VAL F 216 4.62 -45.31 5.04
C VAL F 216 5.57 -46.19 5.87
N SER F 217 5.69 -47.46 5.53
CA SER F 217 6.63 -48.40 6.21
C SER F 217 7.91 -48.56 5.39
N LEU F 218 9.02 -48.06 5.89
CA LEU F 218 10.35 -48.17 5.26
C LEU F 218 11.11 -49.34 5.90
N ASN F 219 11.22 -50.45 5.17
CA ASN F 219 12.01 -51.63 5.62
C ASN F 219 13.40 -51.48 5.00
N PHE F 220 14.42 -51.29 5.82
CA PHE F 220 15.80 -51.03 5.33
C PHE F 220 16.82 -51.74 6.22
N ARG F 221 18.04 -51.87 5.72
CA ARG F 221 19.14 -52.49 6.50
C ARG F 221 20.47 -51.88 6.11
N LYS F 222 21.46 -52.03 6.98
CA LYS F 222 22.87 -51.66 6.75
C LYS F 222 23.42 -52.59 5.67
N LYS F 223 24.11 -52.03 4.68
CA LYS F 223 24.86 -52.83 3.68
C LYS F 223 26.04 -53.47 4.41
N LEU G 20 -22.67 -17.78 4.65
CA LEU G 20 -21.24 -17.49 4.41
C LEU G 20 -20.54 -18.76 3.96
N ASP G 21 -19.54 -18.68 3.11
CA ASP G 21 -18.65 -19.81 2.81
C ASP G 21 -17.29 -19.55 3.45
N ARG G 22 -16.38 -20.52 3.35
CA ARG G 22 -15.02 -20.45 3.93
C ARG G 22 -14.31 -19.21 3.41
N ALA G 23 -14.39 -18.93 2.11
CA ALA G 23 -13.68 -17.80 1.49
C ALA G 23 -14.12 -16.49 2.15
N ASP G 24 -15.42 -16.32 2.41
CA ASP G 24 -15.96 -15.07 3.01
C ASP G 24 -15.47 -14.94 4.45
N ILE G 25 -15.55 -16.02 5.21
CA ILE G 25 -15.13 -16.03 6.65
C ILE G 25 -13.64 -15.69 6.74
N LEU G 26 -12.81 -16.33 5.92
CA LEU G 26 -11.34 -16.12 5.98
C LEU G 26 -10.99 -14.69 5.52
N TYR G 27 -11.73 -14.17 4.53
CA TYR G 27 -11.59 -12.76 4.09
C TYR G 27 -11.92 -11.82 5.26
N ASN G 28 -13.06 -12.04 5.92
CA ASN G 28 -13.52 -11.18 7.05
C ASN G 28 -12.46 -11.19 8.17
N ILE G 29 -11.96 -12.38 8.52
CA ILE G 29 -10.93 -12.52 9.59
C ILE G 29 -9.65 -11.79 9.16
N ARG G 30 -9.16 -12.03 7.95
CA ARG G 30 -7.89 -11.41 7.48
C ARG G 30 -8.06 -9.87 7.50
N GLN G 31 -9.23 -9.36 7.10
CA GLN G 31 -9.45 -7.88 6.96
C GLN G 31 -9.65 -7.18 8.29
N THR G 32 -10.15 -7.85 9.34
CA THR G 32 -10.51 -7.20 10.64
C THR G 32 -9.71 -7.77 11.81
N SER G 33 -8.72 -8.57 11.41
CA SER G 33 -7.69 -9.19 12.27
C SER G 33 -6.91 -8.06 12.90
N ARG G 34 -7.05 -8.01 14.21
CA ARG G 34 -6.20 -7.21 15.12
C ARG G 34 -5.34 -8.18 15.93
N PRO G 35 -4.29 -8.79 15.33
CA PRO G 35 -3.49 -9.82 16.03
C PRO G 35 -2.73 -9.29 17.24
N ASP G 36 -2.56 -7.96 17.31
CA ASP G 36 -1.83 -7.31 18.43
C ASP G 36 -2.80 -7.01 19.58
N VAL G 37 -4.10 -7.26 19.42
CA VAL G 37 -5.13 -6.79 20.40
C VAL G 37 -5.69 -7.98 21.17
N ILE G 38 -5.37 -8.04 22.46
CA ILE G 38 -5.91 -9.09 23.38
C ILE G 38 -7.43 -8.95 23.40
N PRO G 39 -8.20 -10.04 23.16
CA PRO G 39 -9.67 -9.92 23.09
C PRO G 39 -10.38 -10.00 24.44
N THR G 40 -10.03 -9.10 25.36
CA THR G 40 -10.72 -9.00 26.68
C THR G 40 -12.18 -8.60 26.43
N GLN G 41 -13.10 -9.15 27.22
CA GLN G 41 -14.55 -8.81 27.17
C GLN G 41 -14.86 -8.08 28.48
N ARG G 42 -15.32 -6.83 28.43
CA ARG G 42 -15.83 -6.09 29.62
C ARG G 42 -14.84 -6.24 30.77
N ASP G 43 -13.55 -5.98 30.48
CA ASP G 43 -12.40 -5.96 31.43
C ASP G 43 -12.33 -7.24 32.28
N ARG G 44 -12.80 -8.39 31.77
CA ARG G 44 -12.48 -9.73 32.35
C ARG G 44 -11.24 -10.25 31.65
N PRO G 45 -10.44 -11.14 32.29
CA PRO G 45 -9.27 -11.70 31.63
C PRO G 45 -9.70 -12.65 30.50
N VAL G 46 -8.83 -12.84 29.53
CA VAL G 46 -8.98 -13.92 28.54
C VAL G 46 -8.61 -15.24 29.21
N ALA G 47 -9.53 -16.20 29.21
CA ALA G 47 -9.32 -17.53 29.82
C ALA G 47 -8.59 -18.42 28.80
N VAL G 48 -7.34 -18.71 29.04
CA VAL G 48 -6.50 -19.57 28.17
C VAL G 48 -6.35 -20.94 28.84
N SER G 49 -6.72 -22.01 28.14
CA SER G 49 -6.47 -23.39 28.62
C SER G 49 -5.24 -23.96 27.92
N VAL G 50 -4.34 -24.58 28.66
CA VAL G 50 -3.04 -25.08 28.16
C VAL G 50 -2.81 -26.46 28.75
N SER G 51 -2.51 -27.44 27.89
CA SER G 51 -2.11 -28.82 28.29
C SER G 51 -0.99 -29.30 27.37
N LEU G 52 0.08 -29.87 27.94
CA LEU G 52 1.16 -30.48 27.11
C LEU G 52 0.87 -31.98 26.95
N LYS G 53 0.88 -32.48 25.72
CA LYS G 53 0.90 -33.93 25.41
C LYS G 53 2.30 -34.31 24.97
N PHE G 54 3.00 -35.11 25.77
CA PHE G 54 4.41 -35.44 25.48
C PHE G 54 4.45 -36.49 24.38
N ILE G 55 5.31 -36.26 23.40
CA ILE G 55 5.49 -37.12 22.20
C ILE G 55 6.82 -37.87 22.29
N ASN G 56 7.87 -37.18 22.74
CA ASN G 56 9.19 -37.84 22.81
C ASN G 56 10.06 -37.11 23.84
N ILE G 57 11.01 -37.86 24.41
CA ILE G 57 12.10 -37.32 25.26
C ILE G 57 13.37 -37.75 24.53
N LEU G 58 14.13 -36.78 24.03
CA LEU G 58 15.17 -37.02 22.98
C LEU G 58 16.56 -37.06 23.63
N GLU G 59 16.80 -36.17 24.59
CA GLU G 59 18.10 -36.07 25.27
C GLU G 59 17.81 -35.72 26.72
N VAL G 60 18.52 -36.40 27.63
CA VAL G 60 18.45 -36.15 29.06
C VAL G 60 19.89 -36.06 29.54
N ASN G 61 20.20 -35.09 30.39
CA ASN G 61 21.57 -34.98 30.98
C ASN G 61 21.41 -34.82 32.48
N GLU G 62 21.75 -35.87 33.25
CA GLU G 62 21.57 -35.89 34.73
C GLU G 62 22.62 -34.99 35.39
N ILE G 63 23.77 -34.80 34.75
CA ILE G 63 24.85 -33.88 35.25
C ILE G 63 24.36 -32.43 35.15
N THR G 64 23.82 -32.00 33.99
CA THR G 64 23.45 -30.59 33.72
C THR G 64 22.00 -30.31 34.11
N ASN G 65 21.19 -31.34 34.39
CA ASN G 65 19.74 -31.19 34.65
C ASN G 65 19.07 -30.48 33.46
N GLU G 66 19.26 -31.03 32.27
CA GLU G 66 18.64 -30.52 31.02
C GLU G 66 17.92 -31.67 30.32
N VAL G 67 16.77 -31.36 29.73
CA VAL G 67 16.00 -32.35 28.92
C VAL G 67 15.60 -31.67 27.61
N ASP G 68 15.60 -32.42 26.52
CA ASP G 68 15.13 -31.99 25.19
C ASP G 68 13.88 -32.83 24.90
N VAL G 69 12.72 -32.21 24.76
CA VAL G 69 11.41 -32.91 24.67
C VAL G 69 10.67 -32.42 23.44
N VAL G 70 9.82 -33.28 22.89
CA VAL G 70 8.83 -32.91 21.85
C VAL G 70 7.45 -33.07 22.49
N PHE G 71 6.60 -32.04 22.41
CA PHE G 71 5.24 -32.08 22.98
C PHE G 71 4.28 -31.32 22.08
N TRP G 72 3.01 -31.69 22.15
CA TRP G 72 1.90 -30.94 21.52
C TRP G 72 1.35 -29.98 22.56
N GLN G 73 1.36 -28.69 22.30
CA GLN G 73 0.93 -27.66 23.27
C GLN G 73 -0.52 -27.30 22.96
N GLN G 74 -1.47 -28.02 23.53
CA GLN G 74 -2.90 -27.81 23.26
C GLN G 74 -3.35 -26.51 23.96
N THR G 75 -3.76 -25.51 23.16
CA THR G 75 -4.03 -24.15 23.64
C THR G 75 -5.39 -23.71 23.13
N THR G 76 -6.30 -23.32 24.02
CA THR G 76 -7.64 -22.85 23.62
C THR G 76 -8.00 -21.56 24.35
N TRP G 77 -8.78 -20.72 23.67
CA TRP G 77 -9.28 -19.45 24.21
C TRP G 77 -10.41 -18.97 23.32
N SER G 78 -11.12 -17.96 23.76
CA SER G 78 -12.23 -17.33 23.01
CA SER G 78 -12.23 -17.34 23.00
C SER G 78 -11.79 -15.95 22.51
N ASP G 79 -12.13 -15.63 21.27
CA ASP G 79 -12.00 -14.28 20.68
C ASP G 79 -13.30 -14.00 19.95
N ARG G 80 -14.23 -13.32 20.61
CA ARG G 80 -15.59 -13.06 20.09
C ARG G 80 -15.53 -12.23 18.80
N THR G 81 -14.45 -11.50 18.55
CA THR G 81 -14.31 -10.70 17.29
C THR G 81 -14.21 -11.62 16.08
N LEU G 82 -13.94 -12.92 16.27
CA LEU G 82 -13.82 -13.87 15.13
C LEU G 82 -15.18 -14.51 14.79
N ALA G 83 -16.19 -14.38 15.66
CA ALA G 83 -17.43 -15.20 15.60
C ALA G 83 -18.24 -14.85 14.36
N TRP G 84 -18.97 -15.84 13.82
CA TRP G 84 -19.91 -15.63 12.69
C TRP G 84 -21.17 -16.47 12.91
N ASN G 85 -22.24 -16.13 12.20
CA ASN G 85 -23.51 -16.91 12.18
C ASN G 85 -23.25 -18.21 11.40
N SER G 86 -23.35 -19.37 12.07
CA SER G 86 -23.02 -20.69 11.48
C SER G 86 -24.21 -21.28 10.70
N SER G 87 -25.37 -20.62 10.65
CA SER G 87 -26.54 -21.11 9.87
C SER G 87 -26.18 -21.09 8.38
N HIS G 88 -26.23 -22.24 7.72
CA HIS G 88 -25.85 -22.42 6.28
C HIS G 88 -24.41 -21.94 6.03
N SER G 89 -23.54 -22.14 7.02
CA SER G 89 -22.10 -21.72 6.98
C SER G 89 -21.26 -22.82 7.61
N PRO G 90 -19.95 -22.91 7.30
CA PRO G 90 -19.08 -23.84 8.01
C PRO G 90 -19.12 -23.53 9.51
N ASP G 91 -18.96 -24.54 10.35
CA ASP G 91 -18.92 -24.40 11.82
C ASP G 91 -17.52 -23.98 12.25
N GLN G 92 -16.49 -24.27 11.44
CA GLN G 92 -15.06 -24.04 11.81
C GLN G 92 -14.24 -23.78 10.56
N VAL G 93 -13.13 -23.03 10.69
CA VAL G 93 -12.16 -22.83 9.59
C VAL G 93 -10.75 -22.92 10.17
N SER G 94 -9.79 -23.22 9.30
CA SER G 94 -8.34 -23.22 9.64
C SER G 94 -7.77 -21.85 9.27
N VAL G 95 -7.07 -21.20 10.19
CA VAL G 95 -6.61 -19.80 10.01
C VAL G 95 -5.14 -19.73 10.36
N PRO G 96 -4.31 -19.09 9.54
CA PRO G 96 -2.91 -18.87 9.91
C PRO G 96 -2.82 -18.02 11.19
N ILE G 97 -1.94 -18.40 12.12
CA ILE G 97 -1.87 -17.67 13.41
C ILE G 97 -1.37 -16.24 13.20
N SER G 98 -0.71 -15.93 12.07
CA SER G 98 -0.32 -14.52 11.76
C SER G 98 -1.57 -13.65 11.60
N SER G 99 -2.74 -14.21 11.34
CA SER G 99 -4.01 -13.44 11.22
C SER G 99 -4.81 -13.38 12.54
N LEU G 100 -4.30 -13.94 13.64
CA LEU G 100 -5.05 -14.03 14.93
C LEU G 100 -4.22 -13.45 16.06
N TRP G 101 -4.90 -12.91 17.07
CA TRP G 101 -4.24 -12.77 18.39
C TRP G 101 -3.99 -14.16 18.95
N VAL G 102 -2.79 -14.41 19.45
CA VAL G 102 -2.46 -15.65 20.18
CA VAL G 102 -2.48 -15.66 20.19
C VAL G 102 -1.86 -15.25 21.51
N PRO G 103 -2.12 -16.00 22.59
CA PRO G 103 -1.51 -15.71 23.88
C PRO G 103 0.01 -15.77 23.81
N ASP G 104 0.66 -14.82 24.47
CA ASP G 104 2.14 -14.69 24.50
C ASP G 104 2.72 -15.64 25.57
N LEU G 105 2.43 -16.92 25.47
CA LEU G 105 2.88 -17.95 26.41
C LEU G 105 4.39 -18.19 26.25
N ALA G 106 5.04 -18.42 27.37
CA ALA G 106 6.47 -18.77 27.42
C ALA G 106 6.63 -19.83 28.50
N ALA G 107 7.57 -20.73 28.27
CA ALA G 107 8.03 -21.68 29.29
C ALA G 107 9.13 -20.99 30.10
N TYR G 108 8.85 -20.69 31.36
CA TYR G 108 9.71 -19.86 32.23
C TYR G 108 11.05 -20.53 32.48
N ASN G 109 11.18 -21.86 32.35
CA ASN G 109 12.44 -22.61 32.57
C ASN G 109 12.98 -23.17 31.25
N ALA G 110 12.54 -22.66 30.10
CA ALA G 110 13.10 -23.08 28.78
C ALA G 110 14.49 -22.49 28.65
N ILE G 111 15.41 -23.24 28.06
CA ILE G 111 16.79 -22.78 27.78
C ILE G 111 17.08 -22.86 26.28
N SER G 112 16.05 -23.10 25.44
CA SER G 112 16.12 -22.95 23.97
C SER G 112 14.83 -22.30 23.48
N LYS G 113 14.85 -21.68 22.30
CA LYS G 113 13.62 -21.17 21.67
C LYS G 113 12.72 -22.36 21.36
N PRO G 114 11.39 -22.20 21.41
CA PRO G 114 10.51 -23.28 20.99
C PRO G 114 10.69 -23.48 19.48
N GLU G 115 10.98 -24.70 19.05
CA GLU G 115 11.07 -25.08 17.61
C GLU G 115 9.70 -25.63 17.22
N VAL G 116 8.95 -24.91 16.41
CA VAL G 116 7.59 -25.37 15.99
C VAL G 116 7.76 -26.29 14.77
N LEU G 117 7.32 -27.53 14.90
CA LEU G 117 7.55 -28.58 13.90
C LEU G 117 6.39 -28.65 12.89
N THR G 118 5.29 -27.96 13.14
CA THR G 118 4.00 -28.19 12.45
C THR G 118 3.54 -26.93 11.74
N PRO G 119 2.61 -27.05 10.78
CA PRO G 119 2.00 -25.88 10.13
C PRO G 119 1.39 -24.92 11.15
N GLN G 120 1.65 -23.62 10.99
CA GLN G 120 1.26 -22.59 11.99
CA GLN G 120 1.26 -22.59 11.99
C GLN G 120 -0.15 -22.11 11.70
N LEU G 121 -1.11 -23.00 11.83
CA LEU G 121 -2.55 -22.80 11.64
C LEU G 121 -3.26 -23.11 12.96
N ALA G 122 -4.32 -22.37 13.24
CA ALA G 122 -5.25 -22.65 14.36
C ALA G 122 -6.61 -23.00 13.76
N ARG G 123 -7.46 -23.65 14.54
CA ARG G 123 -8.86 -23.90 14.17
C ARG G 123 -9.71 -22.86 14.88
N VAL G 124 -10.56 -22.15 14.15
CA VAL G 124 -11.44 -21.11 14.70
C VAL G 124 -12.90 -21.61 14.51
N VAL G 125 -13.63 -21.65 15.59
CA VAL G 125 -15.07 -22.09 15.62
C VAL G 125 -15.94 -20.85 15.48
N SER G 126 -17.13 -21.00 14.91
CA SER G 126 -18.07 -19.91 14.59
C SER G 126 -18.47 -19.15 15.88
N ASP G 127 -18.30 -19.70 17.06
CA ASP G 127 -18.59 -18.98 18.32
C ASP G 127 -17.38 -18.18 18.79
N GLY G 128 -16.25 -18.21 18.08
CA GLY G 128 -15.04 -17.46 18.46
C GLY G 128 -14.05 -18.27 19.27
N GLU G 129 -14.30 -19.54 19.52
CA GLU G 129 -13.31 -20.41 20.19
C GLU G 129 -12.17 -20.66 19.20
N VAL G 130 -10.94 -20.60 19.70
CA VAL G 130 -9.72 -20.89 18.92
C VAL G 130 -9.05 -22.10 19.55
N LEU G 131 -8.63 -23.06 18.73
CA LEU G 131 -7.79 -24.20 19.16
C LEU G 131 -6.49 -24.15 18.37
N TYR G 132 -5.38 -23.94 19.07
CA TYR G 132 -4.04 -23.93 18.47
C TYR G 132 -3.20 -24.99 19.16
N MET G 133 -2.65 -25.94 18.41
CA MET G 133 -1.86 -27.02 19.03
C MET G 133 -0.60 -27.26 18.22
N PRO G 134 0.45 -26.45 18.41
CA PRO G 134 1.71 -26.71 17.73
C PRO G 134 2.41 -27.91 18.36
N SER G 135 3.13 -28.66 17.52
CA SER G 135 4.17 -29.59 17.98
C SER G 135 5.46 -28.82 18.17
N ILE G 136 6.01 -28.88 19.38
CA ILE G 136 7.20 -28.08 19.77
C ILE G 136 8.31 -29.01 20.22
N ARG G 137 9.53 -28.74 19.78
CA ARG G 137 10.75 -29.29 20.36
C ARG G 137 11.44 -28.17 21.16
N GLN G 138 11.75 -28.43 22.41
CA GLN G 138 12.30 -27.38 23.31
C GLN G 138 13.13 -28.05 24.42
N ARG G 139 14.17 -27.34 24.87
CA ARG G 139 15.08 -27.78 25.94
C ARG G 139 14.74 -27.03 27.22
N PHE G 140 14.79 -27.72 28.37
CA PHE G 140 14.39 -27.19 29.69
C PHE G 140 15.47 -27.49 30.72
N SER G 141 15.59 -26.57 31.67
CA SER G 141 16.29 -26.75 32.96
C SER G 141 15.27 -27.28 33.96
N CYS G 142 15.47 -28.51 34.42
CA CYS G 142 14.54 -29.16 35.37
C CYS G 142 15.22 -30.36 36.03
N ASP G 143 14.57 -30.93 37.02
CA ASP G 143 15.21 -31.95 37.91
C ASP G 143 15.23 -33.29 37.17
N VAL G 144 16.41 -33.73 36.74
CA VAL G 144 16.61 -35.02 36.03
C VAL G 144 17.09 -36.10 37.03
N SER G 145 17.28 -35.75 38.29
CA SER G 145 17.77 -36.70 39.34
C SER G 145 16.77 -37.84 39.47
N GLY G 146 17.23 -39.09 39.48
CA GLY G 146 16.37 -40.27 39.67
C GLY G 146 15.89 -40.85 38.34
N VAL G 147 16.33 -40.31 37.20
CA VAL G 147 15.85 -40.79 35.87
C VAL G 147 16.15 -42.29 35.69
N ASP G 148 17.26 -42.79 36.25
CA ASP G 148 17.67 -44.22 36.08
C ASP G 148 17.15 -45.09 37.23
N THR G 149 16.16 -44.62 37.99
CA THR G 149 15.56 -45.37 39.13
C THR G 149 14.12 -45.74 38.79
N GLU G 150 13.53 -46.62 39.60
CA GLU G 150 12.16 -47.12 39.36
C GLU G 150 11.15 -45.96 39.53
N SER G 151 11.39 -45.04 40.48
CA SER G 151 10.46 -43.91 40.76
C SER G 151 10.65 -42.79 39.74
N GLY G 152 11.79 -42.77 39.05
CA GLY G 152 12.07 -41.87 37.90
C GLY G 152 12.39 -40.45 38.34
N ALA G 153 12.56 -39.56 37.35
CA ALA G 153 12.78 -38.12 37.58
C ALA G 153 11.43 -37.40 37.44
N THR G 154 11.30 -36.26 38.09
CA THR G 154 10.13 -35.35 37.89
C THR G 154 10.67 -34.00 37.41
N CYS G 155 10.44 -33.72 36.11
CA CYS G 155 10.83 -32.47 35.42
C CYS G 155 9.59 -31.55 35.38
N ARG G 156 9.65 -30.38 36.01
CA ARG G 156 8.51 -29.44 36.10
C ARG G 156 8.73 -28.33 35.04
N ILE G 157 7.73 -28.13 34.20
CA ILE G 157 7.73 -27.09 33.12
C ILE G 157 6.64 -26.10 33.46
N LYS G 158 6.98 -24.81 33.52
CA LYS G 158 6.03 -23.75 33.93
C LYS G 158 5.73 -22.86 32.71
N ILE G 159 4.47 -22.76 32.34
CA ILE G 159 4.03 -22.00 31.14
C ILE G 159 3.03 -20.95 31.56
N GLY G 160 3.31 -19.70 31.17
CA GLY G 160 2.34 -18.61 31.38
C GLY G 160 2.64 -17.45 30.44
N SER G 161 1.83 -16.42 30.52
CA SER G 161 1.99 -15.21 29.70
C SER G 161 3.32 -14.52 30.06
N TRP G 162 4.03 -14.04 29.06
CA TRP G 162 5.25 -13.24 29.29
C TRP G 162 4.89 -11.81 29.75
N THR G 163 3.81 -11.21 29.24
CA THR G 163 3.54 -9.76 29.50
C THR G 163 2.16 -9.49 30.10
N HIS G 164 1.24 -10.44 30.12
CA HIS G 164 -0.15 -10.20 30.57
C HIS G 164 -0.35 -10.84 31.96
N HIS G 165 -0.61 -10.03 32.96
CA HIS G 165 -0.85 -10.50 34.36
C HIS G 165 -2.30 -11.03 34.46
N SER G 166 -2.68 -11.49 35.66
CA SER G 166 -3.93 -12.24 35.92
C SER G 166 -5.19 -11.44 35.60
N ARG G 167 -5.15 -10.11 35.54
CA ARG G 167 -6.38 -9.34 35.16
CA ARG G 167 -6.37 -9.33 35.17
C ARG G 167 -6.59 -9.35 33.64
N GLU G 168 -5.58 -9.82 32.88
CA GLU G 168 -5.63 -9.80 31.39
C GLU G 168 -5.66 -11.22 30.83
N ILE G 169 -4.87 -12.15 31.36
CA ILE G 169 -4.88 -13.58 30.97
C ILE G 169 -4.99 -14.44 32.23
N SER G 170 -5.92 -15.39 32.21
CA SER G 170 -5.93 -16.51 33.18
C SER G 170 -5.47 -17.78 32.45
N VAL G 171 -4.73 -18.65 33.12
CA VAL G 171 -4.22 -19.91 32.55
C VAL G 171 -4.76 -21.05 33.42
N ASP G 172 -5.39 -22.04 32.79
CA ASP G 172 -5.95 -23.25 33.41
C ASP G 172 -5.54 -24.47 32.62
N PRO G 173 -5.32 -25.63 33.27
CA PRO G 173 -5.12 -26.88 32.54
C PRO G 173 -6.41 -27.21 31.79
N THR G 174 -6.25 -27.94 30.68
CA THR G 174 -7.35 -28.50 29.90
C THR G 174 -7.86 -29.72 30.69
N THR G 175 -8.98 -30.26 30.27
CA THR G 175 -9.50 -31.59 30.69
C THR G 175 -8.54 -32.71 30.26
N GLU G 176 -8.30 -33.67 31.15
CA GLU G 176 -7.60 -34.96 30.86
C GLU G 176 -8.69 -36.05 30.79
N ASN G 177 -8.77 -36.81 29.71
CA ASN G 177 -9.55 -38.08 29.65
C ASN G 177 -8.78 -39.07 28.77
N SER G 178 -7.44 -39.11 28.94
CA SER G 178 -6.60 -40.04 28.14
C SER G 178 -5.35 -40.50 28.92
N ASP G 179 -4.74 -41.55 28.42
CA ASP G 179 -3.41 -41.99 28.93
C ASP G 179 -2.38 -40.90 28.64
N ASP G 180 -1.56 -40.52 29.63
CA ASP G 180 -0.42 -39.58 29.50
C ASP G 180 0.55 -40.00 28.39
N SER G 181 0.66 -41.28 28.09
CA SER G 181 1.55 -41.89 27.09
C SER G 181 0.82 -42.18 25.79
N GLU G 182 -0.40 -41.70 25.63
CA GLU G 182 -1.25 -42.04 24.46
C GLU G 182 -0.52 -41.70 23.16
N TYR G 183 0.19 -40.57 23.09
CA TYR G 183 0.86 -40.12 21.84
C TYR G 183 2.39 -40.23 22.00
N PHE G 184 2.86 -40.73 23.13
CA PHE G 184 4.29 -40.83 23.43
C PHE G 184 4.91 -41.95 22.58
N SER G 185 6.08 -41.68 21.99
CA SER G 185 6.79 -42.68 21.15
C SER G 185 7.14 -43.94 21.96
N GLN G 186 6.75 -45.10 21.44
CA GLN G 186 7.09 -46.41 22.00
C GLN G 186 8.60 -46.67 21.79
N TYR G 187 9.28 -45.90 20.94
CA TYR G 187 10.68 -46.15 20.55
C TYR G 187 11.64 -45.26 21.33
N SER G 188 11.15 -44.30 22.13
CA SER G 188 11.99 -43.46 23.02
C SER G 188 12.76 -44.42 23.95
N ARG G 189 13.95 -44.01 24.38
CA ARG G 189 14.74 -44.67 25.45
C ARG G 189 14.03 -44.50 26.80
N PHE G 190 13.07 -43.57 26.88
CA PHE G 190 12.40 -43.21 28.15
C PHE G 190 10.94 -43.60 28.08
N GLU G 191 10.32 -43.68 29.25
CA GLU G 191 8.87 -43.93 29.37
C GLU G 191 8.29 -42.95 30.38
N ILE G 192 7.02 -42.62 30.19
CA ILE G 192 6.28 -41.70 31.09
C ILE G 192 5.62 -42.52 32.18
N LEU G 193 5.85 -42.14 33.44
CA LEU G 193 5.19 -42.74 34.62
C LEU G 193 3.93 -41.94 34.96
N ASP G 194 3.99 -40.62 34.81
CA ASP G 194 2.85 -39.74 35.15
C ASP G 194 3.07 -38.34 34.61
N VAL G 195 2.00 -37.68 34.22
CA VAL G 195 2.00 -36.22 33.93
C VAL G 195 0.88 -35.60 34.76
N THR G 196 1.24 -34.65 35.62
CA THR G 196 0.27 -33.89 36.43
C THR G 196 0.44 -32.41 36.09
N GLN G 197 -0.64 -31.66 36.16
CA GLN G 197 -0.73 -30.25 35.75
C GLN G 197 -1.45 -29.52 36.88
N LYS G 198 -0.82 -28.51 37.47
CA LYS G 198 -1.41 -27.64 38.51
C LYS G 198 -1.41 -26.18 38.04
N LYS G 199 -2.49 -25.46 38.37
CA LYS G 199 -2.57 -23.99 38.23
C LYS G 199 -1.67 -23.36 39.31
N ASN G 200 -0.88 -22.36 38.94
CA ASN G 200 -0.09 -21.59 39.92
C ASN G 200 -0.11 -20.12 39.50
N SER G 201 0.58 -19.30 40.26
CA SER G 201 0.77 -17.86 40.05
C SER G 201 2.25 -17.58 40.33
N VAL G 202 2.89 -16.74 39.50
CA VAL G 202 4.28 -16.23 39.70
C VAL G 202 4.24 -14.71 39.79
N THR G 203 5.18 -14.15 40.54
CA THR G 203 5.34 -12.69 40.74
C THR G 203 6.75 -12.29 40.25
N TYR G 204 6.83 -11.14 39.61
CA TYR G 204 8.10 -10.50 39.22
C TYR G 204 8.16 -9.16 39.93
N SER G 205 9.38 -8.65 40.19
CA SER G 205 9.64 -7.41 40.99
C SER G 205 8.96 -6.18 40.37
N CYS G 206 8.79 -6.12 39.03
CA CYS G 206 8.28 -4.94 38.29
C CYS G 206 6.90 -4.51 38.80
N CYS G 207 6.06 -5.47 39.18
CA CYS G 207 4.60 -5.33 39.08
C CYS G 207 3.93 -5.99 40.28
N PRO G 208 2.88 -5.35 40.85
CA PRO G 208 2.14 -5.96 41.97
C PRO G 208 1.21 -7.11 41.54
N GLU G 209 0.83 -7.17 40.27
CA GLU G 209 -0.06 -8.23 39.76
C GLU G 209 0.79 -9.50 39.54
N ALA G 210 0.14 -10.64 39.75
CA ALA G 210 0.68 -11.99 39.56
C ALA G 210 0.40 -12.39 38.10
N TYR G 211 1.21 -13.34 37.60
CA TYR G 211 1.04 -13.98 36.28
C TYR G 211 0.60 -15.42 36.52
N GLU G 212 -0.51 -15.84 35.93
CA GLU G 212 -0.99 -17.21 36.13
C GLU G 212 -0.20 -18.16 35.24
N ASP G 213 0.00 -19.37 35.72
CA ASP G 213 0.79 -20.35 34.95
C ASP G 213 0.16 -21.72 35.16
N VAL G 214 0.51 -22.62 34.26
CA VAL G 214 0.30 -24.07 34.51
CA VAL G 214 0.30 -24.06 34.50
C VAL G 214 1.68 -24.66 34.76
N GLU G 215 1.81 -25.45 35.80
CA GLU G 215 3.06 -26.17 36.12
C GLU G 215 2.80 -27.64 35.75
N VAL G 216 3.54 -28.14 34.77
CA VAL G 216 3.38 -29.51 34.22
C VAL G 216 4.53 -30.34 34.79
N SER G 217 4.23 -31.38 35.56
CA SER G 217 5.22 -32.29 36.17
C SER G 217 5.29 -33.55 35.32
N LEU G 218 6.40 -33.76 34.63
CA LEU G 218 6.66 -34.94 33.77
C LEU G 218 7.50 -35.91 34.61
N ASN G 219 6.87 -36.98 35.06
CA ASN G 219 7.53 -38.07 35.83
C ASN G 219 7.90 -39.12 34.80
N PHE G 220 9.19 -39.33 34.57
CA PHE G 220 9.66 -40.21 33.48
C PHE G 220 10.90 -40.97 33.97
N ARG G 221 11.21 -42.06 33.29
CA ARG G 221 12.44 -42.81 33.62
C ARG G 221 13.01 -43.45 32.35
N LYS G 222 14.28 -43.79 32.43
CA LYS G 222 14.99 -44.59 31.41
C LYS G 222 14.42 -46.01 31.45
N LYS G 223 14.09 -46.58 30.30
CA LYS G 223 13.55 -47.97 30.22
C LYS G 223 14.67 -48.94 30.59
N GLY G 224 14.34 -50.01 31.32
CA GLY G 224 15.30 -51.06 31.71
C GLY G 224 15.94 -51.74 30.49
N ARG G 225 17.27 -51.68 30.36
CA ARG G 225 17.99 -52.24 29.19
C ARG G 225 19.26 -52.96 29.64
N SER G 226 19.23 -54.30 29.67
CA SER G 226 20.38 -55.15 30.08
C SER G 226 21.48 -54.99 29.04
N GLU G 227 22.74 -54.91 29.45
CA GLU G 227 23.90 -54.95 28.50
C GLU G 227 25.15 -55.60 29.14
N ILE G 228 26.21 -55.71 28.30
CA ILE G 228 27.55 -56.32 28.62
C ILE G 228 28.57 -55.20 28.85
N LEU G 229 29.22 -55.21 30.02
CA LEU G 229 30.13 -54.15 30.51
C LEU G 229 31.54 -54.72 30.65
N LEU H 20 -10.64 5.35 25.75
CA LEU H 20 -9.93 4.57 24.70
C LEU H 20 -9.95 3.10 25.11
N ASP H 21 -10.00 2.19 24.15
CA ASP H 21 -9.78 0.75 24.44
C ASP H 21 -8.39 0.35 23.92
N ARG H 22 -8.00 -0.88 24.20
CA ARG H 22 -6.68 -1.42 23.79
C ARG H 22 -6.52 -1.28 22.28
N ALA H 23 -7.54 -1.59 21.49
CA ALA H 23 -7.46 -1.56 20.01
C ALA H 23 -7.10 -0.14 19.55
N ASP H 24 -7.70 0.88 20.14
CA ASP H 24 -7.44 2.30 19.75
C ASP H 24 -5.99 2.68 20.10
N ILE H 25 -5.56 2.33 21.32
CA ILE H 25 -4.20 2.67 21.81
C ILE H 25 -3.17 1.99 20.90
N LEU H 26 -3.33 0.70 20.61
CA LEU H 26 -2.35 -0.06 19.82
C LEU H 26 -2.34 0.46 18.37
N TYR H 27 -3.50 0.86 17.84
CA TYR H 27 -3.61 1.50 16.51
C TYR H 27 -2.81 2.80 16.50
N ASN H 28 -3.04 3.67 17.49
CA ASN H 28 -2.35 4.98 17.61
C ASN H 28 -0.84 4.77 17.68
N ILE H 29 -0.39 3.83 18.50
CA ILE H 29 1.07 3.53 18.63
C ILE H 29 1.60 3.03 17.30
N ARG H 30 0.95 2.05 16.65
CA ARG H 30 1.44 1.48 15.37
C ARG H 30 1.55 2.61 14.33
N GLN H 31 0.61 3.55 14.31
CA GLN H 31 0.54 4.61 13.28
C GLN H 31 1.57 5.73 13.52
N THR H 32 1.95 6.03 14.76
CA THR H 32 2.74 7.25 15.11
C THR H 32 4.02 6.96 15.87
N SER H 33 4.40 5.73 16.20
CA SER H 33 5.47 5.49 17.21
C SER H 33 6.87 5.93 16.77
N ARG H 34 7.15 5.98 15.44
CA ARG H 34 8.47 6.27 14.84
C ARG H 34 9.55 5.37 15.45
N PRO H 35 9.58 4.05 15.13
CA PRO H 35 10.51 3.12 15.79
C PRO H 35 11.99 3.43 15.52
N ASP H 36 12.27 4.20 14.46
CA ASP H 36 13.66 4.55 14.08
C ASP H 36 14.09 5.82 14.81
N VAL H 37 13.21 6.46 15.58
CA VAL H 37 13.48 7.81 16.14
C VAL H 37 13.67 7.72 17.65
N ILE H 38 14.91 7.95 18.09
CA ILE H 38 15.25 8.01 19.54
C ILE H 38 14.43 9.11 20.19
N PRO H 39 13.70 8.82 21.29
CA PRO H 39 12.77 9.81 21.88
C PRO H 39 13.44 10.79 22.84
N THR H 40 14.46 11.53 22.37
CA THR H 40 15.14 12.58 23.17
C THR H 40 14.13 13.67 23.50
N GLN H 41 14.21 14.22 24.71
CA GLN H 41 13.37 15.36 25.18
C GLN H 41 14.30 16.57 25.31
N ARG H 42 14.05 17.64 24.56
CA ARG H 42 14.75 18.94 24.67
C ARG H 42 16.27 18.68 24.74
N ASP H 43 16.77 17.88 23.78
CA ASP H 43 18.21 17.56 23.55
C ASP H 43 18.90 17.05 24.84
N ARG H 44 18.16 16.42 25.76
CA ARG H 44 18.76 15.60 26.87
C ARG H 44 18.87 14.17 26.36
N PRO H 45 19.80 13.35 26.88
CA PRO H 45 19.88 11.94 26.47
C PRO H 45 18.63 11.18 26.96
N VAL H 46 18.31 10.08 26.27
CA VAL H 46 17.30 9.12 26.75
C VAL H 46 17.90 8.31 27.90
N ALA H 47 17.26 8.33 29.07
CA ALA H 47 17.73 7.58 30.25
C ALA H 47 17.22 6.13 30.15
N VAL H 48 18.12 5.21 29.88
CA VAL H 48 17.82 3.77 29.80
C VAL H 48 18.32 3.10 31.09
N SER H 49 17.45 2.37 31.77
CA SER H 49 17.88 1.51 32.92
C SER H 49 17.97 0.07 32.44
N VAL H 50 19.03 -0.61 32.86
CA VAL H 50 19.31 -2.02 32.52
C VAL H 50 19.66 -2.77 33.80
N SER H 51 18.99 -3.91 34.01
CA SER H 51 19.34 -4.89 35.06
C SER H 51 19.28 -6.29 34.46
N LEU H 52 20.32 -7.10 34.64
CA LEU H 52 20.27 -8.53 34.25
C LEU H 52 19.82 -9.37 35.46
N LYS H 53 18.82 -10.22 35.23
CA LYS H 53 18.39 -11.25 36.22
C LYS H 53 18.88 -12.59 35.70
N PHE H 54 19.86 -13.19 36.37
CA PHE H 54 20.47 -14.45 35.90
C PHE H 54 19.51 -15.59 36.19
N ILE H 55 19.27 -16.43 35.18
CA ILE H 55 18.32 -17.58 35.25
C ILE H 55 19.12 -18.87 35.23
N ASN H 56 20.15 -18.96 34.41
CA ASN H 56 20.93 -20.20 34.32
C ASN H 56 22.34 -19.92 33.81
N ILE H 57 23.26 -20.78 34.18
CA ILE H 57 24.64 -20.87 33.63
C ILE H 57 24.76 -22.28 33.07
N LEU H 58 24.91 -22.40 31.76
CA LEU H 58 24.63 -23.67 31.02
C LEU H 58 25.93 -24.39 30.71
N GLU H 59 26.91 -23.65 30.26
CA GLU H 59 28.21 -24.22 29.83
CA GLU H 59 28.21 -24.22 29.83
C GLU H 59 29.28 -23.21 30.24
N VAL H 60 30.35 -23.74 30.81
CA VAL H 60 31.50 -22.92 31.26
C VAL H 60 32.73 -23.64 30.71
N ASN H 61 33.68 -22.89 30.17
CA ASN H 61 34.97 -23.47 29.75
C ASN H 61 36.11 -22.64 30.34
N GLU H 62 36.81 -23.18 31.33
CA GLU H 62 37.90 -22.46 32.05
C GLU H 62 39.14 -22.36 31.15
N ILE H 63 39.33 -23.27 30.20
CA ILE H 63 40.44 -23.22 29.21
C ILE H 63 40.21 -22.03 28.25
N THR H 64 39.01 -21.89 27.68
CA THR H 64 38.70 -20.89 26.62
C THR H 64 38.19 -19.58 27.24
N ASN H 65 37.84 -19.57 28.53
CA ASN H 65 37.26 -18.38 29.21
C ASN H 65 35.97 -17.98 28.47
N GLU H 66 35.06 -18.96 28.30
CA GLU H 66 33.72 -18.74 27.69
C GLU H 66 32.63 -19.25 28.62
N VAL H 67 31.50 -18.56 28.65
CA VAL H 67 30.33 -18.98 29.48
C VAL H 67 29.09 -18.79 28.61
N ASP H 68 28.13 -19.69 28.75
CA ASP H 68 26.82 -19.66 28.06
C ASP H 68 25.81 -19.42 29.18
N VAL H 69 25.08 -18.32 29.15
CA VAL H 69 24.19 -17.88 30.27
CA VAL H 69 24.18 -17.88 30.27
C VAL H 69 22.79 -17.61 29.71
N VAL H 70 21.78 -17.79 30.55
CA VAL H 70 20.40 -17.36 30.29
C VAL H 70 20.09 -16.27 31.30
N PHE H 71 19.60 -15.12 30.84
CA PHE H 71 19.29 -13.99 31.73
C PHE H 71 18.08 -13.24 31.17
N TRP H 72 17.34 -12.61 32.07
CA TRP H 72 16.27 -11.64 31.72
C TRP H 72 16.92 -10.26 31.67
N GLN H 73 16.84 -9.59 30.50
CA GLN H 73 17.48 -8.28 30.34
C GLN H 73 16.44 -7.19 30.58
N GLN H 74 16.27 -6.77 31.82
CA GLN H 74 15.24 -5.80 32.20
C GLN H 74 15.68 -4.43 31.70
N THR H 75 14.89 -3.85 30.79
CA THR H 75 15.24 -2.59 30.08
C THR H 75 14.06 -1.65 30.23
N THR H 76 14.29 -0.44 30.76
CA THR H 76 13.19 0.54 30.90
C THR H 76 13.66 1.92 30.41
N TRP H 77 12.73 2.68 29.87
CA TRP H 77 12.98 4.06 29.37
C TRP H 77 11.61 4.70 29.18
N SER H 78 11.62 6.00 28.93
CA SER H 78 10.39 6.77 28.64
C SER H 78 10.37 7.16 27.17
N ASP H 79 9.20 7.05 26.54
CA ASP H 79 8.93 7.62 25.20
C ASP H 79 7.59 8.33 25.28
N ARG H 80 7.62 9.65 25.49
CA ARG H 80 6.39 10.48 25.70
C ARG H 80 5.47 10.40 24.48
N THR H 81 5.99 10.08 23.29
CA THR H 81 5.16 9.97 22.06
C THR H 81 4.18 8.79 22.18
N LEU H 82 4.38 7.88 23.13
CA LEU H 82 3.47 6.71 23.31
C LEU H 82 2.29 7.03 24.25
N ALA H 83 2.34 8.14 24.98
CA ALA H 83 1.44 8.40 26.14
C ALA H 83 -0.02 8.56 25.70
N TRP H 84 -0.96 8.19 26.56
CA TRP H 84 -2.42 8.41 26.36
C TRP H 84 -3.09 8.79 27.70
N ASN H 85 -4.29 9.38 27.60
CA ASN H 85 -5.18 9.67 28.76
C ASN H 85 -5.76 8.35 29.28
N SER H 86 -5.41 7.96 30.51
CA SER H 86 -5.81 6.65 31.11
C SER H 86 -7.22 6.70 31.75
N SER H 87 -7.92 7.82 31.72
CA SER H 87 -9.33 7.91 32.24
C SER H 87 -10.24 7.00 31.42
N HIS H 88 -10.88 6.01 32.05
CA HIS H 88 -11.74 4.99 31.38
C HIS H 88 -10.96 4.26 30.27
N SER H 89 -9.66 4.04 30.49
CA SER H 89 -8.74 3.40 29.52
C SER H 89 -7.81 2.46 30.26
N PRO H 90 -7.25 1.43 29.59
CA PRO H 90 -6.20 0.61 30.21
C PRO H 90 -5.05 1.50 30.70
N ASP H 91 -4.40 1.11 31.78
CA ASP H 91 -3.23 1.83 32.33
C ASP H 91 -1.97 1.40 31.58
N GLN H 92 -2.00 0.19 30.97
CA GLN H 92 -0.82 -0.40 30.30
C GLN H 92 -1.30 -1.29 29.14
N VAL H 93 -0.48 -1.41 28.11
CA VAL H 93 -0.73 -2.35 26.99
C VAL H 93 0.57 -3.10 26.69
N SER H 94 0.41 -4.28 26.09
CA SER H 94 1.53 -5.06 25.54
C SER H 94 1.66 -4.71 24.06
N VAL H 95 2.87 -4.39 23.64
CA VAL H 95 3.13 -3.83 22.27
C VAL H 95 4.28 -4.62 21.67
N PRO H 96 4.14 -5.09 20.41
CA PRO H 96 5.28 -5.72 19.74
C PRO H 96 6.43 -4.72 19.58
N ILE H 97 7.66 -5.16 19.86
CA ILE H 97 8.81 -4.20 19.83
C ILE H 97 9.05 -3.67 18.38
N SER H 98 8.54 -4.36 17.34
CA SER H 98 8.63 -3.82 15.95
C SER H 98 7.84 -2.51 15.83
N SER H 99 6.88 -2.24 16.73
CA SER H 99 6.07 -0.99 16.72
C SER H 99 6.67 0.10 17.63
N LEU H 100 7.83 -0.11 18.25
CA LEU H 100 8.41 0.83 19.23
C LEU H 100 9.84 1.15 18.89
N TRP H 101 10.30 2.34 19.25
CA TRP H 101 11.75 2.57 19.37
C TRP H 101 12.25 1.73 20.55
N VAL H 102 13.32 0.99 20.38
CA VAL H 102 13.98 0.26 21.49
CA VAL H 102 13.99 0.27 21.49
C VAL H 102 15.46 0.65 21.47
N PRO H 103 16.10 0.78 22.64
CA PRO H 103 17.52 1.08 22.68
C PRO H 103 18.33 -0.02 21.98
N ASP H 104 19.36 0.40 21.24
CA ASP H 104 20.24 -0.50 20.45
C ASP H 104 21.34 -1.05 21.37
N LEU H 105 20.94 -1.76 22.44
CA LEU H 105 21.88 -2.32 23.41
C LEU H 105 22.60 -3.52 22.82
N ALA H 106 23.88 -3.66 23.14
CA ALA H 106 24.70 -4.83 22.80
C ALA H 106 25.56 -5.16 24.02
N ALA H 107 25.86 -6.43 24.20
CA ALA H 107 26.88 -6.90 25.14
C ALA H 107 28.22 -6.88 24.41
N TYR H 108 29.11 -6.00 24.86
CA TYR H 108 30.38 -5.68 24.17
C TYR H 108 31.31 -6.89 24.16
N ASN H 109 31.15 -7.85 25.07
CA ASN H 109 32.03 -9.05 25.15
C ASN H 109 31.22 -10.31 24.79
N ALA H 110 30.09 -10.17 24.11
CA ALA H 110 29.33 -11.33 23.60
C ALA H 110 30.11 -11.94 22.43
N ILE H 111 30.11 -13.27 22.33
CA ILE H 111 30.73 -14.02 21.23
C ILE H 111 29.67 -14.86 20.50
N SER H 112 28.39 -14.68 20.81
CA SER H 112 27.26 -15.25 20.04
C SER H 112 26.17 -14.18 19.93
N LYS H 113 25.28 -14.31 18.93
CA LYS H 113 24.13 -13.38 18.85
C LYS H 113 23.23 -13.67 20.03
N PRO H 114 22.51 -12.66 20.56
CA PRO H 114 21.55 -12.93 21.62
C PRO H 114 20.43 -13.79 21.05
N GLU H 115 20.15 -14.92 21.68
CA GLU H 115 19.02 -15.83 21.31
C GLU H 115 17.84 -15.44 22.19
N VAL H 116 16.81 -14.79 21.61
CA VAL H 116 15.65 -14.35 22.42
C VAL H 116 14.67 -15.52 22.56
N LEU H 117 14.40 -15.95 23.79
CA LEU H 117 13.63 -17.18 24.08
C LEU H 117 12.14 -16.86 24.24
N THR H 118 11.78 -15.57 24.31
CA THR H 118 10.44 -15.13 24.79
C THR H 118 9.73 -14.35 23.70
N PRO H 119 8.39 -14.23 23.78
CA PRO H 119 7.63 -13.35 22.88
C PRO H 119 8.16 -11.91 22.90
N GLN H 120 8.28 -11.30 21.72
CA GLN H 120 9.02 -10.00 21.58
C GLN H 120 8.02 -8.85 21.77
N LEU H 121 7.49 -8.76 22.98
CA LEU H 121 6.49 -7.75 23.39
C LEU H 121 7.10 -6.95 24.55
N ALA H 122 6.82 -5.66 24.56
CA ALA H 122 7.14 -4.74 25.67
C ALA H 122 5.84 -4.28 26.31
N ARG H 123 5.93 -3.81 27.54
CA ARG H 123 4.79 -3.27 28.28
C ARG H 123 4.91 -1.75 28.24
N VAL H 124 3.87 -1.06 27.80
CA VAL H 124 3.87 0.43 27.70
C VAL H 124 2.83 0.93 28.68
N VAL H 125 3.25 1.86 29.55
CA VAL H 125 2.36 2.54 30.53
C VAL H 125 1.79 3.80 29.90
N SER H 126 0.58 4.21 30.29
CA SER H 126 -0.14 5.37 29.72
C SER H 126 0.70 6.66 29.78
N ASP H 127 1.70 6.75 30.66
CA ASP H 127 2.57 7.96 30.72
C ASP H 127 3.76 7.83 29.75
N GLY H 128 3.86 6.75 28.98
CA GLY H 128 4.98 6.56 28.02
C GLY H 128 6.17 5.79 28.57
N GLU H 129 6.10 5.29 29.80
CA GLU H 129 7.20 4.43 30.33
C GLU H 129 7.10 3.07 29.61
N VAL H 130 8.24 2.54 29.19
CA VAL H 130 8.32 1.21 28.50
C VAL H 130 9.10 0.26 29.37
N LEU H 131 8.62 -0.96 29.52
CA LEU H 131 9.40 -2.07 30.11
C LEU H 131 9.56 -3.15 29.06
N TYR H 132 10.79 -3.44 28.66
CA TYR H 132 11.08 -4.58 27.76
C TYR H 132 12.03 -5.53 28.47
N MET H 133 11.64 -6.79 28.65
CA MET H 133 12.50 -7.73 29.38
C MET H 133 12.53 -9.08 28.68
N PRO H 134 13.36 -9.21 27.63
CA PRO H 134 13.49 -10.51 26.96
C PRO H 134 14.29 -11.47 27.81
N SER H 135 13.97 -12.75 27.71
CA SER H 135 14.87 -13.84 28.16
C SER H 135 15.86 -14.13 27.04
N ILE H 136 17.14 -14.02 27.33
CA ILE H 136 18.24 -14.15 26.34
C ILE H 136 19.17 -15.30 26.76
N ARG H 137 19.51 -16.14 25.79
CA ARG H 137 20.65 -17.08 25.91
C ARG H 137 21.79 -16.53 25.06
N GLN H 138 22.97 -16.36 25.66
CA GLN H 138 24.09 -15.71 24.97
C GLN H 138 25.40 -16.23 25.57
N ARG H 139 26.45 -16.28 24.73
CA ARG H 139 27.79 -16.74 25.12
C ARG H 139 28.70 -15.52 25.24
N PHE H 140 29.59 -15.51 26.22
CA PHE H 140 30.47 -14.38 26.55
C PHE H 140 31.90 -14.85 26.73
N SER H 141 32.82 -13.96 26.39
CA SER H 141 34.25 -14.02 26.71
C SER H 141 34.45 -13.26 28.01
N CYS H 142 34.83 -13.96 29.07
CA CYS H 142 35.05 -13.32 30.39
C CYS H 142 35.90 -14.25 31.27
N ASP H 143 36.27 -13.75 32.46
CA ASP H 143 37.24 -14.47 33.33
C ASP H 143 36.53 -15.62 34.02
N VAL H 144 36.82 -16.86 33.58
CA VAL H 144 36.22 -18.09 34.15
C VAL H 144 37.20 -18.71 35.16
N SER H 145 38.39 -18.12 35.35
CA SER H 145 39.41 -18.66 36.29
C SER H 145 38.80 -18.71 37.69
N GLY H 146 38.99 -19.84 38.38
CA GLY H 146 38.52 -20.07 39.75
C GLY H 146 37.12 -20.63 39.83
N VAL H 147 36.49 -20.99 38.71
CA VAL H 147 35.07 -21.48 38.73
C VAL H 147 34.93 -22.73 39.63
N ASP H 148 35.94 -23.59 39.66
CA ASP H 148 35.90 -24.87 40.42
C ASP H 148 36.52 -24.69 41.82
N THR H 149 36.65 -23.46 42.32
CA THR H 149 37.19 -23.16 43.67
C THR H 149 36.07 -22.58 44.55
N GLU H 150 36.34 -22.47 45.84
CA GLU H 150 35.35 -21.96 46.83
C GLU H 150 35.05 -20.48 46.54
N SER H 151 36.03 -19.69 46.12
CA SER H 151 35.89 -18.24 45.84
C SER H 151 35.14 -18.00 44.51
N GLY H 152 35.19 -18.99 43.62
CA GLY H 152 34.50 -18.99 42.32
C GLY H 152 35.16 -18.09 41.30
N ALA H 153 34.55 -17.97 40.13
CA ALA H 153 34.97 -17.06 39.03
C ALA H 153 34.18 -15.76 39.14
N THR H 154 34.74 -14.66 38.63
CA THR H 154 34.01 -13.38 38.45
C THR H 154 34.04 -13.02 36.96
N CYS H 155 32.90 -13.19 36.29
CA CYS H 155 32.68 -12.94 34.84
C CYS H 155 32.00 -11.57 34.71
N ARG H 156 32.63 -10.63 34.02
CA ARG H 156 32.08 -9.27 33.81
C ARG H 156 31.41 -9.20 32.42
N ILE H 157 30.16 -8.78 32.38
CA ILE H 157 29.39 -8.57 31.11
C ILE H 157 29.08 -7.07 31.01
N LYS H 158 29.44 -6.45 29.89
CA LYS H 158 29.32 -5.00 29.64
C LYS H 158 28.24 -4.75 28.59
N ILE H 159 27.20 -4.01 28.94
CA ILE H 159 26.06 -3.74 28.02
C ILE H 159 25.89 -2.24 27.86
N GLY H 160 25.86 -1.79 26.61
CA GLY H 160 25.57 -0.39 26.30
C GLY H 160 25.07 -0.22 24.88
N SER H 161 24.78 1.01 24.51
CA SER H 161 24.34 1.34 23.13
C SER H 161 25.44 1.01 22.13
N TRP H 162 25.09 0.44 21.01
CA TRP H 162 26.07 0.20 19.91
C TRP H 162 26.39 1.50 19.16
N THR H 163 25.43 2.41 18.98
CA THR H 163 25.64 3.59 18.08
C THR H 163 25.39 4.92 18.77
N HIS H 164 24.78 4.97 19.95
CA HIS H 164 24.38 6.25 20.58
C HIS H 164 25.31 6.54 21.75
N HIS H 165 26.11 7.61 21.66
CA HIS H 165 27.04 8.01 22.74
C HIS H 165 26.25 8.69 23.89
N SER H 166 26.95 9.10 24.95
CA SER H 166 26.39 9.56 26.24
C SER H 166 25.50 10.80 26.09
N ARG H 167 25.63 11.61 25.03
CA ARG H 167 24.72 12.78 24.85
C ARG H 167 23.36 12.33 24.30
N GLU H 168 23.24 11.07 23.84
CA GLU H 168 22.01 10.57 23.19
C GLU H 168 21.33 9.49 24.06
N ILE H 169 22.11 8.57 24.60
CA ILE H 169 21.60 7.54 25.55
C ILE H 169 22.49 7.52 26.79
N SER H 170 21.85 7.59 27.96
CA SER H 170 22.53 7.25 29.23
CA SER H 170 22.50 7.27 29.25
C SER H 170 22.07 5.86 29.67
N VAL H 171 22.98 5.08 30.20
CA VAL H 171 22.69 3.72 30.69
C VAL H 171 23.03 3.69 32.17
N ASP H 172 22.06 3.27 32.98
CA ASP H 172 22.17 3.24 34.44
C ASP H 172 21.65 1.88 34.91
N PRO H 173 22.25 1.32 35.97
CA PRO H 173 21.68 0.18 36.66
C PRO H 173 20.37 0.66 37.28
N THR H 174 19.46 -0.27 37.51
CA THR H 174 18.21 0.00 38.23
C THR H 174 18.57 0.30 39.70
N THR H 175 17.70 1.06 40.35
CA THR H 175 17.86 1.45 41.77
C THR H 175 17.70 0.20 42.65
N GLU H 176 16.75 -0.66 42.33
CA GLU H 176 16.44 -1.94 43.05
C GLU H 176 17.17 -3.06 42.31
N ASN H 177 17.97 -3.87 43.02
CA ASN H 177 18.61 -5.08 42.47
C ASN H 177 18.56 -6.19 43.53
N SER H 178 17.53 -6.20 44.38
CA SER H 178 17.40 -7.15 45.52
C SER H 178 17.04 -8.53 44.96
N ASP H 179 16.60 -8.58 43.69
CA ASP H 179 16.07 -9.81 43.04
C ASP H 179 17.02 -10.35 41.97
N ASP H 180 18.27 -9.88 41.85
CA ASP H 180 19.23 -10.30 40.81
C ASP H 180 19.42 -11.82 40.75
N SER H 181 19.45 -12.47 41.91
CA SER H 181 19.72 -13.95 41.98
C SER H 181 18.42 -14.72 42.21
N GLU H 182 17.31 -13.99 42.40
CA GLU H 182 16.06 -14.59 42.94
C GLU H 182 15.54 -15.64 41.98
N TYR H 183 15.75 -15.54 40.69
CA TYR H 183 15.08 -16.36 39.65
C TYR H 183 16.06 -17.38 39.07
N PHE H 184 17.25 -17.52 39.68
CA PHE H 184 18.27 -18.46 39.21
C PHE H 184 17.81 -19.91 39.43
N SER H 185 18.00 -20.75 38.42
CA SER H 185 17.57 -22.16 38.43
C SER H 185 18.31 -22.90 39.56
N GLN H 186 17.53 -23.60 40.39
CA GLN H 186 18.07 -24.47 41.46
C GLN H 186 18.74 -25.68 40.81
N TYR H 187 18.52 -25.96 39.51
CA TYR H 187 19.00 -27.18 38.83
C TYR H 187 20.30 -26.94 38.07
N SER H 188 20.78 -25.71 37.97
CA SER H 188 22.08 -25.40 37.33
C SER H 188 23.18 -26.24 38.01
N ARG H 189 24.23 -26.61 37.28
CA ARG H 189 25.47 -27.18 37.85
C ARG H 189 26.22 -26.09 38.65
N PHE H 190 25.87 -24.84 38.46
CA PHE H 190 26.60 -23.68 39.04
C PHE H 190 25.67 -22.96 40.04
N GLU H 191 26.26 -22.14 40.87
CA GLU H 191 25.53 -21.33 41.88
C GLU H 191 26.15 -19.95 41.90
N ILE H 192 25.31 -18.96 42.21
CA ILE H 192 25.68 -17.53 42.25
C ILE H 192 26.13 -17.21 43.67
N LEU H 193 27.32 -16.62 43.82
CA LEU H 193 27.85 -16.10 45.10
C LEU H 193 27.50 -14.61 45.21
N ASP H 194 27.55 -13.86 44.11
CA ASP H 194 27.30 -12.38 44.14
C ASP H 194 27.01 -11.88 42.71
N VAL H 195 26.19 -10.86 42.61
CA VAL H 195 26.03 -10.05 41.38
C VAL H 195 26.16 -8.58 41.76
N THR H 196 27.04 -7.83 41.09
CA THR H 196 27.05 -6.34 41.17
C THR H 196 26.81 -5.80 39.77
N GLN H 197 26.07 -4.71 39.69
CA GLN H 197 25.74 -4.04 38.38
C GLN H 197 26.04 -2.56 38.58
N LYS H 198 27.07 -2.06 37.89
CA LYS H 198 27.65 -0.71 38.14
C LYS H 198 27.72 0.06 36.81
N LYS H 199 27.57 1.37 36.88
CA LYS H 199 27.71 2.30 35.73
C LYS H 199 29.18 2.38 35.32
N ASN H 200 29.46 2.30 34.01
CA ASN H 200 30.81 2.60 33.48
C ASN H 200 30.65 3.38 32.17
N SER H 201 31.78 3.64 31.52
CA SER H 201 31.90 4.37 30.24
C SER H 201 32.95 3.61 29.40
N VAL H 202 32.72 3.48 28.09
CA VAL H 202 33.73 2.98 27.11
C VAL H 202 33.94 4.05 26.03
N THR H 203 35.13 4.06 25.40
CA THR H 203 35.47 4.94 24.25
C THR H 203 35.90 4.06 23.08
N TYR H 204 35.48 4.38 21.85
CA TYR H 204 35.97 3.72 20.62
C TYR H 204 36.88 4.72 19.88
N SER H 205 37.88 4.21 19.14
CA SER H 205 38.95 4.98 18.45
C SER H 205 38.37 6.00 17.46
N CYS H 206 37.23 5.70 16.82
CA CYS H 206 36.62 6.52 15.71
C CYS H 206 36.33 7.94 16.19
N CYS H 207 35.94 8.08 17.46
CA CYS H 207 35.07 9.16 17.96
C CYS H 207 35.53 9.57 19.35
N PRO H 208 35.49 10.89 19.67
CA PRO H 208 35.83 11.38 21.00
C PRO H 208 34.76 11.06 22.07
N GLU H 209 33.52 10.78 21.67
CA GLU H 209 32.41 10.61 22.63
C GLU H 209 32.48 9.25 23.34
N ALA H 210 32.07 9.22 24.62
CA ALA H 210 31.99 8.04 25.46
C ALA H 210 30.60 7.40 25.29
N TYR H 211 30.55 6.09 25.48
CA TYR H 211 29.31 5.27 25.51
C TYR H 211 29.14 4.77 26.94
N GLU H 212 27.99 5.03 27.53
CA GLU H 212 27.72 4.59 28.90
C GLU H 212 27.31 3.13 28.87
N ASP H 213 27.67 2.41 29.92
CA ASP H 213 27.38 0.97 29.94
C ASP H 213 27.03 0.61 31.37
N VAL H 214 26.40 -0.55 31.49
CA VAL H 214 26.29 -1.25 32.80
C VAL H 214 27.27 -2.42 32.75
N GLU H 215 28.09 -2.54 33.78
CA GLU H 215 29.05 -3.64 33.89
C GLU H 215 28.51 -4.56 34.99
N VAL H 216 28.18 -5.77 34.60
CA VAL H 216 27.54 -6.77 35.48
C VAL H 216 28.62 -7.78 35.87
N SER H 217 28.97 -7.86 37.16
CA SER H 217 29.98 -8.80 37.67
C SER H 217 29.27 -10.00 38.30
N LEU H 218 29.38 -11.15 37.66
CA LEU H 218 28.72 -12.41 38.06
C LEU H 218 29.78 -13.26 38.76
N ASN H 219 29.70 -13.36 40.10
CA ASN H 219 30.60 -14.23 40.90
C ASN H 219 29.86 -15.56 41.07
N PHE H 220 30.38 -16.63 40.46
CA PHE H 220 29.67 -17.92 40.44
C PHE H 220 30.70 -19.04 40.58
N ARG H 221 30.23 -20.22 40.93
CA ARG H 221 31.12 -21.40 41.06
C ARG H 221 30.35 -22.66 40.74
N LYS H 222 31.09 -23.72 40.42
CA LYS H 222 30.56 -25.09 40.28
C LYS H 222 30.08 -25.56 41.66
N LYS H 223 28.89 -26.13 41.75
CA LYS H 223 28.32 -26.61 43.03
C LYS H 223 29.17 -27.76 43.57
N GLY H 224 29.42 -27.67 44.89
CA GLY H 224 30.12 -28.71 45.63
C GLY H 224 29.05 -29.60 46.20
N ARG H 225 29.46 -30.55 47.03
CA ARG H 225 28.52 -31.48 47.70
C ARG H 225 28.35 -30.91 49.11
N SER H 226 27.11 -30.70 49.50
CA SER H 226 26.72 -30.44 50.91
C SER H 226 25.63 -31.44 51.26
N GLU H 227 25.68 -32.00 52.48
CA GLU H 227 24.59 -32.86 52.99
C GLU H 227 23.56 -32.02 53.77
N ILE H 228 23.68 -30.69 53.80
CA ILE H 228 22.68 -29.84 54.51
C ILE H 228 22.22 -28.68 53.64
N LEU H 229 23.15 -27.97 52.98
CA LEU H 229 22.81 -26.85 52.06
C LEU H 229 22.22 -27.42 50.77
N GLY H 230 21.11 -26.82 50.29
CA GLY H 230 20.59 -26.94 48.91
C GLY H 230 19.43 -27.90 48.81
N SER H 231 19.66 -29.17 49.15
CA SER H 231 18.86 -30.38 48.80
C SER H 231 19.55 -31.14 47.64
N LEU I 20 16.46 21.34 11.45
CA LEU I 20 15.88 19.99 11.36
C LEU I 20 16.10 19.29 12.70
N ASP I 21 15.17 18.42 13.10
CA ASP I 21 15.41 17.51 14.24
C ASP I 21 15.64 16.09 13.69
N ARG I 22 15.99 15.17 14.58
CA ARG I 22 16.27 13.75 14.24
C ARG I 22 15.08 13.16 13.50
N ALA I 23 13.85 13.42 13.96
CA ALA I 23 12.64 12.82 13.34
C ALA I 23 12.56 13.22 11.86
N ASP I 24 12.83 14.49 11.54
CA ASP I 24 12.76 15.00 10.14
C ASP I 24 13.85 14.34 9.30
N ILE I 25 15.07 14.28 9.81
CA ILE I 25 16.23 13.71 9.08
C ILE I 25 15.95 12.23 8.77
N LEU I 26 15.49 11.47 9.78
CA LEU I 26 15.26 10.03 9.60
C LEU I 26 14.08 9.80 8.65
N TYR I 27 13.08 10.65 8.68
CA TYR I 27 11.94 10.63 7.72
C TYR I 27 12.47 10.85 6.29
N ASN I 28 13.28 11.89 6.10
CA ASN I 28 13.83 12.25 4.78
C ASN I 28 14.66 11.07 4.24
N ILE I 29 15.51 10.48 5.08
CA ILE I 29 16.36 9.34 4.68
C ILE I 29 15.47 8.15 4.31
N ARG I 30 14.52 7.78 5.17
CA ARG I 30 13.64 6.61 4.92
C ARG I 30 12.89 6.82 3.60
N GLN I 31 12.44 8.04 3.30
CA GLN I 31 11.61 8.31 2.09
C GLN I 31 12.44 8.35 0.79
N THR I 32 13.72 8.70 0.81
CA THR I 32 14.52 8.98 -0.42
C THR I 32 15.80 8.14 -0.54
N SER I 33 16.18 7.25 0.38
CA SER I 33 17.61 6.80 0.44
C SER I 33 18.08 5.89 -0.74
N ARG I 34 17.16 5.19 -1.42
CA ARG I 34 17.43 4.26 -2.55
CA ARG I 34 17.43 4.26 -2.55
C ARG I 34 18.48 3.22 -2.15
N PRO I 35 18.14 2.23 -1.30
CA PRO I 35 19.13 1.28 -0.77
C PRO I 35 19.74 0.37 -1.84
N ASP I 36 19.08 0.25 -2.99
CA ASP I 36 19.58 -0.60 -4.10
C ASP I 36 20.52 0.19 -4.99
N VAL I 37 20.70 1.50 -4.76
CA VAL I 37 21.43 2.36 -5.71
C VAL I 37 22.78 2.79 -5.14
N ILE I 38 23.86 2.29 -5.73
CA ILE I 38 25.25 2.68 -5.35
C ILE I 38 25.40 4.20 -5.54
N PRO I 39 25.89 4.92 -4.52
CA PRO I 39 25.96 6.39 -4.60
C PRO I 39 27.21 6.93 -5.30
N THR I 40 27.46 6.52 -6.54
CA THR I 40 28.59 7.02 -7.36
C THR I 40 28.37 8.53 -7.59
N GLN I 41 29.45 9.30 -7.59
CA GLN I 41 29.46 10.74 -7.94
C GLN I 41 30.19 10.88 -9.27
N ARG I 42 29.51 11.39 -10.31
CA ARG I 42 30.12 11.73 -11.61
C ARG I 42 31.00 10.56 -12.08
N ASP I 43 30.44 9.35 -12.05
CA ASP I 43 31.05 8.07 -12.52
C ASP I 43 32.47 7.85 -11.96
N ARG I 44 32.76 8.35 -10.75
CA ARG I 44 33.93 7.92 -9.94
C ARG I 44 33.47 6.77 -9.06
N PRO I 45 34.37 5.85 -8.63
CA PRO I 45 33.97 4.76 -7.75
C PRO I 45 33.60 5.30 -6.37
N VAL I 46 32.76 4.56 -5.66
CA VAL I 46 32.55 4.81 -4.21
C VAL I 46 33.77 4.25 -3.48
N ALA I 47 34.47 5.11 -2.73
CA ALA I 47 35.63 4.74 -1.90
C ALA I 47 35.10 4.17 -0.59
N VAL I 48 35.25 2.86 -0.42
CA VAL I 48 34.85 2.16 0.81
C VAL I 48 36.12 1.87 1.60
N SER I 49 36.19 2.31 2.85
CA SER I 49 37.30 1.98 3.77
C SER I 49 36.84 0.85 4.68
N VAL I 50 37.70 -0.14 4.85
CA VAL I 50 37.43 -1.33 5.69
C VAL I 50 38.66 -1.52 6.58
N SER I 51 38.42 -1.60 7.88
CA SER I 51 39.42 -1.98 8.89
C SER I 51 38.78 -3.00 9.83
N LEU I 52 39.41 -4.16 9.99
CA LEU I 52 38.96 -5.17 10.98
C LEU I 52 39.69 -4.91 12.31
N LYS I 53 38.90 -4.81 13.39
CA LYS I 53 39.42 -4.75 14.77
C LYS I 53 39.10 -6.12 15.36
N PHE I 54 40.14 -6.92 15.62
CA PHE I 54 39.95 -8.29 16.12
C PHE I 54 39.60 -8.19 17.59
N ILE I 55 38.56 -8.92 17.99
CA ILE I 55 38.05 -8.93 19.39
C ILE I 55 38.38 -10.28 20.01
N ASN I 56 38.26 -11.37 19.27
CA ASN I 56 38.52 -12.68 19.84
C ASN I 56 38.88 -13.68 18.75
N ILE I 57 39.66 -14.68 19.14
CA ILE I 57 39.96 -15.89 18.31
C ILE I 57 39.46 -17.05 19.17
N LEU I 58 38.45 -17.78 18.69
CA LEU I 58 37.59 -18.64 19.53
C LEU I 58 37.99 -20.09 19.37
N GLU I 59 38.22 -20.50 18.13
CA GLU I 59 38.58 -21.89 17.80
C GLU I 59 39.59 -21.83 16.66
N VAL I 60 40.63 -22.63 16.79
CA VAL I 60 41.70 -22.76 15.78
C VAL I 60 41.88 -24.25 15.56
N ASN I 61 41.99 -24.69 14.32
CA ASN I 61 42.23 -26.13 14.01
C ASN I 61 43.41 -26.19 13.03
N GLU I 62 44.58 -26.64 13.51
CA GLU I 62 45.82 -26.65 12.71
C GLU I 62 45.76 -27.79 11.69
N ILE I 63 44.98 -28.83 11.95
CA ILE I 63 44.76 -29.97 11.00
C ILE I 63 43.96 -29.46 9.79
N THR I 64 42.83 -28.78 10.03
CA THR I 64 41.87 -28.37 8.94
C THR I 64 42.22 -26.98 8.41
N ASN I 65 43.09 -26.22 9.07
CA ASN I 65 43.42 -24.81 8.69
C ASN I 65 42.11 -23.99 8.70
N GLU I 66 41.39 -24.04 9.83
CA GLU I 66 40.15 -23.25 10.03
C GLU I 66 40.29 -22.45 11.32
N VAL I 67 39.76 -21.22 11.31
CA VAL I 67 39.74 -20.34 12.52
C VAL I 67 38.34 -19.75 12.62
N ASP I 68 37.87 -19.58 13.85
CA ASP I 68 36.59 -18.92 14.19
C ASP I 68 36.99 -17.63 14.91
N VAL I 69 36.65 -16.46 14.35
CA VAL I 69 37.11 -15.15 14.86
CA VAL I 69 37.11 -15.15 14.87
C VAL I 69 35.89 -14.25 15.09
N VAL I 70 36.02 -13.33 16.06
CA VAL I 70 35.06 -12.23 16.27
C VAL I 70 35.82 -10.94 15.97
N PHE I 71 35.26 -10.09 15.11
CA PHE I 71 35.90 -8.80 14.75
C PHE I 71 34.83 -7.74 14.56
N TRP I 72 35.21 -6.49 14.80
CA TRP I 72 34.41 -5.30 14.44
C TRP I 72 34.85 -4.91 13.03
N GLN I 73 33.91 -4.88 12.08
CA GLN I 73 34.25 -4.58 10.68
C GLN I 73 33.94 -3.10 10.45
N GLN I 74 34.90 -2.23 10.71
CA GLN I 74 34.73 -0.78 10.58
C GLN I 74 34.67 -0.45 9.08
N THR I 75 33.53 0.06 8.64
CA THR I 75 33.21 0.25 7.21
C THR I 75 32.74 1.69 7.05
N THR I 76 33.40 2.48 6.21
CA THR I 76 33.02 3.88 5.99
C THR I 76 32.99 4.19 4.48
N TRP I 77 32.07 5.06 4.10
CA TRP I 77 31.92 5.54 2.72
C TRP I 77 31.07 6.81 2.79
N SER I 78 30.98 7.52 1.68
CA SER I 78 30.16 8.73 1.54
C SER I 78 28.94 8.41 0.67
N ASP I 79 27.78 8.91 1.08
CA ASP I 79 26.54 8.89 0.27
C ASP I 79 25.93 10.29 0.38
N ARG I 80 26.23 11.14 -0.59
CA ARG I 80 25.80 12.58 -0.58
C ARG I 80 24.27 12.68 -0.60
N THR I 81 23.54 11.65 -1.03
CA THR I 81 22.05 11.69 -1.04
C THR I 81 21.51 11.70 0.40
N LEU I 82 22.34 11.39 1.41
CA LEU I 82 21.90 11.38 2.82
C LEU I 82 22.12 12.73 3.50
N ALA I 83 22.87 13.64 2.89
CA ALA I 83 23.44 14.85 3.57
C ALA I 83 22.31 15.82 3.94
N TRP I 84 22.50 16.57 5.01
CA TRP I 84 21.56 17.65 5.42
C TRP I 84 22.36 18.85 5.93
N ASN I 85 21.72 20.01 5.99
CA ASN I 85 22.31 21.24 6.59
C ASN I 85 22.35 21.06 8.12
N SER I 86 23.55 21.03 8.72
CA SER I 86 23.74 20.75 10.16
C SER I 86 23.55 22.00 11.03
N SER I 87 23.28 23.18 10.44
CA SER I 87 23.01 24.42 11.23
C SER I 87 21.73 24.21 12.04
N HIS I 88 21.81 24.29 13.37
CA HIS I 88 20.68 24.10 14.31
C HIS I 88 20.06 22.70 14.11
N SER I 89 20.89 21.71 13.78
CA SER I 89 20.48 20.31 13.51
C SER I 89 21.50 19.36 14.13
N PRO I 90 21.12 18.10 14.44
CA PRO I 90 22.08 17.09 14.84
C PRO I 90 23.21 16.96 13.81
N ASP I 91 24.43 16.66 14.27
CA ASP I 91 25.59 16.43 13.39
C ASP I 91 25.56 14.99 12.84
N GLN I 92 24.89 14.08 13.55
CA GLN I 92 24.87 12.63 13.18
C GLN I 92 23.55 12.00 13.64
N VAL I 93 23.10 10.95 12.95
CA VAL I 93 21.93 10.14 13.35
C VAL I 93 22.29 8.66 13.20
N SER I 94 21.56 7.81 13.92
CA SER I 94 21.65 6.35 13.78
C SER I 94 20.55 5.90 12.83
N VAL I 95 20.89 5.12 11.82
CA VAL I 95 19.95 4.73 10.75
C VAL I 95 20.01 3.21 10.59
N PRO I 96 18.86 2.52 10.52
CA PRO I 96 18.88 1.10 10.19
C PRO I 96 19.49 0.86 8.82
N ILE I 97 20.35 -0.15 8.67
CA ILE I 97 21.03 -0.36 7.36
C ILE I 97 20.02 -0.78 6.27
N SER I 98 18.83 -1.27 6.64
CA SER I 98 17.76 -1.56 5.65
C SER I 98 17.31 -0.27 4.96
N SER I 99 17.55 0.91 5.54
CA SER I 99 17.17 2.21 4.92
C SER I 99 18.34 2.85 4.14
N LEU I 100 19.47 2.19 4.00
CA LEU I 100 20.67 2.77 3.35
C LEU I 100 21.19 1.82 2.28
N TRP I 101 21.84 2.36 1.27
CA TRP I 101 22.76 1.55 0.45
C TRP I 101 23.94 1.17 1.34
N VAL I 102 24.33 -0.10 1.32
CA VAL I 102 25.56 -0.57 2.03
C VAL I 102 26.37 -1.34 1.00
N PRO I 103 27.71 -1.26 1.06
CA PRO I 103 28.55 -2.02 0.15
C PRO I 103 28.33 -3.52 0.31
N ASP I 104 28.30 -4.23 -0.82
CA ASP I 104 28.08 -5.70 -0.89
C ASP I 104 29.39 -6.45 -0.63
N LEU I 105 29.98 -6.22 0.54
CA LEU I 105 31.28 -6.85 0.92
C LEU I 105 31.08 -8.32 1.23
N ALA I 106 32.06 -9.12 0.85
CA ALA I 106 32.14 -10.54 1.20
C ALA I 106 33.59 -10.88 1.54
N ALA I 107 33.76 -11.81 2.48
CA ALA I 107 35.08 -12.39 2.79
C ALA I 107 35.24 -13.61 1.88
N TYR I 108 36.19 -13.52 0.96
CA TYR I 108 36.36 -14.50 -0.15
C TYR I 108 36.76 -15.86 0.41
N ASN I 109 37.38 -15.94 1.59
CA ASN I 109 37.83 -17.24 2.18
C ASN I 109 36.99 -17.59 3.41
N ALA I 110 35.81 -16.99 3.58
CA ALA I 110 34.86 -17.39 4.65
C ALA I 110 34.28 -18.75 4.29
N ILE I 111 34.09 -19.60 5.29
CA ILE I 111 33.43 -20.94 5.13
C ILE I 111 32.17 -21.00 5.99
N SER I 112 31.75 -19.89 6.59
CA SER I 112 30.44 -19.76 7.27
C SER I 112 29.85 -18.39 6.89
N LYS I 113 28.54 -18.25 6.99
CA LYS I 113 27.90 -16.92 6.81
C LYS I 113 28.36 -16.02 7.95
N PRO I 114 28.48 -14.71 7.73
CA PRO I 114 28.83 -13.79 8.82
C PRO I 114 27.66 -13.81 9.81
N GLU I 115 27.95 -14.08 11.09
CA GLU I 115 26.96 -13.98 12.21
C GLU I 115 27.11 -12.57 12.79
N VAL I 116 26.12 -11.70 12.55
CA VAL I 116 26.16 -10.31 13.07
C VAL I 116 25.65 -10.32 14.50
N LEU I 117 26.48 -9.89 15.44
CA LEU I 117 26.20 -10.00 16.90
C LEU I 117 25.49 -8.74 17.39
N THR I 118 25.46 -7.67 16.60
CA THR I 118 25.13 -6.31 17.07
C THR I 118 23.90 -5.76 16.35
N PRO I 119 23.23 -4.76 16.92
CA PRO I 119 22.13 -4.06 16.23
C PRO I 119 22.58 -3.52 14.86
N GLN I 120 21.75 -3.72 13.84
CA GLN I 120 22.12 -3.44 12.43
C GLN I 120 21.79 -1.99 12.10
N LEU I 121 22.51 -1.08 12.75
CA LEU I 121 22.38 0.39 12.59
C LEU I 121 23.75 0.92 12.16
N ALA I 122 23.73 1.96 11.35
CA ALA I 122 24.93 2.73 10.94
C ALA I 122 24.77 4.14 11.49
N ARG I 123 25.87 4.87 11.55
CA ARG I 123 25.90 6.28 11.94
C ARG I 123 26.04 7.07 10.64
N VAL I 124 25.18 8.05 10.43
CA VAL I 124 25.23 8.94 9.24
C VAL I 124 25.57 10.34 9.74
N VAL I 125 26.63 10.92 9.19
CA VAL I 125 27.06 12.31 9.47
C VAL I 125 26.34 13.25 8.49
N SER I 126 26.07 14.49 8.91
CA SER I 126 25.33 15.49 8.11
C SER I 126 25.95 15.74 6.73
N ASP I 127 27.22 15.43 6.52
CA ASP I 127 27.87 15.59 5.19
C ASP I 127 27.67 14.33 4.33
N GLY I 128 26.98 13.30 4.83
CA GLY I 128 26.72 12.07 4.06
C GLY I 128 27.72 10.97 4.32
N GLU I 129 28.68 11.16 5.23
CA GLU I 129 29.62 10.08 5.60
C GLU I 129 28.82 9.04 6.40
N VAL I 130 29.03 7.78 6.10
CA VAL I 130 28.38 6.64 6.80
C VAL I 130 29.46 5.87 7.52
N LEU I 131 29.21 5.52 8.78
CA LEU I 131 30.06 4.60 9.55
C LEU I 131 29.20 3.41 9.95
N TYR I 132 29.51 2.23 9.45
CA TYR I 132 28.82 0.98 9.81
C TYR I 132 29.86 0.03 10.38
N MET I 133 29.65 -0.43 11.62
CA MET I 133 30.67 -1.30 12.26
C MET I 133 29.98 -2.43 12.98
N PRO I 134 29.58 -3.49 12.25
CA PRO I 134 29.00 -4.65 12.90
C PRO I 134 30.09 -5.44 13.61
N SER I 135 29.70 -6.07 14.71
CA SER I 135 30.50 -7.17 15.33
C SER I 135 30.10 -8.46 14.61
N ILE I 136 31.08 -9.13 14.02
CA ILE I 136 30.86 -10.36 13.23
C ILE I 136 31.63 -11.53 13.82
N ARG I 137 30.97 -12.67 13.92
CA ARG I 137 31.62 -13.97 14.18
C ARG I 137 31.58 -14.75 12.87
N GLN I 138 32.74 -15.23 12.43
CA GLN I 138 32.82 -15.89 11.11
C GLN I 138 33.98 -16.88 11.14
N ARG I 139 33.83 -17.96 10.37
CA ARG I 139 34.86 -19.02 10.25
CA ARG I 139 34.86 -19.04 10.25
C ARG I 139 35.54 -18.87 8.90
N PHE I 140 36.86 -19.06 8.87
CA PHE I 140 37.70 -18.85 7.67
C PHE I 140 38.61 -20.06 7.45
N SER I 141 38.90 -20.26 6.17
CA SER I 141 39.98 -21.14 5.67
C SER I 141 41.23 -20.29 5.50
N CYS I 142 42.24 -20.52 6.33
CA CYS I 142 43.51 -19.74 6.24
C CYS I 142 44.64 -20.53 6.93
N ASP I 143 45.86 -20.01 6.83
CA ASP I 143 47.07 -20.75 7.27
C ASP I 143 47.17 -20.68 8.79
N VAL I 144 46.91 -21.79 9.46
CA VAL I 144 46.97 -21.91 10.95
C VAL I 144 48.32 -22.51 11.36
N SER I 145 49.18 -22.88 10.40
CA SER I 145 50.50 -23.49 10.70
C SER I 145 51.34 -22.53 11.55
N GLY I 146 51.93 -23.03 12.63
CA GLY I 146 52.84 -22.24 13.49
C GLY I 146 52.12 -21.57 14.64
N VAL I 147 50.82 -21.82 14.82
CA VAL I 147 50.03 -21.14 15.90
C VAL I 147 50.65 -21.42 17.28
N ASP I 148 51.22 -22.60 17.50
CA ASP I 148 51.78 -23.01 18.82
C ASP I 148 53.28 -22.68 18.91
N THR I 149 53.81 -21.81 18.04
CA THR I 149 55.24 -21.40 18.02
C THR I 149 55.36 -19.93 18.39
N GLU I 150 56.59 -19.46 18.63
CA GLU I 150 56.87 -18.08 19.05
C GLU I 150 56.50 -17.11 17.91
N SER I 151 56.75 -17.49 16.66
CA SER I 151 56.51 -16.60 15.48
C SER I 151 55.01 -16.61 15.10
N GLY I 152 54.27 -17.64 15.55
CA GLY I 152 52.80 -17.73 15.43
C GLY I 152 52.34 -18.10 14.03
N ALA I 153 51.03 -18.12 13.81
CA ALA I 153 50.39 -18.35 12.49
C ALA I 153 50.08 -16.98 11.86
N THR I 154 50.00 -16.92 10.54
CA THR I 154 49.50 -15.73 9.80
C THR I 154 48.31 -16.17 8.95
N CYS I 155 47.11 -15.79 9.39
CA CYS I 155 45.81 -16.06 8.73
C CYS I 155 45.42 -14.82 7.90
N ARG I 156 45.28 -14.96 6.59
CA ARG I 156 44.94 -13.86 5.66
C ARG I 156 43.44 -13.93 5.35
N ILE I 157 42.74 -12.82 5.56
CA ILE I 157 41.29 -12.68 5.26
C ILE I 157 41.17 -11.65 4.14
N LYS I 158 40.51 -12.01 3.04
CA LYS I 158 40.33 -11.12 1.86
C LYS I 158 38.86 -10.67 1.80
N ILE I 159 38.64 -9.38 1.82
CA ILE I 159 37.28 -8.76 1.82
C ILE I 159 37.18 -7.82 0.62
N GLY I 160 36.15 -7.97 -0.19
CA GLY I 160 35.88 -7.07 -1.32
C GLY I 160 34.42 -7.09 -1.69
N SER I 161 34.07 -6.20 -2.62
CA SER I 161 32.72 -6.17 -3.24
C SER I 161 32.50 -7.49 -3.98
N TRP I 162 31.31 -8.08 -3.81
CA TRP I 162 30.95 -9.30 -4.53
C TRP I 162 30.62 -9.00 -6.00
N THR I 163 30.00 -7.86 -6.31
CA THR I 163 29.47 -7.61 -7.67
C THR I 163 30.00 -6.33 -8.31
N HIS I 164 30.64 -5.43 -7.57
CA HIS I 164 31.05 -4.12 -8.11
C HIS I 164 32.58 -4.17 -8.35
N HIS I 165 32.97 -3.97 -9.62
CA HIS I 165 34.40 -3.87 -10.01
C HIS I 165 34.96 -2.50 -9.61
N SER I 166 36.26 -2.29 -9.86
CA SER I 166 37.05 -1.14 -9.35
C SER I 166 36.53 0.20 -9.87
N ARG I 167 35.80 0.26 -10.98
CA ARG I 167 35.26 1.55 -11.47
C ARG I 167 34.00 1.95 -10.69
N GLU I 168 33.45 1.04 -9.86
CA GLU I 168 32.21 1.29 -9.09
C GLU I 168 32.50 1.34 -7.59
N ILE I 169 33.29 0.40 -7.09
CA ILE I 169 33.70 0.40 -5.65
C ILE I 169 35.20 0.22 -5.59
N SER I 170 35.86 1.09 -4.85
CA SER I 170 37.27 0.85 -4.41
C SER I 170 37.22 0.47 -2.93
N VAL I 171 38.02 -0.54 -2.58
CA VAL I 171 38.12 -1.00 -1.16
C VAL I 171 39.54 -0.72 -0.70
N ASP I 172 39.64 0.00 0.41
CA ASP I 172 40.93 0.59 0.86
C ASP I 172 41.00 0.35 2.37
N PRO I 173 42.17 -0.05 2.87
CA PRO I 173 42.39 -0.09 4.32
C PRO I 173 42.30 1.36 4.80
N THR I 174 41.94 1.54 6.07
CA THR I 174 41.92 2.88 6.70
C THR I 174 43.37 3.32 6.87
N THR I 175 43.58 4.62 6.95
CA THR I 175 44.92 5.23 7.16
C THR I 175 45.34 4.96 8.61
N SER I 178 45.37 2.55 15.50
CA SER I 178 45.54 2.25 16.94
C SER I 178 46.26 0.90 17.12
N ASP I 179 46.54 0.51 18.36
CA ASP I 179 47.15 -0.79 18.73
C ASP I 179 46.31 -1.93 18.12
N ASP I 180 46.97 -2.91 17.48
CA ASP I 180 46.33 -4.10 16.86
C ASP I 180 45.51 -4.90 17.89
N SER I 181 45.92 -4.87 19.15
CA SER I 181 45.29 -5.63 20.27
C SER I 181 44.39 -4.72 21.09
N GLU I 182 44.09 -3.50 20.62
CA GLU I 182 43.47 -2.46 21.50
C GLU I 182 42.13 -2.99 22.02
N TYR I 183 41.34 -3.70 21.20
CA TYR I 183 40.00 -4.19 21.61
C TYR I 183 40.02 -5.71 21.74
N PHE I 184 41.18 -6.34 21.56
CA PHE I 184 41.28 -7.82 21.62
C PHE I 184 41.11 -8.30 23.06
N SER I 185 40.30 -9.34 23.24
CA SER I 185 39.96 -9.89 24.57
C SER I 185 41.24 -10.38 25.27
N GLN I 186 41.42 -9.92 26.52
CA GLN I 186 42.51 -10.42 27.40
C GLN I 186 42.24 -11.88 27.78
N TYR I 187 41.03 -12.40 27.57
CA TYR I 187 40.63 -13.75 28.03
C TYR I 187 40.76 -14.80 26.93
N SER I 188 41.03 -14.41 25.68
CA SER I 188 41.30 -15.36 24.60
C SER I 188 42.47 -16.29 25.01
N ARG I 189 42.46 -17.53 24.53
CA ARG I 189 43.60 -18.48 24.62
C ARG I 189 44.75 -17.97 23.73
N PHE I 190 44.46 -17.04 22.80
CA PHE I 190 45.42 -16.58 21.78
C PHE I 190 45.77 -15.12 22.03
N GLU I 191 46.87 -14.68 21.44
CA GLU I 191 47.29 -13.26 21.45
C GLU I 191 47.70 -12.86 20.05
N ILE I 192 47.51 -11.60 19.73
CA ILE I 192 47.84 -11.00 18.42
C ILE I 192 49.27 -10.47 18.49
N LEU I 193 50.08 -10.88 17.51
CA LEU I 193 51.47 -10.38 17.33
C LEU I 193 51.46 -9.19 16.37
N ASP I 194 50.62 -9.24 15.32
CA ASP I 194 50.60 -8.18 14.28
C ASP I 194 49.33 -8.30 13.44
N VAL I 195 48.84 -7.17 12.97
CA VAL I 195 47.76 -7.08 11.96
C VAL I 195 48.24 -6.11 10.89
N THR I 196 48.25 -6.54 9.63
CA THR I 196 48.47 -5.64 8.47
C THR I 196 47.25 -5.73 7.57
N GLN I 197 46.84 -4.62 6.97
CA GLN I 197 45.63 -4.54 6.11
C GLN I 197 46.07 -3.81 4.84
N LYS I 198 46.12 -4.50 3.69
CA LYS I 198 46.77 -4.01 2.44
C LYS I 198 45.80 -4.17 1.26
N LYS I 199 45.87 -3.23 0.31
CA LYS I 199 45.01 -3.24 -0.89
CA LYS I 199 45.06 -3.19 -0.93
C LYS I 199 45.48 -4.33 -1.86
N ASN I 200 44.55 -5.07 -2.45
CA ASN I 200 44.82 -6.04 -3.54
C ASN I 200 43.80 -5.81 -4.66
N SER I 201 44.18 -6.16 -5.89
CA SER I 201 43.30 -6.07 -7.08
C SER I 201 43.38 -7.39 -7.82
N VAL I 202 42.24 -7.97 -8.20
CA VAL I 202 42.22 -9.27 -8.91
C VAL I 202 41.44 -9.08 -10.19
N THR I 203 42.02 -9.54 -11.30
CA THR I 203 41.35 -9.57 -12.62
C THR I 203 41.24 -11.05 -12.99
N TYR I 204 40.02 -11.45 -13.33
CA TYR I 204 39.66 -12.84 -13.67
C TYR I 204 39.65 -12.96 -15.20
N SER I 205 39.87 -14.16 -15.75
CA SER I 205 39.87 -14.46 -17.23
C SER I 205 38.53 -14.07 -17.87
N CYS I 206 37.42 -14.18 -17.13
CA CYS I 206 36.03 -13.94 -17.61
C CYS I 206 35.86 -12.53 -18.18
N CYS I 207 36.55 -11.55 -17.60
CA CYS I 207 36.11 -10.14 -17.52
C CYS I 207 37.33 -9.24 -17.64
N PRO I 208 37.22 -8.07 -18.32
CA PRO I 208 38.30 -7.07 -18.32
C PRO I 208 38.45 -6.33 -16.98
N GLU I 209 37.41 -6.30 -16.15
CA GLU I 209 37.36 -5.40 -14.98
C GLU I 209 38.10 -6.03 -13.82
N ALA I 210 38.79 -5.21 -13.04
CA ALA I 210 39.50 -5.64 -11.80
C ALA I 210 38.55 -5.46 -10.61
N TYR I 211 38.65 -6.35 -9.62
CA TYR I 211 37.92 -6.29 -8.33
C TYR I 211 38.92 -6.04 -7.22
N GLU I 212 38.62 -5.01 -6.43
CA GLU I 212 39.50 -4.65 -5.31
C GLU I 212 39.16 -5.53 -4.12
N ASP I 213 40.16 -5.73 -3.29
CA ASP I 213 39.94 -6.31 -1.96
C ASP I 213 40.89 -5.63 -0.99
N VAL I 214 40.62 -5.79 0.27
CA VAL I 214 41.61 -5.58 1.37
C VAL I 214 41.99 -6.98 1.84
N GLU I 215 43.30 -7.20 1.99
CA GLU I 215 43.83 -8.44 2.55
C GLU I 215 44.31 -8.13 3.96
N VAL I 216 43.68 -8.76 4.93
CA VAL I 216 43.97 -8.53 6.38
C VAL I 216 44.79 -9.73 6.86
N SER I 217 46.03 -9.49 7.28
CA SER I 217 46.96 -10.56 7.73
C SER I 217 47.00 -10.54 9.26
N LEU I 218 46.44 -11.57 9.88
CA LEU I 218 46.34 -11.71 11.35
C LEU I 218 47.46 -12.66 11.79
N ASN I 219 48.51 -12.11 12.39
CA ASN I 219 49.63 -12.90 12.96
C ASN I 219 49.31 -13.11 14.44
N PHE I 220 49.06 -14.35 14.85
CA PHE I 220 48.60 -14.66 16.22
C PHE I 220 49.23 -15.96 16.68
N ARG I 221 49.22 -16.20 17.99
CA ARG I 221 49.74 -17.46 18.54
C ARG I 221 48.99 -17.82 19.82
N LYS I 222 49.06 -19.09 20.18
CA LYS I 222 48.56 -19.61 21.48
C LYS I 222 49.42 -19.02 22.60
N LYS I 223 48.79 -18.52 23.66
CA LYS I 223 49.52 -17.97 24.82
C LYS I 223 50.24 -19.10 25.57
N GLY I 224 51.40 -18.79 26.14
CA GLY I 224 52.27 -19.77 26.84
C GLY I 224 51.84 -19.94 28.28
N LEU J 20 20.08 7.18 -19.41
CA LEU J 20 19.58 6.64 -18.13
C LEU J 20 20.74 6.59 -17.15
N ASP J 21 20.48 6.80 -15.87
CA ASP J 21 21.49 6.52 -14.82
C ASP J 21 21.09 5.22 -14.08
N ARG J 22 21.94 4.79 -13.17
CA ARG J 22 21.76 3.54 -12.38
C ARG J 22 20.42 3.63 -11.64
N ALA J 23 20.10 4.78 -11.03
CA ALA J 23 18.89 4.93 -10.20
C ALA J 23 17.65 4.65 -11.09
N ASP J 24 17.63 5.16 -12.32
CA ASP J 24 16.46 4.99 -13.23
C ASP J 24 16.34 3.52 -13.62
N ILE J 25 17.46 2.89 -14.00
CA ILE J 25 17.46 1.47 -14.44
C ILE J 25 16.97 0.58 -13.29
N LEU J 26 17.49 0.79 -12.08
CA LEU J 26 17.12 -0.07 -10.93
C LEU J 26 15.65 0.16 -10.55
N TYR J 27 15.17 1.39 -10.66
CA TYR J 27 13.75 1.74 -10.44
C TYR J 27 12.88 0.98 -11.47
N ASN J 28 13.24 1.05 -12.74
CA ASN J 28 12.49 0.40 -13.84
C ASN J 28 12.43 -1.12 -13.59
N ILE J 29 13.56 -1.73 -13.24
CA ILE J 29 13.62 -3.19 -12.97
C ILE J 29 12.74 -3.51 -11.76
N ARG J 30 12.88 -2.79 -10.65
CA ARG J 30 12.10 -3.06 -9.42
C ARG J 30 10.60 -2.95 -9.75
N GLN J 31 10.19 -1.98 -10.56
CA GLN J 31 8.76 -1.68 -10.83
C GLN J 31 8.14 -2.65 -11.81
N THR J 32 8.89 -3.27 -12.72
CA THR J 32 8.32 -4.11 -13.83
C THR J 32 8.84 -5.54 -13.75
N SER J 33 9.51 -5.80 -12.62
CA SER J 33 10.00 -7.10 -12.16
C SER J 33 8.78 -7.99 -12.02
N ARG J 34 8.81 -9.01 -12.86
CA ARG J 34 7.93 -10.21 -12.76
C ARG J 34 8.84 -11.37 -12.34
N PRO J 35 9.26 -11.47 -11.07
CA PRO J 35 10.19 -12.52 -10.63
C PRO J 35 9.58 -13.93 -10.70
N ASP J 36 8.25 -14.04 -10.79
CA ASP J 36 7.58 -15.35 -10.91
C ASP J 36 7.44 -15.75 -12.37
N VAL J 37 7.87 -14.92 -13.33
CA VAL J 37 7.60 -15.19 -14.78
C VAL J 37 8.90 -15.59 -15.48
N ILE J 38 9.00 -16.86 -15.89
CA ILE J 38 10.14 -17.37 -16.68
C ILE J 38 10.23 -16.58 -17.98
N PRO J 39 11.40 -16.01 -18.34
CA PRO J 39 11.51 -15.15 -19.52
C PRO J 39 11.74 -15.91 -20.83
N THR J 40 10.85 -16.83 -21.18
CA THR J 40 10.90 -17.56 -22.47
C THR J 40 10.70 -16.55 -23.61
N GLN J 41 11.39 -16.74 -24.72
CA GLN J 41 11.28 -15.94 -25.97
C GLN J 41 10.67 -16.86 -27.03
N ARG J 42 9.52 -16.51 -27.58
CA ARG J 42 8.89 -17.18 -28.74
C ARG J 42 8.92 -18.70 -28.49
N ASP J 43 8.45 -19.12 -27.31
CA ASP J 43 8.29 -20.53 -26.85
C ASP J 43 9.56 -21.36 -27.06
N ARG J 44 10.76 -20.75 -27.02
CA ARG J 44 12.05 -21.46 -26.88
C ARG J 44 12.37 -21.56 -25.39
N PRO J 45 13.16 -22.55 -24.95
CA PRO J 45 13.53 -22.62 -23.53
C PRO J 45 14.45 -21.48 -23.16
N VAL J 46 14.47 -21.13 -21.89
CA VAL J 46 15.55 -20.25 -21.35
C VAL J 46 16.82 -21.07 -21.25
N ALA J 47 17.89 -20.63 -21.92
CA ALA J 47 19.20 -21.30 -21.88
C ALA J 47 19.92 -20.81 -20.63
N VAL J 48 20.06 -21.70 -19.65
CA VAL J 48 20.76 -21.40 -18.39
C VAL J 48 22.13 -22.07 -18.47
N SER J 49 23.20 -21.31 -18.27
CA SER J 49 24.58 -21.86 -18.15
C SER J 49 24.94 -21.94 -16.69
N VAL J 50 25.51 -23.07 -16.28
CA VAL J 50 25.89 -23.35 -14.88
C VAL J 50 27.32 -23.90 -14.91
N SER J 51 28.19 -23.31 -14.11
CA SER J 51 29.60 -23.76 -13.91
C SER J 51 29.92 -23.63 -12.44
N LEU J 52 30.39 -24.71 -11.81
CA LEU J 52 30.82 -24.67 -10.40
C LEU J 52 32.33 -24.40 -10.36
N LYS J 53 32.73 -23.41 -9.58
CA LYS J 53 34.16 -23.11 -9.28
C LYS J 53 34.37 -23.55 -7.83
N PHE J 54 35.13 -24.62 -7.62
CA PHE J 54 35.33 -25.19 -6.27
C PHE J 54 36.30 -24.30 -5.50
N ILE J 55 35.93 -23.95 -4.28
CA ILE J 55 36.70 -23.06 -3.39
C ILE J 55 37.29 -23.88 -2.24
N ASN J 56 36.52 -24.82 -1.70
CA ASN J 56 37.03 -25.59 -0.55
C ASN J 56 36.29 -26.94 -0.47
N ILE J 57 36.98 -27.92 0.12
CA ILE J 57 36.40 -29.21 0.54
C ILE J 57 36.70 -29.29 2.03
N LEU J 58 35.67 -29.29 2.87
CA LEU J 58 35.80 -28.94 4.31
C LEU J 58 35.79 -30.18 5.17
N GLU J 59 34.86 -31.08 4.84
CA GLU J 59 34.66 -32.32 5.62
C GLU J 59 34.32 -33.42 4.63
N VAL J 60 34.94 -34.55 4.83
CA VAL J 60 34.76 -35.74 3.97
C VAL J 60 34.57 -36.89 4.93
N ASN J 61 33.60 -37.76 4.67
CA ASN J 61 33.37 -38.96 5.51
C ASN J 61 33.29 -40.16 4.56
N GLU J 62 34.33 -41.01 4.57
CA GLU J 62 34.44 -42.16 3.63
C GLU J 62 33.48 -43.27 4.07
N ILE J 63 33.13 -43.34 5.36
CA ILE J 63 32.14 -44.32 5.89
C ILE J 63 30.75 -43.97 5.37
N THR J 64 30.32 -42.70 5.49
CA THR J 64 28.93 -42.26 5.17
C THR J 64 28.82 -41.81 3.71
N ASN J 65 29.93 -41.62 3.00
CA ASN J 65 29.93 -41.09 1.61
C ASN J 65 29.24 -39.70 1.61
N GLU J 66 29.71 -38.81 2.47
CA GLU J 66 29.22 -37.41 2.56
C GLU J 66 30.41 -36.45 2.45
N VAL J 67 30.20 -35.33 1.77
CA VAL J 67 31.24 -34.27 1.61
C VAL J 67 30.56 -32.93 1.86
N ASP J 68 31.29 -32.02 2.48
CA ASP J 68 30.87 -30.62 2.70
C ASP J 68 31.77 -29.76 1.81
N VAL J 69 31.21 -29.06 0.82
CA VAL J 69 32.01 -28.33 -0.20
C VAL J 69 31.56 -26.86 -0.24
N VAL J 70 32.48 -25.99 -0.60
CA VAL J 70 32.19 -24.56 -0.87
C VAL J 70 32.51 -24.34 -2.34
N PHE J 71 31.57 -23.76 -3.10
CA PHE J 71 31.75 -23.50 -4.53
C PHE J 71 31.05 -22.20 -4.91
N TRP J 72 31.56 -21.55 -5.95
CA TRP J 72 30.88 -20.42 -6.64
C TRP J 72 30.02 -21.04 -7.74
N GLN J 73 28.72 -20.78 -7.71
CA GLN J 73 27.79 -21.35 -8.71
C GLN J 73 27.57 -20.29 -9.77
N GLN J 74 28.41 -20.25 -10.80
CA GLN J 74 28.27 -19.26 -11.88
C GLN J 74 27.04 -19.62 -12.72
N THR J 75 26.05 -18.73 -12.74
CA THR J 75 24.73 -18.98 -13.36
C THR J 75 24.44 -17.82 -14.28
N THR J 76 24.20 -18.07 -15.57
CA THR J 76 23.89 -17.00 -16.54
C THR J 76 22.70 -17.41 -17.41
N TRP J 77 21.91 -16.40 -17.79
CA TRP J 77 20.75 -16.55 -18.66
C TRP J 77 20.39 -15.17 -19.17
N SER J 78 19.51 -15.11 -20.15
CA SER J 78 19.01 -13.86 -20.74
C SER J 78 17.56 -13.62 -20.29
N ASP J 79 17.26 -12.38 -19.93
CA ASP J 79 15.90 -11.91 -19.65
C ASP J 79 15.74 -10.57 -20.36
N ARG J 80 15.21 -10.60 -21.57
CA ARG J 80 15.10 -9.41 -22.46
C ARG J 80 14.19 -8.36 -21.81
N THR J 81 13.33 -8.72 -20.85
CA THR J 81 12.45 -7.73 -20.17
C THR J 81 13.31 -6.78 -19.31
N LEU J 82 14.57 -7.10 -19.04
CA LEU J 82 15.45 -6.25 -18.19
C LEU J 82 16.21 -5.23 -19.04
N ALA J 83 16.25 -5.40 -20.39
CA ALA J 83 17.23 -4.72 -21.27
C ALA J 83 16.96 -3.22 -21.30
N TRP J 84 18.00 -2.42 -21.50
CA TRP J 84 17.88 -0.95 -21.70
C TRP J 84 18.85 -0.50 -22.78
N ASN J 85 18.62 0.69 -23.33
CA ASN J 85 19.54 1.36 -24.27
C ASN J 85 20.80 1.83 -23.50
N SER J 86 21.97 1.28 -23.81
CA SER J 86 23.23 1.56 -23.07
C SER J 86 23.93 2.84 -23.57
N SER J 87 23.38 3.54 -24.59
CA SER J 87 23.97 4.82 -25.06
C SER J 87 23.84 5.86 -23.94
N HIS J 88 24.98 6.42 -23.50
CA HIS J 88 25.08 7.40 -22.38
C HIS J 88 24.45 6.81 -21.10
N SER J 89 24.59 5.50 -20.90
CA SER J 89 24.02 4.75 -19.74
C SER J 89 25.03 3.74 -19.25
N PRO J 90 24.94 3.28 -17.98
CA PRO J 90 25.78 2.16 -17.53
C PRO J 90 25.57 0.94 -18.43
N ASP J 91 26.60 0.13 -18.62
CA ASP J 91 26.52 -1.13 -19.41
C ASP J 91 25.96 -2.26 -18.52
N GLN J 92 26.09 -2.14 -17.20
CA GLN J 92 25.69 -3.19 -16.23
C GLN J 92 25.26 -2.55 -14.91
N VAL J 93 24.38 -3.21 -14.18
CA VAL J 93 23.97 -2.81 -12.79
C VAL J 93 23.93 -4.05 -11.90
N SER J 94 24.06 -3.85 -10.60
CA SER J 94 23.89 -4.90 -9.58
C SER J 94 22.44 -4.84 -9.07
N VAL J 95 21.76 -5.96 -9.07
CA VAL J 95 20.31 -6.04 -8.76
C VAL J 95 20.09 -7.12 -7.73
N PRO J 96 19.30 -6.85 -6.68
CA PRO J 96 18.92 -7.89 -5.74
C PRO J 96 18.13 -9.00 -6.45
N ILE J 97 18.44 -10.26 -6.19
CA ILE J 97 17.75 -11.38 -6.90
C ILE J 97 16.26 -11.43 -6.54
N SER J 98 15.83 -10.82 -5.43
CA SER J 98 14.39 -10.72 -5.10
C SER J 98 13.66 -9.89 -6.16
N SER J 99 14.36 -9.06 -6.95
CA SER J 99 13.75 -8.24 -8.03
C SER J 99 13.83 -8.94 -9.40
N LEU J 100 14.34 -10.17 -9.50
CA LEU J 100 14.55 -10.86 -10.79
C LEU J 100 13.92 -12.24 -10.76
N TRP J 101 13.48 -12.73 -11.92
CA TRP J 101 13.29 -14.19 -12.08
C TRP J 101 14.67 -14.85 -12.00
N VAL J 102 14.76 -15.92 -11.23
CA VAL J 102 16.01 -16.75 -11.18
C VAL J 102 15.59 -18.19 -11.45
N PRO J 103 16.43 -18.97 -12.14
CA PRO J 103 16.11 -20.38 -12.36
C PRO J 103 16.01 -21.14 -11.04
N ASP J 104 15.03 -22.04 -10.95
CA ASP J 104 14.74 -22.88 -9.77
C ASP J 104 15.67 -24.11 -9.73
N LEU J 105 16.98 -23.86 -9.70
CA LEU J 105 18.00 -24.94 -9.71
C LEU J 105 18.03 -25.62 -8.34
N ALA J 106 18.23 -26.93 -8.37
CA ALA J 106 18.41 -27.75 -7.16
C ALA J 106 19.56 -28.73 -7.45
N ALA J 107 20.33 -29.02 -6.42
CA ALA J 107 21.34 -30.10 -6.46
C ALA J 107 20.63 -31.37 -6.02
N TYR J 108 20.49 -32.32 -6.95
CA TYR J 108 19.63 -33.52 -6.78
C TYR J 108 20.18 -34.41 -5.65
N ASN J 109 21.49 -34.38 -5.39
CA ASN J 109 22.12 -35.24 -4.36
C ASN J 109 22.61 -34.40 -3.18
N ALA J 110 22.10 -33.17 -3.01
CA ALA J 110 22.34 -32.39 -1.78
C ALA J 110 21.59 -33.04 -0.62
N ILE J 111 22.21 -33.06 0.56
CA ILE J 111 21.59 -33.54 1.82
C ILE J 111 21.52 -32.42 2.84
N SER J 112 21.84 -31.18 2.45
CA SER J 112 21.61 -29.97 3.29
C SER J 112 21.10 -28.85 2.38
N LYS J 113 20.43 -27.86 2.95
CA LYS J 113 20.02 -26.65 2.21
C LYS J 113 21.30 -25.92 1.79
N PRO J 114 21.30 -25.24 0.64
CA PRO J 114 22.46 -24.45 0.24
C PRO J 114 22.60 -23.29 1.24
N GLU J 115 23.78 -23.14 1.83
CA GLU J 115 24.13 -21.98 2.71
C GLU J 115 24.79 -20.93 1.82
N VAL J 116 24.10 -19.82 1.56
CA VAL J 116 24.63 -18.77 0.66
C VAL J 116 25.50 -17.84 1.49
N LEU J 117 26.79 -17.73 1.15
CA LEU J 117 27.77 -17.02 1.98
C LEU J 117 27.89 -15.56 1.54
N THR J 118 27.28 -15.18 0.41
CA THR J 118 27.59 -13.91 -0.28
C THR J 118 26.32 -13.07 -0.40
N PRO J 119 26.47 -11.74 -0.60
CA PRO J 119 25.32 -10.88 -0.87
C PRO J 119 24.50 -11.36 -2.07
N GLN J 120 23.18 -11.36 -1.92
CA GLN J 120 22.26 -12.01 -2.92
C GLN J 120 21.92 -11.00 -4.02
N LEU J 121 22.92 -10.62 -4.78
CA LEU J 121 22.88 -9.66 -5.89
C LEU J 121 23.34 -10.38 -7.15
N ALA J 122 22.72 -10.05 -8.26
CA ALA J 122 23.14 -10.47 -9.61
C ALA J 122 23.61 -9.25 -10.38
N ARG J 123 24.34 -9.48 -11.45
CA ARG J 123 24.78 -8.44 -12.40
C ARG J 123 23.85 -8.54 -13.60
N VAL J 124 23.26 -7.42 -14.01
CA VAL J 124 22.37 -7.38 -15.20
C VAL J 124 23.08 -6.51 -16.22
N VAL J 125 23.27 -7.04 -17.42
CA VAL J 125 23.87 -6.33 -18.59
C VAL J 125 22.75 -5.65 -19.37
N SER J 126 23.02 -4.53 -20.02
CA SER J 126 22.03 -3.71 -20.75
C SER J 126 21.30 -4.53 -21.83
N ASP J 127 21.87 -5.65 -22.30
CA ASP J 127 21.19 -6.51 -23.31
C ASP J 127 20.27 -7.54 -22.61
N GLY J 128 20.18 -7.53 -21.28
CA GLY J 128 19.32 -8.47 -20.53
C GLY J 128 20.02 -9.73 -20.08
N GLU J 129 21.34 -9.85 -20.27
CA GLU J 129 22.08 -11.00 -19.71
C GLU J 129 22.13 -10.81 -18.19
N VAL J 130 21.90 -11.87 -17.45
CA VAL J 130 21.97 -11.89 -15.96
C VAL J 130 23.10 -12.82 -15.58
N LEU J 131 23.97 -12.35 -14.70
CA LEU J 131 25.04 -13.19 -14.10
CA LEU J 131 25.06 -13.16 -14.13
C LEU J 131 24.80 -13.24 -12.60
N TYR J 132 24.49 -14.41 -12.08
CA TYR J 132 24.29 -14.62 -10.63
C TYR J 132 25.30 -15.65 -10.19
N MET J 133 26.16 -15.30 -9.23
CA MET J 133 27.21 -16.24 -8.80
C MET J 133 27.33 -16.25 -7.30
N PRO J 134 26.42 -16.95 -6.60
CA PRO J 134 26.54 -17.09 -5.16
C PRO J 134 27.69 -18.01 -4.79
N SER J 135 28.32 -17.73 -3.66
CA SER J 135 29.20 -18.69 -2.97
C SER J 135 28.32 -19.54 -2.06
N ILE J 136 28.35 -20.84 -2.25
CA ILE J 136 27.46 -21.80 -1.55
C ILE J 136 28.32 -22.81 -0.77
N ARG J 137 27.95 -23.06 0.47
CA ARG J 137 28.41 -24.22 1.24
C ARG J 137 27.27 -25.21 1.32
N GLN J 138 27.51 -26.46 0.93
CA GLN J 138 26.43 -27.47 0.91
C GLN J 138 27.04 -28.86 1.11
N ARG J 139 26.27 -29.76 1.69
CA ARG J 139 26.67 -31.16 1.95
C ARG J 139 26.01 -32.06 0.90
N PHE J 140 26.73 -33.06 0.41
CA PHE J 140 26.32 -33.95 -0.69
C PHE J 140 26.54 -35.40 -0.30
N SER J 141 25.66 -36.25 -0.83
CA SER J 141 25.82 -37.72 -0.88
C SER J 141 26.49 -38.04 -2.21
N CYS J 142 27.72 -38.54 -2.16
CA CYS J 142 28.47 -38.89 -3.39
C CYS J 142 29.60 -39.85 -3.03
N ASP J 143 30.27 -40.39 -4.04
CA ASP J 143 31.29 -41.46 -3.87
C ASP J 143 32.58 -40.84 -3.31
N VAL J 144 32.86 -41.11 -2.04
CA VAL J 144 34.08 -40.61 -1.34
C VAL J 144 35.16 -41.72 -1.34
N SER J 145 34.85 -42.91 -1.87
CA SER J 145 35.80 -44.05 -1.90
C SER J 145 37.07 -43.64 -2.67
N GLY J 146 38.25 -43.91 -2.10
CA GLY J 146 39.53 -43.64 -2.78
C GLY J 146 40.10 -42.27 -2.45
N VAL J 147 39.46 -41.51 -1.55
CA VAL J 147 39.90 -40.12 -1.23
C VAL J 147 41.34 -40.14 -0.70
N ASP J 148 41.77 -41.17 0.02
CA ASP J 148 43.12 -41.25 0.64
C ASP J 148 44.12 -41.97 -0.28
N THR J 149 43.80 -42.14 -1.57
CA THR J 149 44.66 -42.83 -2.57
C THR J 149 45.17 -41.82 -3.60
N GLU J 150 46.13 -42.23 -4.42
CA GLU J 150 46.77 -41.36 -5.42
C GLU J 150 45.73 -40.96 -6.49
N SER J 151 44.84 -41.88 -6.87
CA SER J 151 43.83 -41.63 -7.94
C SER J 151 42.65 -40.82 -7.39
N GLY J 152 42.48 -40.81 -6.06
CA GLY J 152 41.50 -39.95 -5.35
C GLY J 152 40.07 -40.46 -5.47
N ALA J 153 39.11 -39.70 -4.92
CA ALA J 153 37.66 -39.95 -5.03
C ALA J 153 37.10 -39.13 -6.19
N THR J 154 35.99 -39.57 -6.76
CA THR J 154 35.22 -38.80 -7.77
C THR J 154 33.79 -38.62 -7.23
N CYS J 155 33.49 -37.40 -6.78
CA CYS J 155 32.17 -36.98 -6.23
C CYS J 155 31.40 -36.25 -7.35
N ARG J 156 30.24 -36.79 -7.75
CA ARG J 156 29.42 -36.26 -8.86
C ARG J 156 28.28 -35.45 -8.25
N ILE J 157 28.13 -34.20 -8.68
CA ILE J 157 27.05 -33.28 -8.20
C ILE J 157 26.18 -32.98 -9.41
N LYS J 158 24.87 -33.20 -9.29
CA LYS J 158 23.90 -32.98 -10.37
C LYS J 158 23.02 -31.78 -10.04
N ILE J 159 22.97 -30.80 -10.90
CA ILE J 159 22.17 -29.55 -10.71
C ILE J 159 21.24 -29.38 -11.90
N GLY J 160 19.96 -29.17 -11.65
CA GLY J 160 18.98 -28.88 -12.71
C GLY J 160 17.76 -28.20 -12.14
N SER J 161 16.86 -27.78 -13.03
CA SER J 161 15.58 -27.14 -12.65
C SER J 161 14.75 -28.15 -11.87
N TRP J 162 14.15 -27.72 -10.78
CA TRP J 162 13.24 -28.59 -10.01
C TRP J 162 11.89 -28.75 -10.73
N THR J 163 11.37 -27.73 -11.41
CA THR J 163 9.98 -27.78 -11.94
C THR J 163 9.88 -27.54 -13.43
N HIS J 164 10.94 -27.08 -14.12
CA HIS J 164 10.85 -26.71 -15.55
C HIS J 164 11.54 -27.82 -16.37
N HIS J 165 10.78 -28.45 -17.26
CA HIS J 165 11.32 -29.42 -18.25
C HIS J 165 12.07 -28.73 -19.37
N SER J 166 12.64 -29.51 -20.29
CA SER J 166 13.62 -29.06 -21.32
C SER J 166 13.01 -28.07 -22.29
N ARG J 167 11.67 -28.01 -22.46
CA ARG J 167 11.07 -27.02 -23.38
C ARG J 167 10.96 -25.66 -22.69
N GLU J 168 11.25 -25.57 -21.38
CA GLU J 168 11.16 -24.31 -20.61
C GLU J 168 12.54 -23.84 -20.14
N ILE J 169 13.36 -24.76 -19.61
CA ILE J 169 14.75 -24.45 -19.20
C ILE J 169 15.68 -25.50 -19.80
N SER J 170 16.72 -25.05 -20.47
CA SER J 170 17.88 -25.92 -20.81
C SER J 170 19.03 -25.53 -19.89
N VAL J 171 19.77 -26.51 -19.42
CA VAL J 171 21.00 -26.28 -18.59
C VAL J 171 22.21 -26.80 -19.36
N ASP J 172 23.24 -25.97 -19.48
CA ASP J 172 24.50 -26.31 -20.14
C ASP J 172 25.67 -25.91 -19.26
N PRO J 173 26.72 -26.75 -19.20
CA PRO J 173 27.98 -26.29 -18.64
C PRO J 173 28.53 -25.18 -19.54
N THR J 174 29.44 -24.32 -19.05
CA THR J 174 30.08 -23.24 -19.88
C THR J 174 31.22 -23.80 -20.73
N SER J 178 39.83 -22.76 -18.13
CA SER J 178 40.90 -22.33 -17.19
C SER J 178 40.89 -23.22 -15.91
N ASP J 179 41.89 -23.04 -15.05
CA ASP J 179 42.39 -24.09 -14.13
C ASP J 179 41.26 -24.51 -13.18
N ASP J 180 41.06 -25.83 -13.03
CA ASP J 180 40.04 -26.44 -12.12
C ASP J 180 40.25 -25.98 -10.68
N SER J 181 41.49 -25.69 -10.28
CA SER J 181 41.89 -25.31 -8.90
C SER J 181 42.12 -23.81 -8.82
N GLU J 182 41.70 -23.03 -9.82
CA GLU J 182 42.13 -21.61 -9.94
C GLU J 182 41.75 -20.84 -8.67
N TYR J 183 40.57 -21.11 -8.09
CA TYR J 183 40.08 -20.37 -6.89
C TYR J 183 40.09 -21.27 -5.67
N PHE J 184 40.57 -22.50 -5.80
CA PHE J 184 40.53 -23.51 -4.71
C PHE J 184 41.53 -23.13 -3.63
N SER J 185 41.11 -23.21 -2.37
CA SER J 185 41.95 -22.84 -1.21
C SER J 185 43.20 -23.71 -1.15
N GLN J 186 44.36 -23.09 -1.05
CA GLN J 186 45.66 -23.79 -0.86
C GLN J 186 45.69 -24.38 0.56
N TYR J 187 44.78 -23.99 1.46
CA TYR J 187 44.81 -24.41 2.89
C TYR J 187 43.87 -25.59 3.17
N SER J 188 43.07 -26.00 2.20
CA SER J 188 42.24 -27.23 2.31
C SER J 188 43.16 -28.42 2.64
N ARG J 189 42.64 -29.40 3.38
CA ARG J 189 43.31 -30.71 3.59
C ARG J 189 43.32 -31.49 2.28
N PHE J 190 42.51 -31.08 1.30
CA PHE J 190 42.30 -31.82 0.03
C PHE J 190 42.85 -30.99 -1.13
N GLU J 191 43.04 -31.67 -2.26
CA GLU J 191 43.47 -31.03 -3.52
C GLU J 191 42.61 -31.59 -4.64
N ILE J 192 42.43 -30.77 -5.68
CA ILE J 192 41.61 -31.14 -6.87
C ILE J 192 42.58 -31.74 -7.89
N LEU J 193 42.24 -32.93 -8.39
CA LEU J 193 42.97 -33.60 -9.48
C LEU J 193 42.31 -33.24 -10.80
N ASP J 194 40.98 -33.15 -10.84
CA ASP J 194 40.26 -32.89 -12.10
C ASP J 194 38.81 -32.49 -11.80
N VAL J 195 38.24 -31.66 -12.66
CA VAL J 195 36.79 -31.35 -12.69
C VAL J 195 36.33 -31.49 -14.13
N THR J 196 35.29 -32.30 -14.37
CA THR J 196 34.65 -32.44 -15.69
C THR J 196 33.16 -32.15 -15.51
N GLN J 197 32.51 -31.61 -16.53
CA GLN J 197 31.11 -31.12 -16.50
C GLN J 197 30.41 -31.64 -17.75
N LYS J 198 29.34 -32.46 -17.61
CA LYS J 198 28.51 -32.90 -18.75
C LYS J 198 27.03 -32.52 -18.57
N LYS J 199 26.36 -32.22 -19.66
CA LYS J 199 24.87 -32.14 -19.73
C LYS J 199 24.30 -33.56 -19.67
N ASN J 200 23.24 -33.75 -18.86
CA ASN J 200 22.33 -34.93 -18.97
C ASN J 200 20.88 -34.48 -19.17
N SER J 201 20.14 -35.25 -19.98
CA SER J 201 18.70 -35.03 -20.25
C SER J 201 17.96 -36.33 -19.92
N VAL J 202 17.04 -36.27 -18.98
CA VAL J 202 16.49 -37.50 -18.32
C VAL J 202 14.99 -37.39 -18.48
N THR J 203 14.39 -38.47 -18.97
CA THR J 203 12.93 -38.66 -18.94
C THR J 203 12.65 -39.76 -17.92
N TYR J 204 11.82 -39.40 -16.94
CA TYR J 204 11.44 -40.30 -15.82
C TYR J 204 10.12 -41.00 -16.21
N SER J 205 9.86 -42.20 -15.70
CA SER J 205 8.65 -43.03 -16.05
C SER J 205 7.34 -42.27 -15.72
N CYS J 206 7.35 -41.44 -14.68
CA CYS J 206 6.17 -40.70 -14.15
C CYS J 206 5.56 -39.78 -15.22
N CYS J 207 6.39 -39.21 -16.09
CA CYS J 207 6.16 -37.87 -16.70
C CYS J 207 6.71 -37.85 -18.13
N PRO J 208 6.00 -37.23 -19.09
CA PRO J 208 6.37 -37.33 -20.50
C PRO J 208 7.59 -36.48 -20.90
N GLU J 209 7.88 -35.43 -20.14
CA GLU J 209 8.89 -34.41 -20.55
C GLU J 209 10.27 -34.85 -20.14
N ALA J 210 11.31 -34.35 -20.81
CA ALA J 210 12.73 -34.49 -20.40
C ALA J 210 13.13 -33.33 -19.48
N TYR J 211 13.97 -33.59 -18.48
CA TYR J 211 14.58 -32.62 -17.56
C TYR J 211 16.09 -32.62 -17.72
N GLU J 212 16.64 -31.42 -17.85
CA GLU J 212 18.09 -31.27 -18.06
C GLU J 212 18.75 -31.17 -16.71
N ASP J 213 19.98 -31.64 -16.62
CA ASP J 213 20.87 -31.29 -15.48
C ASP J 213 22.29 -31.18 -16.00
N VAL J 214 23.14 -30.54 -15.21
CA VAL J 214 24.61 -30.50 -15.42
C VAL J 214 25.19 -31.38 -14.33
N GLU J 215 26.05 -32.31 -14.71
CA GLU J 215 26.69 -33.26 -13.80
C GLU J 215 28.15 -32.83 -13.72
N VAL J 216 28.56 -32.43 -12.52
CA VAL J 216 29.95 -31.98 -12.25
C VAL J 216 30.66 -33.11 -11.51
N SER J 217 31.74 -33.63 -12.10
CA SER J 217 32.57 -34.70 -11.46
C SER J 217 33.81 -34.08 -10.83
N LEU J 218 33.88 -34.08 -9.51
CA LEU J 218 35.00 -33.51 -8.72
C LEU J 218 35.92 -34.67 -8.31
N ASN J 219 37.08 -34.77 -8.95
CA ASN J 219 38.12 -35.79 -8.62
C ASN J 219 39.09 -35.12 -7.66
N PHE J 220 39.14 -35.58 -6.43
CA PHE J 220 39.92 -34.91 -5.35
C PHE J 220 40.55 -35.97 -4.47
N ARG J 221 41.57 -35.57 -3.72
CA ARG J 221 42.21 -36.49 -2.75
C ARG J 221 42.74 -35.72 -1.56
N LYS J 222 42.94 -36.43 -0.46
CA LYS J 222 43.64 -35.93 0.74
C LYS J 222 45.10 -35.67 0.38
N LYS J 223 45.61 -34.51 0.76
CA LYS J 223 47.07 -34.20 0.63
C LYS J 223 47.79 -35.05 1.66
F1 U8Q K . -14.07 42.82 5.74
C1 U8Q K . -12.79 42.77 6.09
F2 U8Q K . -12.61 43.82 6.90
F3 U8Q K . -12.07 43.00 4.98
C2 U8Q K . -12.43 41.47 6.72
C3 U8Q K . -11.91 40.45 5.94
C4 U8Q K . -11.57 39.23 6.51
C5 U8Q K . -11.75 39.06 7.87
O1 U8Q K . -11.46 37.91 8.53
C6 U8Q K . -11.04 36.69 7.84
C7 U8Q K . -9.58 36.53 8.23
C8 U8Q K . -9.07 35.13 7.97
N1 U8Q K . -9.96 34.12 8.56
C9 U8Q K . -11.31 34.21 7.99
C10 U8Q K . -11.92 35.55 8.31
C11 U8Q K . -12.28 40.08 8.67
C12 U8Q K . -12.60 41.30 8.09
C1 NAG L . 27.62 21.08 -3.74
C2 NAG L . 28.46 21.42 -2.49
C3 NAG L . 29.98 21.47 -2.75
C4 NAG L . 30.52 20.56 -3.87
C5 NAG L . 29.54 20.46 -5.06
C6 NAG L . 30.07 19.54 -6.18
C7 NAG L . 27.49 22.93 -0.78
C8 NAG L . 27.29 24.38 -0.42
N2 NAG L . 28.06 22.72 -1.97
O3 NAG L . 30.66 21.14 -1.52
O4 NAG L . 31.77 21.08 -4.34
O5 NAG L . 28.27 20.05 -4.53
O6 NAG L . 29.93 18.13 -5.90
O7 NAG L . 27.18 22.00 -0.03
C1 NAG M . 2.78 18.37 29.41
C2 NAG M . 2.50 17.22 30.39
C3 NAG M . 3.35 17.23 31.69
C4 NAG M . 4.50 18.25 31.78
C5 NAG M . 4.64 19.25 30.62
C6 NAG M . 6.09 19.76 30.50
C7 NAG M . 0.29 16.07 30.52
C8 NAG M . -1.13 16.16 30.99
N2 NAG M . 1.07 17.16 30.73
O3 NAG M . 3.88 15.90 31.87
O4 NAG M . 4.31 19.01 32.97
O5 NAG M . 4.17 18.69 29.39
O6 NAG M . 6.98 18.81 29.90
O7 NAG M . 0.71 15.06 29.96
F1 U8Q N . -40.87 3.90 -18.59
C1 U8Q N . -40.60 3.22 -19.71
F2 U8Q N . -40.62 4.11 -20.70
F3 U8Q N . -41.65 2.41 -19.88
C2 U8Q N . -39.30 2.49 -19.65
C3 U8Q N . -39.06 1.43 -20.53
C4 U8Q N . -37.88 0.72 -20.46
C5 U8Q N . -36.92 1.09 -19.52
O1 U8Q N . -35.77 0.36 -19.51
C6 U8Q N . -34.73 0.61 -18.49
C7 U8Q N . -34.66 -0.57 -17.57
C8 U8Q N . -33.38 -0.53 -16.79
N1 U8Q N . -32.20 -0.69 -17.65
C9 U8Q N . -32.40 -0.22 -19.04
C10 U8Q N . -33.42 0.88 -19.20
C11 U8Q N . -37.15 2.13 -18.64
C12 U8Q N . -38.33 2.83 -18.71
C1 NAG O . -24.97 -11.00 21.53
C2 NAG O . -24.76 -12.52 21.42
C3 NAG O . -24.95 -13.29 22.74
C4 NAG O . -24.19 -12.59 23.86
C5 NAG O . -24.73 -11.17 24.00
C6 NAG O . -24.11 -10.47 25.23
C7 NAG O . -25.43 -12.95 19.07
C8 NAG O . -26.25 -13.83 18.17
N2 NAG O . -25.61 -13.14 20.39
O3 NAG O . -24.44 -14.62 22.59
O4 NAG O . -24.29 -13.28 25.12
O5 NAG O . -24.50 -10.43 22.77
O6 NAG O . -22.69 -10.69 25.35
O7 NAG O . -24.63 -12.14 18.62
F1 U8Q P . -7.05 17.05 -39.22
C1 U8Q P . -6.14 16.06 -39.25
F2 U8Q P . -4.96 16.59 -39.02
F3 U8Q P . -6.14 15.64 -40.54
C2 U8Q P . -6.42 14.93 -38.31
C3 U8Q P . -5.41 14.05 -37.94
C4 U8Q P . -5.68 12.98 -37.12
C5 U8Q P . -6.98 12.77 -36.68
O1 U8Q P . -7.27 11.70 -35.90
C6 U8Q P . -8.70 11.55 -35.57
C7 U8Q P . -8.85 12.10 -34.18
C8 U8Q P . -10.03 11.50 -33.46
N1 U8Q P . -10.04 10.03 -33.49
C9 U8Q P . -9.01 9.45 -34.36
C10 U8Q P . -9.06 10.10 -35.71
C11 U8Q P . -8.00 13.63 -37.04
C12 U8Q P . -7.72 14.71 -37.86
S SO4 Q . -19.84 15.31 -42.36
O1 SO4 Q . -20.71 16.39 -41.93
O2 SO4 Q . -20.17 14.10 -41.65
O3 SO4 Q . -20.02 15.10 -43.78
O4 SO4 Q . -18.47 15.65 -42.08
F1 U8Q R . 6.44 39.27 -13.49
C1 U8Q R . 5.28 38.73 -13.86
F2 U8Q R . 4.58 39.73 -14.39
F3 U8Q R . 4.65 38.38 -12.74
C2 U8Q R . 5.47 37.57 -14.79
C3 U8Q R . 5.96 36.35 -14.33
C4 U8Q R . 6.14 35.29 -15.20
C5 U8Q R . 5.82 35.43 -16.55
O1 U8Q R . 6.00 34.40 -17.43
C6 U8Q R . 5.11 34.27 -18.60
C7 U8Q R . 5.58 33.12 -19.45
C8 U8Q R . 5.42 31.83 -18.68
N1 U8Q R . 4.01 31.64 -18.31
C9 U8Q R . 3.56 32.71 -17.41
C10 U8Q R . 3.70 34.06 -18.11
C11 U8Q R . 5.35 36.65 -17.02
C12 U8Q R . 5.16 37.71 -16.14
F1 U8Q S . -1.66 -42.29 16.26
C1 U8Q S . -0.85 -41.26 16.13
F2 U8Q S . -0.12 -41.53 15.07
F3 U8Q S . -0.01 -41.29 17.17
C2 U8Q S . -1.57 -39.95 16.05
C3 U8Q S . -2.76 -39.79 16.72
C4 U8Q S . -3.44 -38.59 16.65
C5 U8Q S . -2.91 -37.54 15.91
O1 U8Q S . -3.76 -36.47 16.04
C6 U8Q S . -3.96 -35.11 15.52
C7 U8Q S . -2.79 -34.22 15.81
C8 U8Q S . -2.98 -32.84 15.20
N1 U8Q S . -4.30 -32.62 14.60
C9 U8Q S . -4.59 -33.66 13.60
C10 U8Q S . -4.35 -35.08 14.08
C11 U8Q S . -1.71 -37.68 15.24
C12 U8Q S . -1.04 -38.90 15.32
C1 NAG T . -11.57 -22.09 -24.86
C2 NAG T . -13.10 -22.15 -24.80
C3 NAG T . -13.77 -22.32 -26.17
C4 NAG T . -13.07 -21.60 -27.34
C5 NAG T . -11.54 -21.67 -27.25
C6 NAG T . -10.82 -20.86 -28.34
C7 NAG T . -14.29 -23.10 -22.85
C8 NAG T . -14.69 -24.35 -22.13
N2 NAG T . -13.55 -23.25 -23.95
O3 NAG T . -15.10 -21.83 -26.04
O4 NAG T . -13.53 -22.21 -28.56
O5 NAG T . -11.12 -21.25 -25.94
O6 NAG T . -10.91 -19.45 -28.12
O7 NAG T . -14.66 -22.01 -22.43
F1 U8Q U . 7.07 -38.81 -7.60
C1 U8Q U . 7.57 -39.34 -8.73
F2 U8Q U . 6.53 -39.86 -9.39
F3 U8Q U . 8.31 -40.37 -8.35
C2 U8Q U . 8.34 -38.36 -9.57
C3 U8Q U . 9.65 -38.64 -9.90
C4 U8Q U . 10.37 -37.76 -10.67
C5 U8Q U . 9.78 -36.59 -11.11
O1 U8Q U . 10.56 -35.84 -11.91
C6 U8Q U . 11.16 -34.64 -11.45
C7 U8Q U . 12.01 -34.80 -10.21
C8 U8Q U . 11.98 -33.43 -9.63
N1 U8Q U . 12.52 -32.43 -10.55
C9 U8Q U . 12.13 -32.53 -11.98
C10 U8Q U . 12.03 -33.95 -12.47
C11 U8Q U . 8.45 -36.30 -10.82
C12 U8Q U . 7.73 -37.20 -10.03
F1 U8Q V . 10.51 -18.88 39.01
C1 U8Q V . 9.23 -18.65 38.74
F2 U8Q V . 8.62 -18.65 39.92
F3 U8Q V . 8.77 -19.72 38.08
C2 U8Q V . 9.04 -17.39 37.97
C3 U8Q V . 8.69 -17.42 36.64
C4 U8Q V . 8.50 -16.24 35.93
C5 U8Q V . 8.64 -15.04 36.59
O1 U8Q V . 8.60 -13.81 36.04
C6 U8Q V . 7.79 -13.04 35.12
C7 U8Q V . 8.82 -12.59 34.11
C8 U8Q V . 8.20 -12.00 32.87
N1 U8Q V . 6.76 -11.87 32.95
C9 U8Q V . 6.13 -13.16 33.25
C10 U8Q V . 6.58 -13.72 34.58
C11 U8Q V . 9.03 -15.00 37.93
C12 U8Q V . 9.22 -16.18 38.61
S SO4 W . 11.05 -25.44 40.00
O1 SO4 W . 11.08 -26.86 40.25
O2 SO4 W . 9.88 -24.90 40.65
O3 SO4 W . 11.01 -25.19 38.57
O4 SO4 W . 12.22 -24.79 40.55
F1 U8Q X . 36.70 -2.96 25.76
C1 U8Q X . 35.62 -2.23 26.05
F2 U8Q X . 36.04 -1.33 26.94
F3 U8Q X . 34.74 -3.08 26.67
C2 U8Q X . 35.01 -1.58 24.86
C3 U8Q X . 33.70 -1.86 24.49
C4 U8Q X . 33.14 -1.22 23.40
C5 U8Q X . 33.88 -0.30 22.70
O1 U8Q X . 33.54 0.36 21.56
C6 U8Q X . 32.36 0.88 20.88
C7 U8Q X . 32.12 -0.02 19.70
C8 U8Q X . 30.82 0.32 19.01
N1 U8Q X . 30.23 1.58 19.48
C9 U8Q X . 30.01 1.58 20.93
C10 U8Q X . 31.15 1.03 21.74
C11 U8Q X . 35.20 -0.02 23.05
C12 U8Q X . 35.76 -0.69 24.12
C1 NAG Y . -8.64 12.75 30.38
C2 NAG Y . -8.64 14.21 30.83
C3 NAG Y . -9.92 14.52 31.66
C4 NAG Y . -11.24 14.08 30.99
C5 NAG Y . -11.14 12.62 30.52
C6 NAG Y . -12.40 12.20 29.73
C7 NAG Y . -6.40 15.27 31.13
C8 NAG Y . -5.19 15.32 32.02
N2 NAG Y . -7.42 14.50 31.57
O3 NAG Y . -10.02 15.91 31.90
O4 NAG Y . -12.38 14.20 31.85
O5 NAG Y . -9.93 12.45 29.75
O6 NAG Y . -12.48 12.90 28.48
O7 NAG Y . -6.43 15.90 30.07
S SO4 Z . 37.28 -7.00 30.95
O1 SO4 Z . 37.25 -5.56 31.05
O2 SO4 Z . 37.24 -7.57 32.30
O3 SO4 Z . 36.15 -7.48 30.16
O4 SO4 Z . 38.50 -7.40 30.25
F1 U8Q AA . 35.41 -17.61 -13.18
C1 U8Q AA . 34.41 -16.80 -13.57
F2 U8Q AA . 33.32 -17.55 -13.55
F3 U8Q AA . 34.64 -16.53 -14.85
C2 U8Q AA . 34.27 -15.57 -12.73
C3 U8Q AA . 35.12 -15.41 -11.66
C4 U8Q AA . 35.00 -14.30 -10.84
C5 U8Q AA . 34.02 -13.36 -11.09
O1 U8Q AA . 33.91 -12.27 -10.26
C6 U8Q AA . 34.72 -12.09 -9.05
C7 U8Q AA . 34.35 -10.75 -8.46
C8 U8Q AA . 33.56 -10.91 -7.19
N1 U8Q AA . 32.53 -11.94 -7.29
C9 U8Q AA . 33.08 -13.28 -7.59
C10 U8Q AA . 34.50 -13.21 -8.04
C11 U8Q AA . 33.14 -13.52 -12.16
C12 U8Q AA . 33.26 -14.64 -12.97
S SO4 BA . 23.32 -41.62 -9.94
O1 SO4 BA . 24.17 -42.28 -8.98
O2 SO4 BA . 21.97 -42.12 -9.81
O3 SO4 BA . 23.33 -40.20 -9.70
O4 SO4 BA . 23.80 -41.89 -11.28
#